data_7U47
#
_entry.id   7U47
#
loop_
_entity.id
_entity.type
_entity.pdbx_description
1 polymer 'Histone H3-like centromeric protein A'
2 polymer 'Histone H4'
3 polymer 'Histone H2A'
4 polymer 'Histone H2B type 1-C/E/F/G/I'
5 polymer 'DNA (147-MER)'
6 polymer 'DNA (147-MER)'
7 polymer 'Centromere protein N'
#
loop_
_entity_poly.entity_id
_entity_poly.type
_entity_poly.pdbx_seq_one_letter_code
_entity_poly.pdbx_strand_id
1 'polypeptide(L)'
;MGPRRRSRKPEAPRRRSPSPTPTPGPSRRGPSLGASSHQHSRRRQGWLKEIRKLQKSTHLLIRKLPFSRLAREICVKFTR
GVDFNWQAQALLALQEAAEAFLVHLFEDAYLLTLHAGRVTLFPKDVQLARRIRGLEEGLG
;
A,E,L,P
2 'polypeptide(L)'
;MSGRGKGGKGLGKGGAKRHRKVLRDNIQGITKPAIRRLARRGGVKRISGLIYEETRGVLKVFLENVIRDAVTYTEHAKRK
TVTAMDVVYALKRQGRTLYGFGG
;
B,F,M,Q
3 'polypeptide(L)'
;MSGRGKQGGKARAKAKSRSSRAGLQFPVGRVHRLLRKGNYAERVGAGAPVYLAAVLEYLTAEILELAGNAARDNKKTRII
PRHLQLAIRNDEELNKLLGRVTIAQGGVLPNIQAVLLPKKTESHHKAKGK
;
C,G,N,R
4 'polypeptide(L)'
;MPEPAKSAPAPKKGSKKAVTKAQKKDGKKRKRSRKESYSVYVYKVLKQVHPDTGISSKAMGIMNSFVNDIFERIAGEASR
LAHYNKRSTITSREIQTAVRLLLPGELAKHAVSEGTKAVTKYTSSK
;
D,H,O,S
5 'polydeoxyribonucleotide'
;(DA)(DT)(DC)(DA)(DA)(DT)(DA)(DT)(DC)(DC)(DA)(DC)(DC)(DT)(DG)(DC)(DA)(DG)(DA)(DT)
(DA)(DC)(DT)(DA)(DC)(DC)(DA)(DA)(DA)(DA)(DG)(DT)(DG)(DT)(DA)(DT)(DT)(DT)(DG)(DG)
(DA)(DA)(DA)(DC)(DT)(DG)(DC)(DT)(DC)(DC)(DA)(DT)(DC)(DA)(DA)(DA)(DA)(DG)(DG)(DC)
(DA)(DT)(DG)(DT)(DT)(DC)(DA)(DG)(DC)(DT)(DG)(DG)(DA)(DA)(DT)(DC)(DC)(DA)(DG)(DC)
(DT)(DG)(DA)(DA)(DC)(DA)(DT)(DG)(DC)(DC)(DT)(DT)(DT)(DT)(DG)(DA)(DT)(DG)(DG)(DA)
(DG)(DC)(DA)(DG)(DT)(DT)(DT)(DC)(DC)(DA)(DA)(DA)(DT)(DA)(DC)(DA)(DC)(DT)(DT)(DT)
(DT)(DG)(DG)(DT)(DA)(DG)(DT)(DA)(DT)(DC)(DT)(DG)(DC)(DA)(DG)(DG)(DT)(DG)(DG)(DA)
(DT)(DA)(DT)(DT)(DG)(DA)(DT)
;
I,T
6 'polydeoxyribonucleotide'
;(DA)(DT)(DC)(DA)(DA)(DT)(DA)(DT)(DC)(DC)(DA)(DC)(DC)(DT)(DG)(DC)(DA)(DG)(DA)(DT)
(DA)(DC)(DT)(DA)(DC)(DC)(DA)(DA)(DA)(DA)(DG)(DT)(DG)(DT)(DA)(DT)(DT)(DT)(DG)(DG)
(DA)(DA)(DA)(DC)(DT)(DG)(DC)(DT)(DC)(DC)(DA)(DT)(DC)(DA)(DA)(DA)(DA)(DG)(DG)(DC)
(DA)(DT)(DG)(DT)(DT)(DC)(DA)(DG)(DC)(DT)(DG)(DG)(DA)(DT)(DT)(DC)(DC)(DA)(DG)(DC)
(DT)(DG)(DA)(DA)(DC)(DA)(DT)(DG)(DC)(DC)(DT)(DT)(DT)(DT)(DG)(DA)(DT)(DG)(DG)(DA)
(DG)(DC)(DA)(DG)(DT)(DT)(DT)(DC)(DC)(DA)(DA)(DA)(DT)(DA)(DC)(DA)(DC)(DT)(DT)(DT)
(DT)(DG)(DG)(DT)(DA)(DG)(DT)(DA)(DT)(DC)(DT)(DG)(DC)(DA)(DG)(DG)(DT)(DG)(DG)(DA)
(DT)(DA)(DT)(DT)(DG)(DA)(DT)
;
J,U
7 'polypeptide(L)'
;MDETVAEFIKRTILKIPMNELTTILKAWDFLSENQLQTVNFRQRKESVVQHLIHLCEEKRASISDAALLDIIYMQFHQHQ
KVWDVFQMSKGPGEDVDLFDMKQFKNSFKKILQRALKNVTVSFRETEENAVWIRIAWGTQYTKPNQYKPTYVVYYSQTPY
AFTSSSMLRRNTPLLGQALTIASKHHQIVKMDLRSRYLDSLKAIVFKQYNQTFETHNSTTPLQERSLGLDINMDSRIIHE
NIVEKERVQRITQETFGDYPQPQLEFAQYKLETKFKSGLNGSILAEREEHHHHHH
;
K,V
#
# COMPACT_ATOMS: atom_id res chain seq x y z
N GLY A 46 -41.28 -11.68 -42.00
CA GLY A 46 -41.89 -10.69 -41.10
C GLY A 46 -41.47 -10.94 -39.67
N TRP A 47 -41.24 -9.85 -38.93
CA TRP A 47 -40.94 -9.99 -37.51
C TRP A 47 -42.10 -10.65 -36.77
N LEU A 48 -43.31 -10.52 -37.29
CA LEU A 48 -44.49 -10.97 -36.55
C LEU A 48 -44.57 -12.49 -36.53
N LYS A 49 -44.13 -13.14 -37.60
CA LYS A 49 -44.15 -14.59 -37.66
C LYS A 49 -43.08 -15.19 -36.77
N GLU A 50 -41.93 -14.52 -36.67
CA GLU A 50 -40.83 -15.05 -35.88
C GLU A 50 -41.10 -14.91 -34.39
N ILE A 51 -41.70 -13.79 -33.98
CA ILE A 51 -42.09 -13.62 -32.59
C ILE A 51 -43.11 -14.66 -32.17
N ARG A 52 -44.16 -14.84 -32.97
CA ARG A 52 -45.18 -15.81 -32.67
C ARG A 52 -44.61 -17.22 -32.58
N LYS A 53 -43.72 -17.58 -33.50
CA LYS A 53 -43.12 -18.90 -33.50
C LYS A 53 -42.24 -19.11 -32.27
N LEU A 54 -41.46 -18.09 -31.89
CA LEU A 54 -40.52 -18.25 -30.80
C LEU A 54 -41.16 -18.16 -29.44
N GLN A 55 -42.40 -17.69 -29.35
CA GLN A 55 -43.13 -17.66 -28.10
C GLN A 55 -43.92 -18.94 -27.85
N LYS A 56 -44.20 -19.72 -28.88
CA LYS A 56 -44.82 -21.03 -28.70
C LYS A 56 -43.79 -22.08 -28.31
N SER A 57 -42.53 -21.83 -28.61
CA SER A 57 -41.48 -22.82 -28.44
C SER A 57 -40.88 -22.74 -27.05
N THR A 58 -40.06 -23.76 -26.74
CA THR A 58 -39.42 -23.89 -25.45
C THR A 58 -37.95 -24.23 -25.52
N HIS A 59 -37.42 -24.53 -26.70
CA HIS A 59 -36.06 -25.01 -26.81
C HIS A 59 -35.06 -23.88 -26.56
N LEU A 60 -33.82 -24.28 -26.29
CA LEU A 60 -32.76 -23.32 -26.03
C LEU A 60 -32.27 -22.71 -27.33
N LEU A 61 -31.83 -21.46 -27.26
CA LEU A 61 -31.52 -20.68 -28.45
C LEU A 61 -30.05 -20.45 -28.66
N ILE A 62 -29.25 -20.44 -27.61
CA ILE A 62 -27.80 -20.42 -27.72
C ILE A 62 -27.30 -21.84 -27.91
N ARG A 63 -26.30 -22.00 -28.77
CA ARG A 63 -25.70 -23.30 -28.99
C ARG A 63 -24.87 -23.72 -27.80
N LYS A 64 -24.68 -25.04 -27.67
CA LYS A 64 -24.14 -25.60 -26.44
C LYS A 64 -22.65 -25.35 -26.30
N LEU A 65 -21.87 -25.74 -27.31
CA LEU A 65 -20.42 -25.71 -27.18
C LEU A 65 -19.87 -24.32 -26.91
N PRO A 66 -20.34 -23.26 -27.57
CA PRO A 66 -19.87 -21.91 -27.21
C PRO A 66 -20.12 -21.55 -25.76
N PHE A 67 -21.31 -21.85 -25.27
CA PHE A 67 -21.65 -21.57 -23.88
C PHE A 67 -20.77 -22.36 -22.92
N SER A 68 -20.54 -23.63 -23.23
CA SER A 68 -19.66 -24.46 -22.40
C SER A 68 -18.25 -23.90 -22.38
N ARG A 69 -17.72 -23.51 -23.53
CA ARG A 69 -16.39 -22.94 -23.59
C ARG A 69 -16.29 -21.69 -22.73
N LEU A 70 -17.27 -20.79 -22.85
CA LEU A 70 -17.24 -19.56 -22.07
C LEU A 70 -17.30 -19.85 -20.58
N ALA A 71 -18.17 -20.77 -20.19
CA ALA A 71 -18.35 -21.06 -18.77
C ALA A 71 -17.13 -21.73 -18.17
N ARG A 72 -16.40 -22.51 -18.98
CA ARG A 72 -15.16 -23.10 -18.50
C ARG A 72 -14.02 -22.09 -18.47
N GLU A 73 -14.02 -21.14 -19.40
CA GLU A 73 -13.05 -20.05 -19.38
C GLU A 73 -13.21 -19.19 -18.14
N ILE A 74 -14.46 -18.94 -17.73
CA ILE A 74 -14.69 -18.14 -16.54
C ILE A 74 -14.30 -18.91 -15.28
N CYS A 75 -14.56 -20.22 -15.24
CA CYS A 75 -14.31 -21.00 -14.04
C CYS A 75 -12.83 -21.02 -13.67
N VAL A 76 -11.96 -21.14 -14.67
CA VAL A 76 -10.55 -21.39 -14.41
C VAL A 76 -9.90 -20.22 -13.69
N LYS A 77 -10.54 -19.05 -13.69
CA LYS A 77 -9.99 -17.89 -13.01
C LYS A 77 -10.20 -17.97 -11.51
N PHE A 78 -11.22 -18.71 -11.08
CA PHE A 78 -11.52 -18.81 -9.66
C PHE A 78 -10.88 -20.04 -9.03
N THR A 79 -10.44 -20.99 -9.85
CA THR A 79 -9.87 -22.24 -9.37
C THR A 79 -8.35 -22.23 -9.39
N ARG A 80 -7.74 -21.12 -9.80
CA ARG A 80 -6.29 -20.96 -9.74
C ARG A 80 -5.59 -21.97 -10.62
N GLY A 81 -6.01 -22.03 -11.88
CA GLY A 81 -5.34 -22.83 -12.88
C GLY A 81 -5.81 -24.25 -13.03
N VAL A 82 -6.74 -24.70 -12.20
CA VAL A 82 -7.18 -26.09 -12.25
C VAL A 82 -8.39 -26.19 -13.15
N ASP A 83 -8.37 -27.19 -14.03
CA ASP A 83 -9.46 -27.44 -14.96
C ASP A 83 -10.48 -28.35 -14.28
N PHE A 84 -11.49 -27.71 -13.71
CA PHE A 84 -12.56 -28.46 -13.07
C PHE A 84 -13.41 -29.16 -14.10
N ASN A 85 -13.94 -30.32 -13.72
CA ASN A 85 -14.91 -31.01 -14.54
C ASN A 85 -16.30 -30.44 -14.30
N TRP A 86 -17.19 -30.69 -15.25
CA TRP A 86 -18.54 -30.18 -15.23
C TRP A 86 -19.49 -31.29 -15.65
N GLN A 87 -20.42 -31.62 -14.77
CA GLN A 87 -21.50 -32.52 -15.15
C GLN A 87 -22.25 -31.96 -16.35
N ALA A 88 -22.97 -32.84 -17.05
CA ALA A 88 -23.71 -32.40 -18.22
C ALA A 88 -25.00 -31.70 -17.83
N GLN A 89 -25.56 -32.06 -16.68
CA GLN A 89 -26.81 -31.47 -16.25
C GLN A 89 -26.61 -30.15 -15.52
N ALA A 90 -25.36 -29.73 -15.35
CA ALA A 90 -25.06 -28.46 -14.73
C ALA A 90 -25.00 -27.33 -15.74
N LEU A 91 -24.41 -27.60 -16.90
CA LEU A 91 -24.35 -26.62 -17.97
C LEU A 91 -25.74 -26.31 -18.52
N LEU A 92 -26.60 -27.32 -18.61
CA LEU A 92 -27.96 -27.07 -19.04
C LEU A 92 -28.71 -26.18 -18.06
N ALA A 93 -28.52 -26.43 -16.76
CA ALA A 93 -29.11 -25.57 -15.75
C ALA A 93 -28.66 -24.13 -15.91
N LEU A 94 -27.35 -23.92 -16.03
CA LEU A 94 -26.82 -22.57 -16.19
C LEU A 94 -27.38 -21.90 -17.44
N GLN A 95 -27.50 -22.67 -18.52
CA GLN A 95 -28.02 -22.12 -19.78
C GLN A 95 -29.48 -21.72 -19.67
N GLU A 96 -30.31 -22.59 -19.09
CA GLU A 96 -31.70 -22.24 -18.87
C GLU A 96 -31.83 -20.94 -18.10
N ALA A 97 -31.10 -20.85 -16.98
CA ALA A 97 -31.16 -19.65 -16.16
C ALA A 97 -30.73 -18.40 -16.93
N ALA A 98 -29.62 -18.49 -17.68
CA ALA A 98 -29.14 -17.33 -18.41
C ALA A 98 -30.13 -16.86 -19.46
N GLU A 99 -30.68 -17.79 -20.23
CA GLU A 99 -31.62 -17.42 -21.27
C GLU A 99 -32.87 -16.80 -20.69
N ALA A 100 -33.40 -17.35 -19.60
CA ALA A 100 -34.52 -16.73 -18.92
C ALA A 100 -34.21 -15.30 -18.51
N PHE A 101 -33.07 -15.10 -17.86
CA PHE A 101 -32.64 -13.78 -17.44
C PHE A 101 -32.67 -12.80 -18.61
N LEU A 102 -32.08 -13.18 -19.73
CA LEU A 102 -31.96 -12.28 -20.86
C LEU A 102 -33.32 -11.96 -21.48
N VAL A 103 -34.18 -12.97 -21.63
CA VAL A 103 -35.49 -12.72 -22.19
C VAL A 103 -36.27 -11.73 -21.35
N HIS A 104 -36.31 -11.95 -20.03
CA HIS A 104 -37.07 -11.04 -19.19
C HIS A 104 -36.48 -9.63 -19.19
N LEU A 105 -35.16 -9.52 -19.23
CA LEU A 105 -34.55 -8.20 -19.35
C LEU A 105 -34.95 -7.49 -20.63
N PHE A 106 -34.98 -8.22 -21.75
CA PHE A 106 -35.41 -7.62 -23.00
C PHE A 106 -36.85 -7.12 -22.92
N GLU A 107 -37.72 -7.90 -22.29
CA GLU A 107 -39.09 -7.45 -22.06
C GLU A 107 -39.12 -6.13 -21.31
N ASP A 108 -38.45 -6.08 -20.16
CA ASP A 108 -38.47 -4.89 -19.33
C ASP A 108 -37.93 -3.67 -20.08
N ALA A 109 -36.92 -3.88 -20.93
CA ALA A 109 -36.34 -2.77 -21.66
C ALA A 109 -37.24 -2.28 -22.79
N TYR A 110 -37.84 -3.20 -23.53
CA TYR A 110 -38.76 -2.77 -24.58
C TYR A 110 -39.97 -2.08 -23.99
N LEU A 111 -40.25 -2.30 -22.72
CA LEU A 111 -41.24 -1.45 -22.06
C LEU A 111 -40.80 0.00 -22.01
N LEU A 112 -39.48 0.23 -21.99
CA LEU A 112 -38.96 1.59 -21.86
C LEU A 112 -38.72 2.24 -23.20
N THR A 113 -38.53 1.47 -24.26
CA THR A 113 -38.50 2.06 -25.59
C THR A 113 -39.80 2.77 -25.93
N LEU A 114 -40.92 2.12 -25.63
CA LEU A 114 -42.22 2.67 -26.00
C LEU A 114 -42.57 3.87 -25.14
N HIS A 115 -42.17 3.85 -23.88
CA HIS A 115 -42.35 4.99 -23.00
C HIS A 115 -41.76 6.25 -23.61
N ALA A 116 -40.68 6.11 -24.34
CA ALA A 116 -40.00 7.22 -24.98
C ALA A 116 -40.49 7.52 -26.38
N GLY A 117 -41.48 6.80 -26.88
CA GLY A 117 -42.00 7.05 -28.20
C GLY A 117 -41.22 6.43 -29.33
N ARG A 118 -40.48 5.36 -29.06
CA ARG A 118 -39.67 4.71 -30.07
C ARG A 118 -40.15 3.29 -30.33
N VAL A 119 -39.54 2.67 -31.33
CA VAL A 119 -39.82 1.30 -31.73
C VAL A 119 -38.54 0.49 -31.67
N THR A 120 -37.41 1.17 -31.67
CA THR A 120 -36.10 0.54 -31.76
C THR A 120 -35.46 0.47 -30.38
N LEU A 121 -34.88 -0.68 -30.07
CA LEU A 121 -34.25 -0.93 -28.79
C LEU A 121 -32.82 -0.42 -28.79
N PHE A 122 -32.48 0.37 -27.78
CA PHE A 122 -31.17 0.98 -27.59
C PHE A 122 -30.52 0.48 -26.32
N PRO A 123 -29.20 0.51 -26.24
CA PRO A 123 -28.53 0.19 -24.97
C PRO A 123 -28.93 1.10 -23.84
N LYS A 124 -29.18 2.36 -24.15
CA LYS A 124 -29.79 3.34 -23.27
C LYS A 124 -30.89 2.73 -22.44
N ASP A 125 -31.65 1.81 -23.02
CA ASP A 125 -32.84 1.27 -22.39
C ASP A 125 -32.54 0.03 -21.57
N VAL A 126 -31.51 -0.72 -21.93
CA VAL A 126 -31.10 -1.87 -21.14
C VAL A 126 -30.44 -1.43 -19.84
N GLN A 127 -29.60 -0.40 -19.92
CA GLN A 127 -28.90 0.07 -18.73
C GLN A 127 -29.87 0.55 -17.67
N LEU A 128 -30.90 1.29 -18.07
CA LEU A 128 -31.80 1.90 -17.12
C LEU A 128 -32.66 0.86 -16.41
N ALA A 129 -33.01 -0.22 -17.10
CA ALA A 129 -33.80 -1.26 -16.48
C ALA A 129 -33.03 -1.97 -15.38
N ARG A 130 -31.74 -2.20 -15.59
CA ARG A 130 -30.91 -2.81 -14.56
C ARG A 130 -30.78 -1.92 -13.34
N ARG A 131 -30.65 -0.61 -13.55
CA ARG A 131 -30.58 0.31 -12.42
C ARG A 131 -31.84 0.25 -11.58
N ILE A 132 -32.99 0.21 -12.24
CA ILE A 132 -34.27 0.23 -11.52
C ILE A 132 -34.54 -1.08 -10.83
N ARG A 133 -34.17 -2.20 -11.45
CA ARG A 133 -34.34 -3.50 -10.83
C ARG A 133 -33.45 -3.68 -9.60
N GLY A 134 -32.31 -3.00 -9.57
CA GLY A 134 -31.38 -3.11 -8.46
C GLY A 134 -30.14 -3.90 -8.80
N ARG B 24 -11.63 -15.22 -32.69
CA ARG B 24 -12.39 -15.92 -31.63
C ARG B 24 -12.00 -15.42 -30.24
N ASP B 25 -13.00 -15.19 -29.39
CA ASP B 25 -12.78 -14.77 -28.01
C ASP B 25 -13.71 -15.49 -27.05
N ASN B 26 -14.43 -16.50 -27.52
CA ASN B 26 -15.27 -17.38 -26.71
C ASN B 26 -16.55 -16.67 -26.25
N ILE B 27 -16.64 -15.36 -26.48
CA ILE B 27 -17.90 -14.68 -26.25
C ILE B 27 -18.47 -14.13 -27.56
N GLN B 28 -17.67 -14.12 -28.62
CA GLN B 28 -18.20 -13.89 -29.95
C GLN B 28 -18.88 -15.13 -30.50
N GLY B 29 -18.84 -16.25 -29.77
CA GLY B 29 -19.64 -17.40 -30.04
C GLY B 29 -21.09 -17.23 -29.67
N ILE B 30 -21.41 -16.20 -28.89
CA ILE B 30 -22.77 -15.74 -28.70
C ILE B 30 -23.05 -14.80 -29.87
N THR B 31 -23.81 -15.29 -30.84
CA THR B 31 -23.90 -14.67 -32.14
C THR B 31 -25.04 -13.68 -32.21
N LYS B 32 -25.05 -12.90 -33.29
CA LYS B 32 -26.18 -12.02 -33.56
C LYS B 32 -27.50 -12.76 -33.68
N PRO B 33 -27.63 -13.80 -34.51
CA PRO B 33 -28.92 -14.47 -34.61
C PRO B 33 -29.46 -15.00 -33.30
N ALA B 34 -28.61 -15.53 -32.44
CA ALA B 34 -29.08 -16.00 -31.13
C ALA B 34 -29.65 -14.86 -30.31
N ILE B 35 -28.95 -13.73 -30.28
CA ILE B 35 -29.42 -12.56 -29.56
C ILE B 35 -30.71 -12.03 -30.18
N ARG B 36 -30.78 -12.02 -31.51
CA ARG B 36 -32.01 -11.63 -32.19
C ARG B 36 -33.16 -12.55 -31.80
N ARG B 37 -32.89 -13.85 -31.67
CA ARG B 37 -33.93 -14.79 -31.29
C ARG B 37 -34.41 -14.56 -29.86
N LEU B 38 -33.49 -14.32 -28.94
CA LEU B 38 -33.90 -14.02 -27.57
C LEU B 38 -34.72 -12.74 -27.52
N ALA B 39 -34.31 -11.72 -28.27
CA ALA B 39 -35.08 -10.49 -28.32
C ALA B 39 -36.47 -10.72 -28.88
N ARG B 40 -36.58 -11.48 -29.96
CA ARG B 40 -37.88 -11.75 -30.55
C ARG B 40 -38.78 -12.51 -29.59
N ARG B 41 -38.24 -13.51 -28.90
CA ARG B 41 -39.01 -14.17 -27.86
C ARG B 41 -39.42 -13.19 -26.77
N GLY B 42 -38.67 -12.10 -26.60
CA GLY B 42 -39.09 -11.06 -25.71
C GLY B 42 -40.02 -10.03 -26.30
N GLY B 43 -40.41 -10.15 -27.55
CA GLY B 43 -41.36 -9.25 -28.16
C GLY B 43 -40.78 -8.06 -28.87
N VAL B 44 -39.48 -8.06 -29.13
CA VAL B 44 -38.81 -6.89 -29.67
C VAL B 44 -38.91 -6.89 -31.19
N LYS B 45 -39.36 -5.76 -31.74
CA LYS B 45 -39.58 -5.63 -33.17
C LYS B 45 -38.31 -5.25 -33.92
N ARG B 46 -37.61 -4.21 -33.47
CA ARG B 46 -36.36 -3.79 -34.08
C ARG B 46 -35.28 -3.71 -33.02
N ILE B 47 -34.04 -3.82 -33.48
CA ILE B 47 -32.86 -3.93 -32.62
C ILE B 47 -31.76 -3.08 -33.21
N SER B 48 -31.09 -2.30 -32.36
CA SER B 48 -29.95 -1.51 -32.79
C SER B 48 -28.70 -2.36 -32.83
N GLY B 49 -27.76 -1.98 -33.71
CA GLY B 49 -26.54 -2.73 -33.88
C GLY B 49 -25.62 -2.70 -32.68
N LEU B 50 -25.90 -1.85 -31.71
CA LEU B 50 -25.10 -1.76 -30.50
C LEU B 50 -25.61 -2.64 -29.38
N ILE B 51 -26.64 -3.44 -29.64
CA ILE B 51 -27.21 -4.34 -28.65
C ILE B 51 -26.45 -5.64 -28.52
N TYR B 52 -25.61 -5.97 -29.50
CA TYR B 52 -25.00 -7.27 -29.48
C TYR B 52 -23.77 -7.31 -28.59
N GLU B 53 -23.13 -6.16 -28.37
CA GLU B 53 -22.02 -6.09 -27.43
C GLU B 53 -22.50 -5.87 -25.99
N GLU B 54 -23.58 -5.12 -25.81
CA GLU B 54 -24.12 -4.89 -24.48
C GLU B 54 -24.62 -6.19 -23.86
N THR B 55 -25.30 -7.00 -24.65
CA THR B 55 -25.84 -8.27 -24.17
C THR B 55 -24.73 -9.20 -23.72
N ARG B 56 -23.62 -9.23 -24.44
CA ARG B 56 -22.51 -10.09 -24.09
C ARG B 56 -21.91 -9.72 -22.74
N GLY B 57 -21.76 -8.43 -22.48
CA GLY B 57 -21.31 -8.00 -21.17
C GLY B 57 -22.26 -8.37 -20.05
N VAL B 58 -23.56 -8.18 -20.28
CA VAL B 58 -24.55 -8.59 -19.29
C VAL B 58 -24.41 -10.07 -18.98
N LEU B 59 -24.30 -10.90 -20.02
CA LEU B 59 -24.21 -12.33 -19.84
C LEU B 59 -22.95 -12.72 -19.09
N LYS B 60 -21.83 -12.10 -19.44
CA LYS B 60 -20.58 -12.38 -18.75
C LYS B 60 -20.67 -12.05 -17.27
N VAL B 61 -21.27 -10.91 -16.92
CA VAL B 61 -21.42 -10.57 -15.52
C VAL B 61 -22.27 -11.60 -14.79
N PHE B 62 -23.40 -11.98 -15.39
CA PHE B 62 -24.27 -12.97 -14.76
C PHE B 62 -23.52 -14.28 -14.51
N LEU B 63 -22.81 -14.75 -15.52
CA LEU B 63 -22.10 -16.02 -15.40
C LEU B 63 -21.00 -15.95 -14.37
N GLU B 64 -20.22 -14.88 -14.36
CA GLU B 64 -19.19 -14.72 -13.34
C GLU B 64 -19.80 -14.85 -11.94
N ASN B 65 -20.88 -14.11 -11.69
CA ASN B 65 -21.48 -14.11 -10.37
C ASN B 65 -21.96 -15.50 -9.97
N VAL B 66 -22.60 -16.22 -10.88
CA VAL B 66 -23.11 -17.54 -10.52
C VAL B 66 -21.98 -18.54 -10.34
N ILE B 67 -21.00 -18.54 -11.24
CA ILE B 67 -19.96 -19.54 -11.23
C ILE B 67 -19.05 -19.37 -10.02
N ARG B 68 -18.77 -18.13 -9.63
CA ARG B 68 -17.96 -17.91 -8.44
C ARG B 68 -18.53 -18.63 -7.23
N ASP B 69 -19.84 -18.53 -7.02
CA ASP B 69 -20.46 -19.20 -5.89
C ASP B 69 -20.56 -20.70 -6.09
N ALA B 70 -20.78 -21.15 -7.34
CA ALA B 70 -20.83 -22.58 -7.59
C ALA B 70 -19.51 -23.26 -7.27
N VAL B 71 -18.40 -22.61 -7.62
CA VAL B 71 -17.09 -23.21 -7.40
C VAL B 71 -16.75 -23.24 -5.91
N THR B 72 -17.23 -22.27 -5.14
CA THR B 72 -17.01 -22.29 -3.70
C THR B 72 -17.66 -23.49 -3.05
N TYR B 73 -18.89 -23.80 -3.45
CA TYR B 73 -19.63 -24.90 -2.86
C TYR B 73 -18.94 -26.24 -3.10
N THR B 74 -18.32 -26.39 -4.27
CA THR B 74 -17.74 -27.69 -4.62
C THR B 74 -16.30 -27.81 -4.12
N GLU B 75 -15.59 -26.70 -4.01
CA GLU B 75 -14.28 -26.75 -3.38
C GLU B 75 -14.39 -26.98 -1.90
N HIS B 76 -15.47 -26.50 -1.28
CA HIS B 76 -15.71 -26.80 0.12
C HIS B 76 -15.81 -28.29 0.35
N ALA B 77 -16.58 -28.99 -0.48
CA ALA B 77 -16.76 -30.42 -0.41
C ALA B 77 -15.56 -31.22 -0.85
N LYS B 78 -14.47 -30.56 -1.25
CA LYS B 78 -13.26 -31.25 -1.67
C LYS B 78 -13.46 -32.07 -2.92
N ARG B 79 -14.14 -31.50 -3.90
CA ARG B 79 -14.38 -32.12 -5.20
C ARG B 79 -13.70 -31.31 -6.30
N LYS B 80 -13.48 -31.97 -7.44
CA LYS B 80 -13.05 -31.30 -8.66
C LYS B 80 -14.10 -31.34 -9.75
N THR B 81 -15.38 -31.48 -9.40
CA THR B 81 -16.46 -31.68 -10.35
C THR B 81 -17.64 -30.83 -9.91
N VAL B 82 -18.09 -29.95 -10.79
CA VAL B 82 -19.25 -29.12 -10.50
C VAL B 82 -20.50 -29.90 -10.85
N THR B 83 -21.38 -30.06 -9.88
CA THR B 83 -22.65 -30.75 -10.04
C THR B 83 -23.77 -29.73 -10.29
N ALA B 84 -24.97 -30.26 -10.51
CA ALA B 84 -26.11 -29.39 -10.73
C ALA B 84 -26.62 -28.78 -9.44
N MET B 85 -26.45 -29.48 -8.33
CA MET B 85 -26.90 -28.95 -7.05
C MET B 85 -26.11 -27.72 -6.65
N ASP B 86 -24.82 -27.67 -6.98
CA ASP B 86 -24.02 -26.48 -6.70
C ASP B 86 -24.55 -25.28 -7.46
N VAL B 87 -24.90 -25.46 -8.73
CA VAL B 87 -25.47 -24.39 -9.53
C VAL B 87 -26.81 -23.96 -8.95
N VAL B 88 -27.64 -24.91 -8.56
CA VAL B 88 -28.95 -24.59 -8.02
C VAL B 88 -28.82 -23.79 -6.73
N TYR B 89 -27.93 -24.22 -5.85
CA TYR B 89 -27.68 -23.48 -4.61
C TYR B 89 -27.21 -22.06 -4.89
N ALA B 90 -26.26 -21.91 -5.81
CA ALA B 90 -25.78 -20.59 -6.17
C ALA B 90 -26.92 -19.70 -6.65
N LEU B 91 -27.71 -20.20 -7.58
CA LEU B 91 -28.82 -19.41 -8.09
C LEU B 91 -29.78 -19.03 -6.99
N LYS B 92 -30.13 -19.99 -6.13
CA LYS B 92 -31.02 -19.72 -5.00
C LYS B 92 -30.47 -18.61 -4.12
N ARG B 93 -29.17 -18.59 -3.88
CA ARG B 93 -28.56 -17.43 -3.22
C ARG B 93 -28.81 -16.15 -3.98
N GLN B 94 -28.49 -16.13 -5.27
CA GLN B 94 -28.62 -14.91 -6.04
C GLN B 94 -30.06 -14.40 -6.12
N GLY B 95 -31.02 -15.10 -5.55
CA GLY B 95 -32.41 -14.72 -5.65
C GLY B 95 -33.17 -15.39 -6.76
N ARG B 96 -32.62 -16.44 -7.35
CA ARG B 96 -33.20 -17.10 -8.50
C ARG B 96 -33.34 -18.57 -8.20
N THR B 97 -34.56 -19.09 -8.26
CA THR B 97 -34.86 -20.45 -7.89
C THR B 97 -35.25 -21.24 -9.12
N LEU B 98 -34.56 -22.35 -9.34
CA LEU B 98 -34.74 -23.18 -10.52
C LEU B 98 -35.22 -24.56 -10.08
N TYR B 99 -36.33 -25.01 -10.66
CA TYR B 99 -36.95 -26.27 -10.28
C TYR B 99 -36.46 -27.51 -11.00
N GLY B 100 -36.43 -27.53 -12.31
CA GLY B 100 -36.39 -28.82 -12.96
C GLY B 100 -35.19 -29.70 -12.74
N PHE B 101 -34.29 -29.38 -11.81
CA PHE B 101 -33.05 -30.11 -11.65
C PHE B 101 -32.87 -30.57 -10.21
N GLY B 102 -32.00 -31.54 -10.06
CA GLY B 102 -31.78 -32.19 -8.79
C GLY B 102 -30.57 -33.11 -8.80
N ALA C 15 -9.94 -17.56 35.00
CA ALA C 15 -8.62 -16.88 35.00
C ALA C 15 -8.46 -16.04 33.75
N LYS C 16 -8.16 -16.69 32.64
CA LYS C 16 -7.98 -15.99 31.39
C LYS C 16 -9.17 -16.21 30.46
N SER C 17 -9.53 -15.16 29.73
CA SER C 17 -10.64 -15.21 28.80
C SER C 17 -10.16 -15.79 27.47
N ARG C 18 -11.06 -15.88 26.50
CA ARG C 18 -10.72 -16.43 25.19
C ARG C 18 -10.57 -15.32 24.17
N SER C 19 -11.28 -14.22 24.37
CA SER C 19 -11.06 -13.03 23.55
C SER C 19 -9.63 -12.54 23.67
N SER C 20 -9.04 -12.65 24.86
CA SER C 20 -7.67 -12.23 25.04
C SER C 20 -6.69 -13.16 24.34
N ARG C 21 -6.87 -14.47 24.49
CA ARG C 21 -6.04 -15.42 23.74
C ARG C 21 -6.11 -15.13 22.26
N ALA C 22 -7.30 -14.93 21.73
CA ALA C 22 -7.47 -14.60 20.33
C ALA C 22 -7.01 -13.20 19.97
N GLY C 23 -6.96 -12.29 20.93
CA GLY C 23 -6.58 -10.93 20.65
C GLY C 23 -7.72 -10.07 20.17
N LEU C 24 -8.86 -10.13 20.83
CA LEU C 24 -10.08 -9.52 20.34
C LEU C 24 -10.75 -8.71 21.44
N GLN C 25 -11.69 -7.85 21.02
CA GLN C 25 -12.55 -7.13 21.95
C GLN C 25 -13.93 -7.76 22.03
N PHE C 26 -14.37 -8.37 20.94
CA PHE C 26 -15.67 -8.98 20.92
C PHE C 26 -15.70 -10.27 21.73
N PRO C 27 -16.87 -10.70 22.15
CA PRO C 27 -16.97 -11.86 23.06
C PRO C 27 -17.03 -13.19 22.33
N VAL C 28 -16.18 -14.13 22.77
CA VAL C 28 -16.14 -15.43 22.13
C VAL C 28 -17.05 -16.42 22.84
N GLY C 29 -17.29 -16.19 24.14
CA GLY C 29 -18.21 -17.04 24.86
C GLY C 29 -19.66 -16.81 24.48
N ARG C 30 -20.04 -15.55 24.35
CA ARG C 30 -21.41 -15.21 23.96
C ARG C 30 -21.74 -15.71 22.57
N VAL C 31 -20.79 -15.59 21.64
CA VAL C 31 -21.02 -16.09 20.28
C VAL C 31 -21.22 -17.60 20.29
N HIS C 32 -20.41 -18.32 21.08
CA HIS C 32 -20.60 -19.74 21.26
C HIS C 32 -21.99 -20.05 21.79
N ARG C 33 -22.42 -19.33 22.81
CA ARG C 33 -23.73 -19.55 23.40
C ARG C 33 -24.84 -19.34 22.37
N LEU C 34 -24.73 -18.27 21.58
CA LEU C 34 -25.77 -17.97 20.61
C LEU C 34 -25.80 -18.98 19.47
N LEU C 35 -24.63 -19.49 19.09
CA LEU C 35 -24.60 -20.54 18.07
C LEU C 35 -25.22 -21.82 18.58
N ARG C 36 -24.97 -22.17 19.84
CA ARG C 36 -25.56 -23.39 20.40
C ARG C 36 -27.07 -23.25 20.59
N LYS C 37 -27.55 -22.05 20.94
CA LYS C 37 -28.96 -21.88 21.24
C LYS C 37 -29.80 -21.53 20.03
N GLY C 38 -29.23 -21.52 18.84
CA GLY C 38 -29.92 -21.05 17.66
C GLY C 38 -30.40 -22.10 16.71
N ASN C 39 -30.25 -23.37 17.06
CA ASN C 39 -30.66 -24.46 16.18
C ASN C 39 -29.98 -24.34 14.82
N TYR C 40 -28.66 -24.17 14.85
CA TYR C 40 -27.88 -24.11 13.62
C TYR C 40 -27.25 -25.45 13.29
N ALA C 41 -26.89 -26.22 14.31
CA ALA C 41 -26.42 -27.58 14.09
C ALA C 41 -26.30 -28.29 15.43
N GLU C 42 -26.03 -29.59 15.35
CA GLU C 42 -25.96 -30.42 16.54
C GLU C 42 -24.74 -30.09 17.38
N ARG C 43 -23.60 -29.88 16.76
CA ARG C 43 -22.35 -29.60 17.45
C ARG C 43 -21.72 -28.32 16.91
N VAL C 44 -20.89 -27.70 17.73
CA VAL C 44 -20.23 -26.44 17.42
C VAL C 44 -18.78 -26.55 17.84
N GLY C 45 -17.89 -26.22 16.92
CA GLY C 45 -16.48 -26.36 17.17
C GLY C 45 -15.90 -25.27 18.04
N ALA C 46 -14.62 -25.45 18.35
CA ALA C 46 -13.91 -24.51 19.20
C ALA C 46 -13.51 -23.24 18.46
N GLY C 47 -13.19 -23.34 17.17
CA GLY C 47 -12.64 -22.22 16.45
C GLY C 47 -13.64 -21.39 15.67
N ALA C 48 -14.87 -21.86 15.56
CA ALA C 48 -15.89 -21.09 14.86
C ALA C 48 -16.21 -19.77 15.52
N PRO C 49 -16.49 -19.72 16.83
CA PRO C 49 -16.76 -18.43 17.46
C PRO C 49 -15.62 -17.44 17.35
N VAL C 50 -14.38 -17.91 17.40
CA VAL C 50 -13.24 -17.01 17.26
C VAL C 50 -13.24 -16.34 15.88
N TYR C 51 -13.40 -17.15 14.84
CA TYR C 51 -13.42 -16.65 13.47
C TYR C 51 -14.54 -15.62 13.31
N LEU C 52 -15.73 -15.97 13.78
CA LEU C 52 -16.90 -15.11 13.58
C LEU C 52 -16.77 -13.80 14.34
N ALA C 53 -16.29 -13.85 15.58
CA ALA C 53 -16.09 -12.63 16.35
C ALA C 53 -15.08 -11.72 15.67
N ALA C 54 -14.01 -12.29 15.14
CA ALA C 54 -13.02 -11.49 14.43
C ALA C 54 -13.63 -10.80 13.22
N VAL C 55 -14.45 -11.52 12.46
CA VAL C 55 -15.09 -10.93 11.29
C VAL C 55 -15.98 -9.75 11.70
N LEU C 56 -16.78 -9.95 12.74
CA LEU C 56 -17.68 -8.89 13.18
C LEU C 56 -16.91 -7.66 13.65
N GLU C 57 -15.83 -7.87 14.38
CA GLU C 57 -14.99 -6.76 14.81
C GLU C 57 -14.43 -6.00 13.62
N TYR C 58 -13.96 -6.71 12.61
CA TYR C 58 -13.40 -6.06 11.43
C TYR C 58 -14.43 -5.16 10.77
N LEU C 59 -15.65 -5.68 10.57
CA LEU C 59 -16.66 -4.89 9.88
C LEU C 59 -17.07 -3.67 10.69
N THR C 60 -17.27 -3.84 12.00
CA THR C 60 -17.57 -2.69 12.84
C THR C 60 -16.51 -1.61 12.72
N ALA C 61 -15.24 -1.99 12.80
CA ALA C 61 -14.18 -1.01 12.75
C ALA C 61 -14.15 -0.28 11.42
N GLU C 62 -14.35 -1.00 10.32
CA GLU C 62 -14.42 -0.35 9.01
C GLU C 62 -15.49 0.73 8.97
N ILE C 63 -16.71 0.37 9.37
CA ILE C 63 -17.80 1.34 9.29
C ILE C 63 -17.53 2.53 10.20
N LEU C 64 -17.08 2.27 11.42
CA LEU C 64 -16.85 3.36 12.36
C LEU C 64 -15.77 4.29 11.88
N GLU C 65 -14.72 3.77 11.25
CA GLU C 65 -13.70 4.63 10.68
C GLU C 65 -14.30 5.56 9.64
N LEU C 66 -15.04 5.01 8.69
CA LEU C 66 -15.61 5.86 7.65
C LEU C 66 -16.55 6.90 8.23
N ALA C 67 -17.36 6.50 9.21
CA ALA C 67 -18.32 7.42 9.81
C ALA C 67 -17.63 8.54 10.58
N GLY C 68 -16.56 8.23 11.31
CA GLY C 68 -15.83 9.28 11.98
C GLY C 68 -15.21 10.26 11.02
N ASN C 69 -14.72 9.77 9.90
CA ASN C 69 -14.20 10.67 8.86
C ASN C 69 -15.29 11.60 8.36
N ALA C 70 -16.47 11.04 8.07
CA ALA C 70 -17.58 11.87 7.61
C ALA C 70 -17.98 12.90 8.65
N ALA C 71 -17.98 12.51 9.92
CA ALA C 71 -18.30 13.45 10.99
C ALA C 71 -17.30 14.59 11.02
N ARG C 72 -16.02 14.28 10.90
CA ARG C 72 -15.01 15.32 10.94
C ARG C 72 -15.16 16.27 9.77
N ASP C 73 -15.43 15.74 8.57
CA ASP C 73 -15.62 16.61 7.41
C ASP C 73 -16.71 17.64 7.67
N ASN C 74 -17.81 17.23 8.28
CA ASN C 74 -18.89 18.14 8.65
C ASN C 74 -18.56 18.98 9.88
N LYS C 75 -17.36 18.83 10.43
CA LYS C 75 -16.92 19.58 11.61
C LYS C 75 -17.74 19.24 12.84
N LYS C 76 -17.93 17.95 13.09
CA LYS C 76 -18.60 17.46 14.28
C LYS C 76 -17.71 16.48 15.03
N THR C 77 -17.99 16.33 16.31
CA THR C 77 -17.22 15.50 17.21
C THR C 77 -17.96 14.23 17.62
N ARG C 78 -19.16 14.02 17.10
CA ARG C 78 -20.02 12.92 17.55
C ARG C 78 -20.72 12.31 16.35
N ILE C 79 -20.82 11.00 16.36
CA ILE C 79 -21.38 10.27 15.23
C ILE C 79 -22.89 10.16 15.39
N ILE C 80 -23.61 10.32 14.28
CA ILE C 80 -25.06 10.20 14.25
C ILE C 80 -25.43 9.44 12.99
N PRO C 81 -26.67 8.96 12.85
CA PRO C 81 -27.00 8.06 11.75
C PRO C 81 -26.74 8.64 10.37
N ARG C 82 -26.86 9.95 10.21
CA ARG C 82 -26.50 10.61 8.97
C ARG C 82 -25.12 10.21 8.51
N HIS C 83 -24.16 10.18 9.44
CA HIS C 83 -22.78 9.89 9.09
C HIS C 83 -22.61 8.45 8.64
N LEU C 84 -23.27 7.51 9.31
CA LEU C 84 -23.24 6.11 8.89
C LEU C 84 -23.85 5.94 7.51
N GLN C 85 -24.96 6.63 7.24
CA GLN C 85 -25.57 6.54 5.92
C GLN C 85 -24.62 7.06 4.84
N LEU C 86 -23.99 8.21 5.09
CA LEU C 86 -23.03 8.74 4.12
C LEU C 86 -21.90 7.76 3.89
N ALA C 87 -21.31 7.25 4.96
CA ALA C 87 -20.26 6.24 4.84
C ALA C 87 -20.70 5.07 3.97
N ILE C 88 -21.86 4.50 4.27
CA ILE C 88 -22.29 3.28 3.61
C ILE C 88 -22.58 3.53 2.14
N ARG C 89 -23.25 4.62 1.81
CA ARG C 89 -23.63 4.86 0.43
C ARG C 89 -22.49 5.44 -0.41
N ASN C 90 -21.46 5.96 0.23
CA ASN C 90 -20.28 6.44 -0.48
C ASN C 90 -19.26 5.34 -0.74
N ASP C 91 -19.54 4.11 -0.32
CA ASP C 91 -18.60 3.00 -0.45
C ASP C 91 -19.22 1.94 -1.35
N GLU C 92 -18.44 1.44 -2.31
CA GLU C 92 -18.98 0.62 -3.37
C GLU C 92 -19.28 -0.80 -2.90
N GLU C 93 -18.71 -1.21 -1.77
CA GLU C 93 -18.90 -2.56 -1.24
C GLU C 93 -19.88 -2.64 -0.10
N LEU C 94 -19.76 -1.76 0.90
CA LEU C 94 -20.72 -1.73 1.99
C LEU C 94 -22.14 -1.45 1.50
N ASN C 95 -22.28 -0.65 0.45
CA ASN C 95 -23.60 -0.42 -0.14
C ASN C 95 -24.16 -1.69 -0.76
N LYS C 96 -23.29 -2.54 -1.29
CA LYS C 96 -23.73 -3.79 -1.89
C LYS C 96 -24.10 -4.80 -0.81
N LEU C 97 -23.41 -4.74 0.32
CA LEU C 97 -23.75 -5.59 1.46
C LEU C 97 -25.03 -5.12 2.13
N LEU C 98 -25.30 -3.82 2.10
CA LEU C 98 -26.41 -3.21 2.80
C LEU C 98 -27.33 -2.45 1.85
N GLY C 99 -27.71 -3.08 0.74
CA GLY C 99 -28.51 -2.39 -0.26
C GLY C 99 -29.99 -2.46 0.00
N ARG C 100 -30.45 -3.54 0.63
CA ARG C 100 -31.84 -3.69 1.03
C ARG C 100 -32.10 -3.18 2.43
N VAL C 101 -31.35 -2.20 2.88
CA VAL C 101 -31.40 -1.72 4.25
C VAL C 101 -31.65 -0.21 4.25
N THR C 102 -32.54 0.23 5.13
CA THR C 102 -32.82 1.64 5.32
C THR C 102 -32.41 2.05 6.72
N ILE C 103 -31.65 3.14 6.79
CA ILE C 103 -31.09 3.64 8.04
C ILE C 103 -32.06 4.69 8.57
N ALA C 104 -32.52 4.48 9.80
CA ALA C 104 -33.43 5.42 10.42
C ALA C 104 -32.74 6.76 10.67
N GLN C 105 -33.43 7.84 10.32
CA GLN C 105 -32.92 9.20 10.50
C GLN C 105 -31.62 9.42 9.75
N GLY C 106 -31.50 8.81 8.57
CA GLY C 106 -30.28 8.92 7.80
C GLY C 106 -30.39 9.83 6.60
N GLY C 107 -31.57 9.96 6.02
CA GLY C 107 -31.76 10.82 4.88
C GLY C 107 -31.32 10.17 3.59
N VAL C 108 -30.98 11.03 2.62
CA VAL C 108 -30.53 10.61 1.31
C VAL C 108 -29.23 11.33 0.98
N LEU C 109 -28.55 10.82 -0.04
CA LEU C 109 -27.39 11.50 -0.57
C LEU C 109 -27.85 12.66 -1.45
N PRO C 110 -27.25 13.84 -1.33
CA PRO C 110 -27.56 14.91 -2.28
C PRO C 110 -27.26 14.49 -3.70
N ASN C 111 -28.27 14.59 -4.56
CA ASN C 111 -28.15 14.17 -5.95
C ASN C 111 -29.20 14.88 -6.77
N ILE C 112 -28.77 15.80 -7.62
CA ILE C 112 -29.64 16.49 -8.55
C ILE C 112 -29.24 16.06 -9.96
N GLN C 113 -30.25 15.76 -10.78
CA GLN C 113 -30.08 15.46 -12.20
C GLN C 113 -29.70 14.00 -12.37
N ARG D 34 -31.33 -8.32 32.25
CA ARG D 34 -32.21 -9.19 31.44
C ARG D 34 -32.02 -8.95 29.95
N LYS D 35 -31.77 -7.69 29.58
CA LYS D 35 -31.48 -7.36 28.19
C LYS D 35 -29.97 -7.25 27.97
N GLU D 36 -29.51 -7.68 26.81
CA GLU D 36 -28.09 -7.72 26.50
C GLU D 36 -27.85 -7.17 25.09
N SER D 37 -26.63 -6.69 24.87
CA SER D 37 -26.31 -5.94 23.67
C SER D 37 -24.82 -6.00 23.41
N TYR D 38 -24.40 -5.34 22.33
CA TYR D 38 -23.02 -5.27 21.90
C TYR D 38 -22.38 -3.90 22.09
N SER D 39 -22.99 -3.04 22.88
CA SER D 39 -22.56 -1.65 22.95
C SER D 39 -21.16 -1.50 23.54
N VAL D 40 -20.84 -2.30 24.55
CA VAL D 40 -19.55 -2.19 25.21
C VAL D 40 -18.42 -2.33 24.19
N TYR D 41 -18.54 -3.34 23.34
CA TYR D 41 -17.47 -3.70 22.43
C TYR D 41 -17.39 -2.74 21.26
N VAL D 42 -18.53 -2.21 20.82
CA VAL D 42 -18.54 -1.16 19.83
C VAL D 42 -17.82 0.08 20.36
N TYR D 43 -18.09 0.44 21.61
CA TYR D 43 -17.44 1.60 22.19
C TYR D 43 -15.93 1.39 22.28
N LYS D 44 -15.50 0.19 22.67
CA LYS D 44 -14.07 -0.11 22.69
C LYS D 44 -13.45 0.04 21.30
N VAL D 45 -14.05 -0.58 20.30
CA VAL D 45 -13.51 -0.49 18.95
C VAL D 45 -13.43 0.97 18.50
N LEU D 46 -14.44 1.76 18.82
CA LEU D 46 -14.45 3.16 18.44
C LEU D 46 -13.31 3.92 19.10
N LYS D 47 -13.12 3.72 20.40
CA LYS D 47 -12.01 4.36 21.07
C LYS D 47 -10.67 3.85 20.59
N GLN D 48 -10.69 2.75 19.85
CA GLN D 48 -9.49 2.17 19.29
C GLN D 48 -9.18 2.70 17.90
N VAL D 49 -10.19 3.13 17.14
CA VAL D 49 -9.92 3.71 15.82
C VAL D 49 -10.00 5.24 15.85
N HIS D 50 -10.96 5.81 16.58
CA HIS D 50 -11.14 7.25 16.68
C HIS D 50 -11.22 7.65 18.15
N PRO D 51 -10.08 7.91 18.78
CA PRO D 51 -10.08 8.18 20.23
C PRO D 51 -10.78 9.46 20.64
N ASP D 52 -10.90 10.42 19.74
CA ASP D 52 -11.50 11.72 20.02
C ASP D 52 -13.00 11.78 19.77
N THR D 53 -13.63 10.69 19.37
CA THR D 53 -14.94 10.73 18.74
C THR D 53 -15.94 9.89 19.54
N GLY D 54 -17.11 10.47 19.80
CA GLY D 54 -18.18 9.78 20.48
C GLY D 54 -19.19 9.20 19.52
N ILE D 55 -20.28 8.72 20.09
CA ILE D 55 -21.36 8.10 19.33
C ILE D 55 -22.66 8.27 20.11
N SER D 56 -23.72 8.59 19.39
CA SER D 56 -25.01 8.81 20.00
C SER D 56 -25.75 7.50 20.23
N SER D 57 -26.87 7.60 20.95
CA SER D 57 -27.63 6.41 21.32
C SER D 57 -28.43 5.85 20.17
N LYS D 58 -28.93 6.72 19.27
CA LYS D 58 -29.64 6.23 18.10
C LYS D 58 -28.72 5.45 17.18
N ALA D 59 -27.48 5.90 17.04
CA ALA D 59 -26.54 5.26 16.14
C ALA D 59 -26.10 3.90 16.65
N MET D 60 -25.90 3.77 17.96
CA MET D 60 -25.47 2.48 18.48
C MET D 60 -26.56 1.44 18.35
N GLY D 61 -27.83 1.86 18.32
CA GLY D 61 -28.88 0.93 17.96
C GLY D 61 -28.72 0.41 16.55
N ILE D 62 -28.35 1.29 15.63
CA ILE D 62 -28.10 0.87 14.25
C ILE D 62 -26.94 -0.10 14.20
N MET D 63 -25.90 0.15 14.97
CA MET D 63 -24.75 -0.74 14.96
C MET D 63 -25.07 -2.10 15.58
N ASN D 64 -25.83 -2.11 16.67
CA ASN D 64 -26.28 -3.36 17.26
C ASN D 64 -27.13 -4.15 16.29
N SER D 65 -27.99 -3.47 15.54
CA SER D 65 -28.78 -4.16 14.54
C SER D 65 -27.90 -4.70 13.42
N PHE D 66 -26.86 -3.95 13.07
CA PHE D 66 -25.90 -4.40 12.08
C PHE D 66 -25.22 -5.69 12.50
N VAL D 67 -24.80 -5.77 13.76
CA VAL D 67 -24.07 -6.95 14.21
C VAL D 67 -24.98 -8.17 14.25
N ASN D 68 -26.23 -7.99 14.66
CA ASN D 68 -27.15 -9.12 14.75
C ASN D 68 -27.50 -9.67 13.37
N ASP D 69 -27.52 -8.81 12.35
CA ASP D 69 -27.89 -9.25 11.00
C ASP D 69 -26.81 -10.11 10.37
N ILE D 70 -25.56 -9.66 10.45
CA ILE D 70 -24.46 -10.40 9.82
C ILE D 70 -24.25 -11.74 10.49
N PHE D 71 -24.34 -11.79 11.81
CA PHE D 71 -24.29 -13.04 12.54
C PHE D 71 -25.29 -14.03 11.97
N GLU D 72 -26.54 -13.61 11.82
CA GLU D 72 -27.58 -14.49 11.34
C GLU D 72 -27.29 -15.01 9.95
N ARG D 73 -26.85 -14.12 9.05
CA ARG D 73 -26.54 -14.53 7.69
C ARG D 73 -25.44 -15.56 7.65
N ILE D 74 -24.32 -15.28 8.33
CA ILE D 74 -23.18 -16.18 8.28
C ILE D 74 -23.53 -17.53 8.87
N ALA D 75 -24.19 -17.52 10.03
CA ALA D 75 -24.55 -18.77 10.67
C ALA D 75 -25.58 -19.54 9.87
N GLY D 76 -26.48 -18.85 9.18
CA GLY D 76 -27.42 -19.53 8.32
C GLY D 76 -26.76 -20.24 7.16
N GLU D 77 -25.83 -19.55 6.48
CA GLU D 77 -25.09 -20.24 5.42
C GLU D 77 -24.29 -21.40 5.97
N ALA D 78 -23.65 -21.23 7.11
CA ALA D 78 -22.85 -22.30 7.67
C ALA D 78 -23.72 -23.49 8.05
N SER D 79 -24.98 -23.24 8.42
CA SER D 79 -25.89 -24.34 8.72
C SER D 79 -26.18 -25.19 7.50
N ARG D 80 -26.36 -24.54 6.35
CA ARG D 80 -26.72 -25.25 5.13
C ARG D 80 -25.56 -26.04 4.57
N LEU D 81 -24.37 -25.46 4.51
CA LEU D 81 -23.20 -26.16 3.99
C LEU D 81 -22.97 -27.47 4.73
N ALA D 82 -23.23 -27.48 6.04
CA ALA D 82 -23.06 -28.70 6.80
C ALA D 82 -24.19 -29.68 6.52
N HIS D 83 -25.38 -29.18 6.20
CA HIS D 83 -26.48 -30.04 5.85
C HIS D 83 -26.31 -30.61 4.45
N TYR D 84 -25.87 -29.77 3.50
CA TYR D 84 -25.65 -30.25 2.14
C TYR D 84 -24.63 -31.38 2.11
N ASN D 85 -23.62 -31.31 2.95
CA ASN D 85 -22.53 -32.27 2.96
C ASN D 85 -22.65 -33.30 4.07
N LYS D 86 -23.80 -33.35 4.74
CA LYS D 86 -24.09 -34.38 5.74
C LYS D 86 -23.09 -34.34 6.88
N ARG D 87 -22.98 -33.17 7.50
CA ARG D 87 -22.11 -32.97 8.64
C ARG D 87 -22.96 -32.48 9.80
N SER D 88 -22.58 -32.88 11.01
CA SER D 88 -23.32 -32.51 12.20
C SER D 88 -22.62 -31.45 13.03
N THR D 89 -21.53 -30.88 12.54
CA THR D 89 -20.70 -29.96 13.29
C THR D 89 -20.38 -28.74 12.45
N ILE D 90 -20.46 -27.57 13.06
CA ILE D 90 -20.05 -26.31 12.43
C ILE D 90 -18.66 -25.96 12.91
N THR D 91 -17.74 -25.76 11.98
CA THR D 91 -16.36 -25.45 12.26
C THR D 91 -15.98 -24.10 11.66
N SER D 92 -14.70 -23.78 11.72
CA SER D 92 -14.19 -22.54 11.16
C SER D 92 -14.19 -22.57 9.64
N ARG D 93 -14.14 -23.76 9.04
CA ARG D 93 -14.17 -23.87 7.60
C ARG D 93 -15.53 -23.47 7.04
N GLU D 94 -16.60 -23.85 7.71
CA GLU D 94 -17.93 -23.43 7.30
C GLU D 94 -18.08 -21.92 7.37
N ILE D 95 -17.58 -21.33 8.45
CA ILE D 95 -17.67 -19.87 8.60
C ILE D 95 -16.86 -19.18 7.52
N GLN D 96 -15.69 -19.71 7.21
CA GLN D 96 -14.85 -19.15 6.17
C GLN D 96 -15.53 -19.18 4.81
N THR D 97 -16.11 -20.31 4.45
CA THR D 97 -16.84 -20.42 3.21
C THR D 97 -18.04 -19.48 3.15
N ALA D 98 -18.79 -19.39 4.26
CA ALA D 98 -19.91 -18.46 4.32
C ALA D 98 -19.45 -17.03 4.14
N VAL D 99 -18.32 -16.67 4.74
CA VAL D 99 -17.76 -15.33 4.56
C VAL D 99 -17.45 -15.08 3.10
N ARG D 100 -16.83 -16.05 2.44
CA ARG D 100 -16.52 -15.88 1.03
C ARG D 100 -17.79 -15.68 0.20
N LEU D 101 -18.84 -16.44 0.50
CA LEU D 101 -20.07 -16.33 -0.27
C LEU D 101 -20.78 -15.00 -0.03
N LEU D 102 -20.93 -14.59 1.22
CA LEU D 102 -21.68 -13.37 1.52
C LEU D 102 -20.92 -12.13 1.09
N LEU D 103 -19.75 -11.91 1.64
CA LEU D 103 -19.10 -10.61 1.55
C LEU D 103 -18.54 -10.39 0.15
N PRO D 104 -18.56 -9.15 -0.35
CA PRO D 104 -18.01 -8.87 -1.68
C PRO D 104 -16.55 -8.50 -1.67
N GLY D 105 -15.81 -9.12 -2.58
CA GLY D 105 -14.47 -8.69 -2.96
C GLY D 105 -13.44 -8.59 -1.86
N GLU D 106 -12.79 -7.43 -1.81
CA GLU D 106 -11.65 -7.20 -0.93
C GLU D 106 -12.04 -7.31 0.54
N LEU D 107 -13.31 -7.06 0.84
CA LEU D 107 -13.79 -7.10 2.21
C LEU D 107 -13.75 -8.53 2.75
N ALA D 108 -14.12 -9.50 1.92
CA ALA D 108 -14.02 -10.90 2.28
C ALA D 108 -12.57 -11.31 2.51
N LYS D 109 -11.67 -10.85 1.63
CA LYS D 109 -10.26 -11.13 1.76
C LYS D 109 -9.72 -10.72 3.12
N HIS D 110 -10.00 -9.48 3.52
CA HIS D 110 -9.50 -9.00 4.80
C HIS D 110 -10.17 -9.69 5.97
N ALA D 111 -11.46 -9.99 5.85
CA ALA D 111 -12.15 -10.71 6.93
C ALA D 111 -11.56 -12.10 7.14
N VAL D 112 -11.26 -12.79 6.05
CA VAL D 112 -10.63 -14.10 6.13
C VAL D 112 -9.28 -14.00 6.81
N SER D 113 -8.48 -13.00 6.42
CA SER D 113 -7.18 -12.82 7.07
C SER D 113 -7.35 -12.65 8.57
N GLU D 114 -8.25 -11.78 8.99
CA GLU D 114 -8.41 -11.51 10.41
C GLU D 114 -8.86 -12.74 11.17
N GLY D 115 -9.85 -13.47 10.66
CA GLY D 115 -10.32 -14.65 11.36
C GLY D 115 -9.25 -15.72 11.47
N THR D 116 -8.51 -15.95 10.38
CA THR D 116 -7.42 -16.90 10.41
C THR D 116 -6.37 -16.52 11.46
N LYS D 117 -5.98 -15.25 11.55
CA LYS D 117 -5.03 -14.86 12.59
C LYS D 117 -5.58 -15.10 13.98
N ALA D 118 -6.85 -14.77 14.20
CA ALA D 118 -7.43 -14.97 15.51
C ALA D 118 -7.36 -16.43 15.93
N VAL D 119 -7.79 -17.34 15.05
CA VAL D 119 -7.73 -18.74 15.39
C VAL D 119 -6.28 -19.18 15.60
N THR D 120 -5.38 -18.73 14.75
CA THR D 120 -3.99 -19.12 14.86
C THR D 120 -3.43 -18.80 16.24
N LYS D 121 -3.64 -17.58 16.72
CA LYS D 121 -3.05 -17.23 17.99
C LYS D 121 -3.90 -17.65 19.18
N TYR D 122 -5.14 -18.08 18.94
CA TYR D 122 -5.90 -18.74 20.00
C TYR D 122 -5.36 -20.13 20.27
N THR D 123 -5.04 -20.86 19.20
CA THR D 123 -4.56 -22.22 19.36
C THR D 123 -3.18 -22.27 20.00
N SER D 124 -2.35 -21.25 19.77
CA SER D 124 -0.96 -21.32 20.17
C SER D 124 -0.74 -20.97 21.64
N SER D 125 -1.78 -20.53 22.33
CA SER D 125 -1.70 -20.23 23.75
C SER D 125 -1.83 -21.49 24.62
N GLN E 45 -36.42 31.41 -8.85
CA GLN E 45 -36.35 29.93 -8.79
C GLN E 45 -37.21 29.42 -7.62
N GLY E 46 -36.58 28.87 -6.59
CA GLY E 46 -37.30 28.39 -5.44
C GLY E 46 -37.35 26.88 -5.34
N TRP E 47 -37.34 26.21 -6.49
CA TRP E 47 -37.35 24.75 -6.48
C TRP E 47 -35.97 24.20 -6.14
N LEU E 48 -34.92 24.89 -6.57
CA LEU E 48 -33.57 24.40 -6.33
C LEU E 48 -33.16 24.59 -4.88
N LYS E 49 -33.47 25.75 -4.31
CA LYS E 49 -33.25 25.98 -2.89
C LYS E 49 -33.94 24.92 -2.05
N GLU E 50 -35.21 24.63 -2.36
CA GLU E 50 -35.96 23.65 -1.61
C GLU E 50 -35.39 22.24 -1.76
N ILE E 51 -34.96 21.87 -2.96
CA ILE E 51 -34.36 20.56 -3.17
C ILE E 51 -33.08 20.42 -2.36
N ARG E 52 -32.23 21.45 -2.40
CA ARG E 52 -30.97 21.42 -1.68
C ARG E 52 -31.21 21.35 -0.18
N LYS E 53 -32.17 22.11 0.31
CA LYS E 53 -32.49 22.11 1.73
C LYS E 53 -33.00 20.76 2.19
N LEU E 54 -33.83 20.11 1.38
CA LEU E 54 -34.50 18.90 1.82
C LEU E 54 -33.61 17.66 1.72
N GLN E 55 -32.67 17.64 0.78
CA GLN E 55 -31.73 16.54 0.71
C GLN E 55 -30.67 16.61 1.80
N LYS E 56 -30.50 17.77 2.40
CA LYS E 56 -29.51 17.98 3.45
C LYS E 56 -30.03 17.54 4.81
N SER E 57 -31.31 17.25 4.91
CA SER E 57 -31.98 17.02 6.18
C SER E 57 -32.30 15.55 6.38
N THR E 58 -32.91 15.25 7.52
CA THR E 58 -33.21 13.89 7.93
C THR E 58 -34.61 13.72 8.50
N HIS E 59 -35.30 14.80 8.83
CA HIS E 59 -36.54 14.69 9.58
C HIS E 59 -37.68 14.18 8.70
N LEU E 60 -38.74 13.76 9.38
CA LEU E 60 -39.92 13.24 8.69
C LEU E 60 -40.74 14.37 8.10
N LEU E 61 -41.42 14.08 7.01
CA LEU E 61 -42.09 15.10 6.21
C LEU E 61 -43.60 15.03 6.27
N ILE E 62 -44.17 13.86 6.54
CA ILE E 62 -45.59 13.73 6.80
C ILE E 62 -45.86 14.00 8.27
N ARG E 63 -46.98 14.65 8.54
CA ARG E 63 -47.37 14.91 9.92
C ARG E 63 -47.80 13.62 10.60
N LYS E 64 -47.76 13.62 11.93
CA LYS E 64 -47.79 12.36 12.66
C LYS E 64 -49.21 11.86 12.91
N LEU E 65 -50.09 12.74 13.35
CA LEU E 65 -51.45 12.35 13.68
C LEU E 65 -52.19 11.78 12.47
N PRO E 66 -52.09 12.39 11.30
CA PRO E 66 -52.73 11.80 10.11
C PRO E 66 -52.26 10.41 9.78
N PHE E 67 -50.94 10.19 9.83
CA PHE E 67 -50.39 8.88 9.57
C PHE E 67 -50.87 7.85 10.60
N SER E 68 -50.85 8.22 11.87
CA SER E 68 -51.38 7.37 12.92
C SER E 68 -52.83 7.00 12.63
N ARG E 69 -53.63 7.99 12.29
CA ARG E 69 -55.05 7.78 12.09
C ARG E 69 -55.29 6.81 10.93
N LEU E 70 -54.58 7.00 9.83
CA LEU E 70 -54.70 6.11 8.68
C LEU E 70 -54.27 4.70 9.02
N ALA E 71 -53.14 4.55 9.71
CA ALA E 71 -52.67 3.21 10.04
C ALA E 71 -53.65 2.48 10.93
N ARG E 72 -54.22 3.17 11.91
CA ARG E 72 -55.22 2.53 12.77
C ARG E 72 -56.46 2.14 11.98
N GLU E 73 -56.91 3.02 11.10
CA GLU E 73 -58.05 2.70 10.24
C GLU E 73 -57.80 1.47 9.38
N ILE E 74 -56.57 1.32 8.90
CA ILE E 74 -56.25 0.13 8.11
C ILE E 74 -56.20 -1.11 8.99
N CYS E 75 -55.64 -0.99 10.19
CA CYS E 75 -55.54 -2.15 11.07
C CYS E 75 -56.92 -2.68 11.41
N VAL E 76 -57.87 -1.78 11.67
CA VAL E 76 -59.18 -2.24 12.13
C VAL E 76 -59.89 -3.12 11.10
N LYS E 77 -59.57 -2.98 9.82
CA LYS E 77 -60.19 -3.83 8.80
C LYS E 77 -59.72 -5.27 8.88
N PHE E 78 -58.54 -5.49 9.42
CA PHE E 78 -58.15 -6.82 9.88
C PHE E 78 -58.57 -6.92 11.34
N THR E 79 -58.06 -7.91 12.06
CA THR E 79 -58.34 -8.04 13.49
C THR E 79 -59.78 -8.47 13.77
N ARG E 80 -60.59 -8.61 12.74
CA ARG E 80 -61.98 -9.04 12.88
C ARG E 80 -62.82 -7.97 13.56
N GLY E 81 -62.46 -6.71 13.38
CA GLY E 81 -63.26 -5.60 13.84
C GLY E 81 -62.92 -5.02 15.20
N VAL E 82 -61.79 -5.40 15.78
CA VAL E 82 -61.41 -4.91 17.10
C VAL E 82 -60.20 -3.99 16.96
N ASP E 83 -60.11 -3.03 17.89
CA ASP E 83 -59.11 -1.97 17.85
C ASP E 83 -57.90 -2.37 18.67
N PHE E 84 -56.78 -2.55 18.00
CA PHE E 84 -55.54 -2.83 18.68
C PHE E 84 -54.87 -1.54 19.13
N ASN E 85 -54.08 -1.65 20.20
CA ASN E 85 -53.22 -0.57 20.63
C ASN E 85 -51.90 -0.62 19.88
N TRP E 86 -51.21 0.51 19.87
CA TRP E 86 -49.95 0.66 19.16
C TRP E 86 -48.92 1.31 20.06
N GLN E 87 -47.73 0.73 20.12
CA GLN E 87 -46.60 1.45 20.67
C GLN E 87 -46.22 2.60 19.76
N ALA E 88 -45.53 3.59 20.32
CA ALA E 88 -45.15 4.76 19.53
C ALA E 88 -44.01 4.46 18.59
N GLN E 89 -43.01 3.74 19.08
CA GLN E 89 -41.88 3.38 18.24
C GLN E 89 -42.32 2.57 17.03
N ALA E 90 -43.44 1.86 17.15
CA ALA E 90 -43.98 1.11 16.03
C ALA E 90 -44.44 2.03 14.91
N LEU E 91 -45.19 3.06 15.27
CA LEU E 91 -45.65 4.03 14.29
C LEU E 91 -44.50 4.81 13.68
N LEU E 92 -43.48 5.16 14.48
CA LEU E 92 -42.30 5.79 13.91
C LEU E 92 -41.56 4.87 12.94
N ALA E 93 -41.42 3.60 13.29
CA ALA E 93 -40.81 2.64 12.38
C ALA E 93 -41.55 2.59 11.06
N LEU E 94 -42.87 2.47 11.12
CA LEU E 94 -43.69 2.38 9.92
C LEU E 94 -43.57 3.65 9.08
N GLN E 95 -43.55 4.80 9.74
CA GLN E 95 -43.44 6.06 9.02
C GLN E 95 -42.09 6.21 8.32
N GLU E 96 -41.01 5.89 9.02
CA GLU E 96 -39.68 5.93 8.41
C GLU E 96 -39.64 5.05 7.18
N ALA E 97 -40.12 3.81 7.30
CA ALA E 97 -40.11 2.89 6.18
C ALA E 97 -40.94 3.43 5.02
N ALA E 98 -42.12 3.97 5.29
CA ALA E 98 -42.98 4.47 4.23
C ALA E 98 -42.35 5.64 3.48
N GLU E 99 -41.81 6.61 4.22
CA GLU E 99 -41.20 7.77 3.56
C GLU E 99 -39.98 7.36 2.75
N ALA E 100 -39.16 6.43 3.27
CA ALA E 100 -38.07 5.90 2.48
C ALA E 100 -38.56 5.28 1.18
N PHE E 101 -39.58 4.44 1.25
CA PHE E 101 -40.16 3.82 0.07
C PHE E 101 -40.56 4.87 -0.95
N LEU E 102 -41.26 5.90 -0.51
CA LEU E 102 -41.80 6.88 -1.44
C LEU E 102 -40.70 7.73 -2.06
N VAL E 103 -39.71 8.13 -1.27
CA VAL E 103 -38.62 8.92 -1.80
C VAL E 103 -37.84 8.13 -2.85
N HIS E 104 -37.53 6.87 -2.54
CA HIS E 104 -36.81 6.05 -3.50
C HIS E 104 -37.62 5.81 -4.77
N LEU E 105 -38.94 5.65 -4.65
CA LEU E 105 -39.78 5.48 -5.82
C LEU E 105 -39.81 6.73 -6.67
N PHE E 106 -39.90 7.90 -6.05
CA PHE E 106 -39.85 9.14 -6.81
C PHE E 106 -38.51 9.28 -7.52
N GLU E 107 -37.43 8.86 -6.88
CA GLU E 107 -36.13 8.88 -7.54
C GLU E 107 -36.13 7.98 -8.76
N ASP E 108 -36.57 6.74 -8.62
CA ASP E 108 -36.55 5.80 -9.72
C ASP E 108 -37.44 6.26 -10.87
N ALA E 109 -38.48 7.04 -10.54
CA ALA E 109 -39.48 7.38 -11.54
C ALA E 109 -39.16 8.67 -12.28
N TYR E 110 -38.39 9.58 -11.67
CA TYR E 110 -38.00 10.78 -12.39
C TYR E 110 -36.90 10.46 -13.38
N LEU E 111 -36.38 9.25 -13.37
CA LEU E 111 -35.46 8.80 -14.40
C LEU E 111 -36.20 8.46 -15.68
N LEU E 112 -37.50 8.23 -15.60
CA LEU E 112 -38.27 7.86 -16.76
C LEU E 112 -38.92 9.07 -17.43
N THR E 113 -39.00 10.19 -16.73
CA THR E 113 -39.42 11.43 -17.37
C THR E 113 -38.33 11.96 -18.27
N LEU E 114 -37.09 11.87 -17.81
CA LEU E 114 -35.96 12.38 -18.58
C LEU E 114 -35.65 11.45 -19.74
N HIS E 115 -35.91 10.16 -19.56
CA HIS E 115 -35.84 9.22 -20.65
C HIS E 115 -36.78 9.60 -21.78
N ALA E 116 -37.99 10.03 -21.43
CA ALA E 116 -38.99 10.45 -22.40
C ALA E 116 -38.84 11.90 -22.83
N GLY E 117 -37.76 12.56 -22.43
CA GLY E 117 -37.53 13.92 -22.86
C GLY E 117 -38.33 14.96 -22.14
N ARG E 118 -38.83 14.65 -20.95
CA ARG E 118 -39.69 15.55 -20.21
C ARG E 118 -38.99 16.10 -18.98
N VAL E 119 -39.69 16.99 -18.30
CA VAL E 119 -39.27 17.53 -17.01
C VAL E 119 -40.33 17.33 -15.96
N THR E 120 -41.57 17.08 -16.36
CA THR E 120 -42.72 17.01 -15.48
C THR E 120 -43.06 15.57 -15.14
N LEU E 121 -43.32 15.30 -13.87
CA LEU E 121 -43.65 13.97 -13.41
C LEU E 121 -45.11 13.65 -13.68
N PHE E 122 -45.35 12.50 -14.27
CA PHE E 122 -46.67 11.99 -14.56
C PHE E 122 -46.88 10.66 -13.85
N PRO E 123 -48.11 10.16 -13.81
CA PRO E 123 -48.36 8.89 -13.12
C PRO E 123 -47.87 7.66 -13.86
N LYS E 124 -47.87 7.69 -15.19
CA LYS E 124 -47.37 6.56 -15.96
C LYS E 124 -45.94 6.20 -15.58
N ASP E 125 -45.15 7.20 -15.20
CA ASP E 125 -43.78 6.96 -14.75
C ASP E 125 -43.74 6.12 -13.47
N VAL E 126 -44.56 6.47 -12.48
CA VAL E 126 -44.64 5.69 -11.26
C VAL E 126 -45.12 4.28 -11.54
N GLN E 127 -46.16 4.16 -12.37
CA GLN E 127 -46.68 2.84 -12.71
C GLN E 127 -45.60 1.96 -13.32
N LEU E 128 -44.87 2.49 -14.28
CA LEU E 128 -43.85 1.69 -14.96
C LEU E 128 -42.70 1.34 -14.03
N ALA E 129 -42.31 2.26 -13.15
CA ALA E 129 -41.26 1.93 -12.19
C ALA E 129 -41.69 0.77 -11.30
N ARG E 130 -42.92 0.82 -10.81
CA ARG E 130 -43.42 -0.29 -9.98
C ARG E 130 -43.46 -1.58 -10.77
N ARG E 131 -43.89 -1.53 -12.03
CA ARG E 131 -43.89 -2.73 -12.86
C ARG E 131 -42.50 -3.32 -12.99
N ILE E 132 -41.51 -2.49 -13.33
CA ILE E 132 -40.18 -3.01 -13.59
C ILE E 132 -39.51 -3.51 -12.32
N ARG E 133 -39.77 -2.87 -11.18
CA ARG E 133 -39.22 -3.39 -9.93
C ARG E 133 -39.72 -4.79 -9.62
N GLY E 134 -40.94 -5.11 -10.02
CA GLY E 134 -41.54 -6.39 -9.70
C GLY E 134 -42.66 -6.33 -8.70
N LEU E 135 -43.05 -5.15 -8.26
CA LEU E 135 -44.09 -5.00 -7.24
C LEU E 135 -45.47 -5.21 -7.84
N ASP F 25 -62.31 10.74 4.54
CA ASP F 25 -60.96 11.32 4.47
C ASP F 25 -59.92 10.31 4.97
N ASN F 26 -58.97 10.79 5.75
CA ASN F 26 -57.92 10.01 6.41
C ASN F 26 -56.85 9.59 5.42
N ILE F 27 -57.11 9.80 4.14
CA ILE F 27 -56.09 9.67 3.11
C ILE F 27 -55.82 11.03 2.51
N GLN F 28 -56.71 11.98 2.75
CA GLN F 28 -56.52 13.36 2.35
C GLN F 28 -55.79 14.18 3.41
N GLY F 29 -55.44 13.56 4.53
CA GLY F 29 -54.50 14.15 5.46
C GLY F 29 -53.07 14.01 5.07
N ILE F 30 -52.81 13.16 4.08
CA ILE F 30 -51.56 13.17 3.34
C ILE F 30 -51.67 14.28 2.32
N THR F 31 -51.07 15.42 2.62
CA THR F 31 -51.41 16.64 1.92
C THR F 31 -50.55 16.85 0.69
N LYS F 32 -51.02 17.76 -0.15
CA LYS F 32 -50.29 18.21 -1.33
C LYS F 32 -48.89 18.71 -1.02
N PRO F 33 -48.68 19.62 -0.07
CA PRO F 33 -47.32 20.02 0.28
C PRO F 33 -46.44 18.91 0.82
N ALA F 34 -46.98 17.97 1.58
CA ALA F 34 -46.15 16.87 2.07
C ALA F 34 -45.63 16.00 0.93
N ILE F 35 -46.51 15.68 -0.02
CA ILE F 35 -46.10 14.93 -1.20
C ILE F 35 -45.09 15.70 -2.01
N ARG F 36 -45.29 17.01 -2.12
CA ARG F 36 -44.36 17.85 -2.85
C ARG F 36 -42.99 17.87 -2.19
N ARG F 37 -42.94 17.89 -0.86
CA ARG F 37 -41.66 17.81 -0.15
C ARG F 37 -40.99 16.47 -0.37
N LEU F 38 -41.75 15.38 -0.29
CA LEU F 38 -41.17 14.06 -0.54
C LEU F 38 -40.62 13.96 -1.95
N ALA F 39 -41.29 14.58 -2.91
CA ALA F 39 -40.81 14.59 -4.28
C ALA F 39 -39.55 15.41 -4.42
N ARG F 40 -39.50 16.58 -3.78
CA ARG F 40 -38.31 17.41 -3.86
C ARG F 40 -37.09 16.74 -3.25
N ARG F 41 -37.28 16.03 -2.12
CA ARG F 41 -36.15 15.29 -1.56
C ARG F 41 -35.65 14.23 -2.54
N GLY F 42 -36.50 13.79 -3.46
CA GLY F 42 -36.09 12.87 -4.49
C GLY F 42 -35.55 13.52 -5.74
N GLY F 43 -35.52 14.84 -5.79
CA GLY F 43 -34.94 15.56 -6.91
C GLY F 43 -35.91 15.95 -7.99
N VAL F 44 -37.19 16.07 -7.68
CA VAL F 44 -38.20 16.34 -8.69
C VAL F 44 -38.43 17.84 -8.80
N LYS F 45 -38.33 18.35 -10.01
CA LYS F 45 -38.49 19.77 -10.29
C LYS F 45 -39.95 20.17 -10.45
N ARG F 46 -40.71 19.45 -11.26
CA ARG F 46 -42.11 19.73 -11.51
C ARG F 46 -42.95 18.49 -11.29
N ILE F 47 -44.23 18.73 -11.01
CA ILE F 47 -45.14 17.70 -10.51
C ILE F 47 -46.53 17.97 -11.06
N SER F 48 -47.06 17.01 -11.80
CA SER F 48 -48.42 17.08 -12.29
C SER F 48 -49.42 17.02 -11.14
N GLY F 49 -50.62 17.54 -11.40
CA GLY F 49 -51.67 17.59 -10.40
C GLY F 49 -52.31 16.26 -10.10
N LEU F 50 -52.05 15.25 -10.92
CA LEU F 50 -52.60 13.93 -10.72
C LEU F 50 -51.68 13.03 -9.92
N ILE F 51 -50.55 13.54 -9.47
CA ILE F 51 -49.59 12.75 -8.69
C ILE F 51 -50.06 12.60 -7.26
N TYR F 52 -50.93 13.47 -6.79
CA TYR F 52 -51.30 13.45 -5.38
C TYR F 52 -52.24 12.28 -5.06
N GLU F 53 -53.09 11.89 -6.01
CA GLU F 53 -53.91 10.70 -5.82
C GLU F 53 -53.13 9.40 -6.02
N GLU F 54 -52.25 9.36 -7.03
CA GLU F 54 -51.48 8.16 -7.29
C GLU F 54 -50.59 7.81 -6.11
N THR F 55 -49.93 8.81 -5.53
CA THR F 55 -49.09 8.58 -4.37
C THR F 55 -49.90 8.07 -3.20
N ARG F 56 -51.07 8.65 -2.98
CA ARG F 56 -51.94 8.19 -1.91
C ARG F 56 -52.32 6.73 -2.09
N GLY F 57 -52.65 6.34 -3.31
CA GLY F 57 -52.99 4.95 -3.57
C GLY F 57 -51.84 4.00 -3.29
N VAL F 58 -50.65 4.33 -3.79
CA VAL F 58 -49.52 3.42 -3.61
C VAL F 58 -49.12 3.35 -2.14
N LEU F 59 -49.19 4.46 -1.41
CA LEU F 59 -48.94 4.43 0.02
C LEU F 59 -49.95 3.53 0.73
N LYS F 60 -51.23 3.71 0.44
CA LYS F 60 -52.25 2.88 1.05
C LYS F 60 -52.01 1.41 0.77
N VAL F 61 -51.49 1.08 -0.41
CA VAL F 61 -51.18 -0.31 -0.72
C VAL F 61 -50.00 -0.79 0.11
N PHE F 62 -48.99 0.06 0.30
CA PHE F 62 -47.80 -0.36 1.02
C PHE F 62 -48.12 -0.68 2.48
N LEU F 63 -48.96 0.14 3.10
CA LEU F 63 -49.27 -0.03 4.52
C LEU F 63 -50.09 -1.29 4.78
N GLU F 64 -51.03 -1.60 3.89
CA GLU F 64 -51.86 -2.78 4.07
C GLU F 64 -51.02 -4.04 4.19
N ASN F 65 -50.04 -4.21 3.31
CA ASN F 65 -49.25 -5.43 3.30
C ASN F 65 -48.43 -5.58 4.57
N VAL F 66 -47.82 -4.49 5.04
CA VAL F 66 -47.02 -4.55 6.26
C VAL F 66 -47.90 -4.79 7.47
N ILE F 67 -49.01 -4.07 7.56
CA ILE F 67 -49.81 -4.06 8.77
C ILE F 67 -50.43 -5.42 9.04
N ARG F 68 -50.87 -6.14 8.01
CA ARG F 68 -51.47 -7.44 8.26
C ARG F 68 -50.45 -8.46 8.72
N ASP F 69 -49.23 -8.41 8.18
CA ASP F 69 -48.18 -9.28 8.67
C ASP F 69 -47.83 -8.95 10.11
N ALA F 70 -47.78 -7.65 10.45
CA ALA F 70 -47.54 -7.26 11.83
C ALA F 70 -48.63 -7.79 12.75
N VAL F 71 -49.89 -7.67 12.33
CA VAL F 71 -50.99 -8.14 13.15
C VAL F 71 -50.97 -9.65 13.30
N THR F 72 -50.53 -10.37 12.27
CA THR F 72 -50.40 -11.81 12.37
C THR F 72 -49.32 -12.19 13.38
N TYR F 73 -48.14 -11.59 13.28
CA TYR F 73 -47.11 -11.81 14.28
C TYR F 73 -47.61 -11.44 15.67
N THR F 74 -48.49 -10.45 15.75
CA THR F 74 -48.96 -9.96 17.03
C THR F 74 -50.02 -10.87 17.63
N GLU F 75 -50.82 -11.52 16.79
CA GLU F 75 -51.83 -12.45 17.27
C GLU F 75 -51.28 -13.83 17.58
N HIS F 76 -50.25 -14.29 16.87
CA HIS F 76 -49.66 -15.58 17.25
C HIS F 76 -49.28 -15.56 18.72
N ALA F 77 -48.52 -14.57 19.14
CA ALA F 77 -48.50 -14.20 20.54
C ALA F 77 -49.85 -13.63 20.90
N LYS F 78 -50.31 -13.91 22.10
CA LYS F 78 -51.69 -13.62 22.47
C LYS F 78 -51.75 -12.30 23.24
N ARG F 79 -51.51 -11.22 22.50
CA ARG F 79 -51.50 -9.87 23.02
C ARG F 79 -52.21 -8.95 22.05
N LYS F 80 -52.59 -7.77 22.53
CA LYS F 80 -53.41 -6.83 21.80
C LYS F 80 -52.71 -5.50 21.55
N THR F 81 -51.39 -5.50 21.47
CA THR F 81 -50.59 -4.29 21.30
C THR F 81 -49.53 -4.60 20.25
N VAL F 82 -49.46 -3.76 19.22
CA VAL F 82 -48.48 -3.93 18.16
C VAL F 82 -47.17 -3.30 18.63
N THR F 83 -46.12 -4.09 18.66
CA THR F 83 -44.79 -3.63 19.05
C THR F 83 -43.93 -3.36 17.83
N ALA F 84 -42.83 -2.65 18.07
CA ALA F 84 -41.92 -2.30 16.99
C ALA F 84 -41.28 -3.52 16.36
N MET F 85 -41.07 -4.57 17.14
CA MET F 85 -40.44 -5.76 16.61
C MET F 85 -41.35 -6.48 15.63
N ASP F 86 -42.66 -6.42 15.82
CA ASP F 86 -43.58 -7.00 14.85
C ASP F 86 -43.46 -6.29 13.51
N VAL F 87 -43.38 -4.96 13.54
CA VAL F 87 -43.18 -4.18 12.32
C VAL F 87 -41.85 -4.54 11.67
N VAL F 88 -40.80 -4.65 12.47
CA VAL F 88 -39.47 -4.96 11.93
C VAL F 88 -39.47 -6.32 11.26
N TYR F 89 -40.05 -7.33 11.91
CA TYR F 89 -40.13 -8.65 11.33
C TYR F 89 -40.95 -8.65 10.03
N ALA F 90 -42.07 -7.93 10.03
CA ALA F 90 -42.86 -7.82 8.80
C ALA F 90 -42.04 -7.25 7.67
N LEU F 91 -41.41 -6.10 7.91
CA LEU F 91 -40.60 -5.48 6.87
C LEU F 91 -39.49 -6.42 6.40
N LYS F 92 -38.87 -7.14 7.33
CA LYS F 92 -37.85 -8.11 6.97
C LYS F 92 -38.40 -9.19 6.05
N ARG F 93 -39.62 -9.63 6.31
CA ARG F 93 -40.30 -10.52 5.36
C ARG F 93 -40.43 -9.87 3.99
N GLN F 94 -41.05 -8.70 3.91
CA GLN F 94 -41.17 -8.00 2.64
C GLN F 94 -39.83 -7.73 1.97
N GLY F 95 -38.71 -7.95 2.66
CA GLY F 95 -37.41 -7.63 2.12
C GLY F 95 -36.96 -6.20 2.32
N ARG F 96 -37.33 -5.59 3.45
CA ARG F 96 -37.07 -4.19 3.70
C ARG F 96 -36.47 -3.98 5.07
N THR F 97 -35.44 -4.74 5.39
CA THR F 97 -34.73 -4.67 6.65
C THR F 97 -34.54 -3.23 7.10
N LEU F 98 -34.82 -2.98 8.38
CA LEU F 98 -34.77 -1.65 8.97
C LEU F 98 -33.86 -1.67 10.19
N TYR F 99 -32.95 -0.71 10.26
CA TYR F 99 -32.04 -0.55 11.38
C TYR F 99 -32.47 0.63 12.23
N GLY F 100 -32.44 0.45 13.55
CA GLY F 100 -32.72 1.53 14.45
C GLY F 100 -33.60 1.20 15.63
N PHE F 101 -34.49 0.24 15.48
CA PHE F 101 -35.47 -0.09 16.50
C PHE F 101 -35.31 -1.49 17.07
N GLY F 102 -34.61 -2.37 16.37
CA GLY F 102 -34.29 -3.68 16.89
C GLY F 102 -33.59 -4.54 15.84
N LYS G 16 -53.99 -48.17 9.92
CA LYS G 16 -53.11 -47.90 11.07
C LYS G 16 -51.96 -46.98 10.68
N SER G 17 -51.91 -46.57 9.42
CA SER G 17 -50.98 -45.54 9.01
C SER G 17 -51.52 -44.17 9.34
N ARG G 18 -50.61 -43.22 9.50
CA ARG G 18 -51.00 -41.88 9.94
C ARG G 18 -51.65 -41.09 8.82
N SER G 19 -51.20 -41.31 7.59
CA SER G 19 -51.83 -40.63 6.46
C SER G 19 -53.25 -41.11 6.23
N SER G 20 -53.53 -42.38 6.54
CA SER G 20 -54.88 -42.89 6.41
C SER G 20 -55.79 -42.37 7.50
N ARG G 21 -55.31 -42.33 8.74
CA ARG G 21 -56.10 -41.77 9.83
C ARG G 21 -56.54 -40.35 9.51
N ALA G 22 -55.74 -39.63 8.75
CA ALA G 22 -55.99 -38.23 8.45
C ALA G 22 -56.73 -38.01 7.15
N GLY G 23 -56.82 -39.02 6.29
CA GLY G 23 -57.48 -38.86 5.01
C GLY G 23 -56.60 -38.25 3.95
N LEU G 24 -55.35 -38.68 3.85
CA LEU G 24 -54.37 -38.06 2.98
C LEU G 24 -53.66 -39.10 2.14
N GLN G 25 -53.02 -38.63 1.08
CA GLN G 25 -52.15 -39.46 0.26
C GLN G 25 -50.69 -39.19 0.53
N PHE G 26 -50.37 -38.00 1.04
CA PHE G 26 -48.99 -37.64 1.30
C PHE G 26 -48.51 -38.27 2.60
N PRO G 27 -47.21 -38.39 2.76
CA PRO G 27 -46.66 -39.11 3.90
C PRO G 27 -46.50 -38.26 5.15
N VAL G 28 -47.12 -38.69 6.23
CA VAL G 28 -47.03 -37.95 7.49
C VAL G 28 -45.76 -38.33 8.25
N GLY G 29 -45.36 -39.59 8.19
CA GLY G 29 -44.15 -40.00 8.89
C GLY G 29 -42.90 -39.37 8.32
N ARG G 30 -42.80 -39.31 6.99
CA ARG G 30 -41.64 -38.73 6.36
C ARG G 30 -41.51 -37.25 6.69
N VAL G 31 -42.62 -36.53 6.70
CA VAL G 31 -42.60 -35.11 7.03
C VAL G 31 -42.10 -34.93 8.46
N HIS G 32 -42.56 -35.78 9.37
CA HIS G 32 -42.09 -35.76 10.75
C HIS G 32 -40.59 -35.96 10.82
N ARG G 33 -40.09 -36.98 10.14
CA ARG G 33 -38.66 -37.25 10.15
C ARG G 33 -37.86 -36.08 9.59
N LEU G 34 -38.37 -35.45 8.54
CA LEU G 34 -37.64 -34.35 7.92
C LEU G 34 -37.64 -33.11 8.79
N LEU G 35 -38.73 -32.87 9.51
CA LEU G 35 -38.73 -31.78 10.48
C LEU G 35 -37.76 -32.05 11.62
N ARG G 36 -37.70 -33.30 12.09
CA ARG G 36 -36.80 -33.63 13.19
C ARG G 36 -35.34 -33.46 12.80
N LYS G 37 -34.98 -33.81 11.57
CA LYS G 37 -33.58 -33.85 11.17
C LYS G 37 -33.06 -32.54 10.61
N GLY G 38 -33.92 -31.55 10.42
CA GLY G 38 -33.54 -30.32 9.76
C GLY G 38 -33.08 -29.20 10.65
N ASN G 39 -32.95 -29.44 11.95
CA ASN G 39 -32.57 -28.40 12.90
C ASN G 39 -33.53 -27.21 12.80
N TYR G 40 -34.82 -27.49 12.93
CA TYR G 40 -35.81 -26.43 12.95
C TYR G 40 -36.25 -26.11 14.36
N ALA G 41 -36.19 -27.09 15.25
CA ALA G 41 -36.47 -26.88 16.66
C ALA G 41 -36.06 -28.10 17.44
N GLU G 42 -36.01 -27.94 18.76
CA GLU G 42 -35.60 -29.03 19.64
C GLU G 42 -36.71 -30.05 19.80
N ARG G 43 -37.94 -29.69 19.45
CA ARG G 43 -39.09 -30.58 19.57
C ARG G 43 -40.05 -30.33 18.42
N VAL G 44 -40.88 -31.33 18.15
CA VAL G 44 -41.87 -31.27 17.09
C VAL G 44 -43.13 -31.99 17.56
N GLY G 45 -44.27 -31.33 17.42
CA GLY G 45 -45.51 -31.94 17.84
C GLY G 45 -46.09 -32.90 16.82
N ALA G 46 -47.27 -33.41 17.16
CA ALA G 46 -47.85 -34.52 16.40
C ALA G 46 -48.78 -34.05 15.31
N GLY G 47 -49.36 -32.85 15.43
CA GLY G 47 -50.22 -32.32 14.39
C GLY G 47 -49.52 -31.54 13.32
N ALA G 48 -48.30 -31.11 13.57
CA ALA G 48 -47.55 -30.36 12.58
C ALA G 48 -47.34 -31.14 11.30
N PRO G 49 -46.86 -32.38 11.33
CA PRO G 49 -46.70 -33.14 10.09
C PRO G 49 -47.99 -33.32 9.31
N VAL G 50 -49.12 -33.56 9.98
CA VAL G 50 -50.35 -33.78 9.23
C VAL G 50 -50.83 -32.47 8.63
N TYR G 51 -50.73 -31.38 9.38
CA TYR G 51 -51.20 -30.09 8.90
C TYR G 51 -50.40 -29.71 7.65
N LEU G 52 -49.07 -29.83 7.73
CA LEU G 52 -48.19 -29.48 6.63
C LEU G 52 -48.38 -30.39 5.42
N ALA G 53 -48.52 -31.70 5.65
CA ALA G 53 -48.76 -32.62 4.56
C ALA G 53 -50.05 -32.28 3.82
N ALA G 54 -51.09 -31.93 4.56
CA ALA G 54 -52.34 -31.54 3.94
C ALA G 54 -52.19 -30.29 3.09
N VAL G 55 -51.45 -29.29 3.59
CA VAL G 55 -51.23 -28.08 2.81
C VAL G 55 -50.49 -28.40 1.52
N LEU G 56 -49.45 -29.22 1.61
CA LEU G 56 -48.69 -29.59 0.43
C LEU G 56 -49.57 -30.30 -0.59
N GLU G 57 -50.43 -31.21 -0.12
CA GLU G 57 -51.33 -31.91 -1.01
C GLU G 57 -52.31 -30.96 -1.69
N TYR G 58 -52.86 -30.01 -0.94
CA TYR G 58 -53.77 -29.03 -1.52
C TYR G 58 -53.11 -28.27 -2.65
N LEU G 59 -51.90 -27.75 -2.41
CA LEU G 59 -51.22 -26.98 -3.44
C LEU G 59 -50.87 -27.83 -4.65
N THR G 60 -50.36 -29.03 -4.42
CA THR G 60 -50.06 -29.95 -5.51
C THR G 60 -51.26 -30.15 -6.41
N ALA G 61 -52.41 -30.49 -5.82
CA ALA G 61 -53.59 -30.76 -6.62
C ALA G 61 -54.09 -29.51 -7.33
N GLU G 62 -53.98 -28.36 -6.67
CA GLU G 62 -54.44 -27.12 -7.28
C GLU G 62 -53.64 -26.81 -8.54
N ILE G 63 -52.34 -27.08 -8.51
CA ILE G 63 -51.54 -26.86 -9.72
C ILE G 63 -51.87 -27.90 -10.78
N LEU G 64 -51.97 -29.17 -10.39
CA LEU G 64 -52.18 -30.22 -11.37
C LEU G 64 -53.50 -30.06 -12.10
N GLU G 65 -54.53 -29.57 -11.43
CA GLU G 65 -55.80 -29.35 -12.11
C GLU G 65 -55.65 -28.40 -13.29
N LEU G 66 -55.04 -27.24 -13.04
CA LEU G 66 -54.87 -26.25 -14.09
C LEU G 66 -53.95 -26.74 -15.19
N ALA G 67 -52.91 -27.48 -14.83
CA ALA G 67 -52.01 -28.04 -15.83
C ALA G 67 -52.74 -29.02 -16.74
N GLY G 68 -53.57 -29.89 -16.17
CA GLY G 68 -54.36 -30.80 -16.98
C GLY G 68 -55.36 -30.08 -17.86
N ASN G 69 -55.95 -29.01 -17.37
CA ASN G 69 -56.84 -28.21 -18.21
C ASN G 69 -56.09 -27.62 -19.39
N ALA G 70 -54.90 -27.07 -19.14
CA ALA G 70 -54.11 -26.51 -20.23
C ALA G 70 -53.72 -27.59 -21.24
N ALA G 71 -53.38 -28.78 -20.77
CA ALA G 71 -53.13 -29.87 -21.69
C ALA G 71 -54.34 -30.20 -22.53
N ARG G 72 -55.52 -30.22 -21.91
CA ARG G 72 -56.74 -30.50 -22.66
C ARG G 72 -56.97 -29.44 -23.73
N ASP G 73 -56.74 -28.17 -23.40
CA ASP G 73 -56.91 -27.10 -24.37
C ASP G 73 -55.98 -27.30 -25.57
N ASN G 74 -54.78 -27.81 -25.33
CA ASN G 74 -53.82 -28.08 -26.38
C ASN G 74 -54.01 -29.45 -27.01
N LYS G 75 -55.04 -30.18 -26.62
CA LYS G 75 -55.39 -31.46 -27.22
C LYS G 75 -54.33 -32.52 -26.97
N LYS G 76 -53.97 -32.69 -25.71
CA LYS G 76 -52.99 -33.68 -25.28
C LYS G 76 -53.40 -34.32 -23.97
N THR G 77 -52.88 -35.53 -23.73
CA THR G 77 -53.22 -36.33 -22.57
C THR G 77 -52.07 -36.47 -21.60
N ARG G 78 -50.99 -35.74 -21.79
CA ARG G 78 -49.81 -35.87 -20.95
C ARG G 78 -49.27 -34.49 -20.62
N ILE G 79 -48.95 -34.28 -19.35
CA ILE G 79 -48.54 -32.97 -18.87
C ILE G 79 -47.04 -32.81 -19.07
N ILE G 80 -46.63 -31.61 -19.49
CA ILE G 80 -45.23 -31.26 -19.68
C ILE G 80 -45.00 -29.86 -19.11
N PRO G 81 -43.75 -29.46 -18.89
CA PRO G 81 -43.50 -28.22 -18.15
C PRO G 81 -44.14 -26.97 -18.75
N ARG G 82 -44.32 -26.93 -20.06
CA ARG G 82 -45.06 -25.84 -20.68
C ARG G 82 -46.42 -25.64 -20.04
N HIS G 83 -47.12 -26.73 -19.76
CA HIS G 83 -48.46 -26.65 -19.19
C HIS G 83 -48.42 -26.10 -17.77
N LEU G 84 -47.45 -26.54 -16.98
CA LEU G 84 -47.24 -26.00 -15.65
C LEU G 84 -46.96 -24.50 -15.70
N GLN G 85 -46.12 -24.07 -16.63
CA GLN G 85 -45.83 -22.64 -16.75
C GLN G 85 -47.08 -21.85 -17.10
N LEU G 86 -47.86 -22.33 -18.06
CA LEU G 86 -49.09 -21.63 -18.42
C LEU G 86 -50.03 -21.53 -17.23
N ALA G 87 -50.25 -22.65 -16.55
CA ALA G 87 -51.07 -22.65 -15.35
C ALA G 87 -50.62 -21.60 -14.35
N ILE G 88 -49.33 -21.60 -14.03
CA ILE G 88 -48.82 -20.71 -13.00
C ILE G 88 -48.95 -19.25 -13.42
N ARG G 89 -48.54 -18.92 -14.64
CA ARG G 89 -48.50 -17.52 -15.03
C ARG G 89 -49.87 -16.95 -15.39
N ASN G 90 -50.84 -17.78 -15.69
CA ASN G 90 -52.19 -17.27 -15.92
C ASN G 90 -53.05 -17.23 -14.67
N ASP G 91 -52.53 -17.63 -13.51
CA ASP G 91 -53.26 -17.56 -12.26
C ASP G 91 -52.62 -16.48 -11.40
N GLU G 92 -53.45 -15.59 -10.87
CA GLU G 92 -52.94 -14.38 -10.23
C GLU G 92 -52.16 -14.68 -8.97
N GLU G 93 -52.57 -15.70 -8.22
CA GLU G 93 -51.99 -15.98 -6.92
C GLU G 93 -50.78 -16.91 -6.98
N LEU G 94 -50.84 -17.96 -7.79
CA LEU G 94 -49.70 -18.85 -7.94
C LEU G 94 -48.50 -18.13 -8.53
N ASN G 95 -48.75 -17.17 -9.42
CA ASN G 95 -47.66 -16.36 -9.95
C ASN G 95 -47.00 -15.53 -8.85
N LYS G 96 -47.81 -14.96 -7.96
CA LYS G 96 -47.28 -14.21 -6.83
C LYS G 96 -46.46 -15.10 -5.92
N LEU G 97 -46.94 -16.33 -5.67
CA LEU G 97 -46.19 -17.26 -4.86
C LEU G 97 -44.89 -17.68 -5.54
N LEU G 98 -44.93 -17.87 -6.85
CA LEU G 98 -43.81 -18.39 -7.62
C LEU G 98 -43.30 -17.36 -8.63
N GLY G 99 -43.13 -16.12 -8.18
CA GLY G 99 -42.74 -15.06 -9.09
C GLY G 99 -41.25 -14.89 -9.25
N ARG G 100 -40.47 -15.43 -8.31
CA ARG G 100 -39.02 -15.43 -8.41
C ARG G 100 -38.49 -16.79 -8.80
N VAL G 101 -39.20 -17.49 -9.69
CA VAL G 101 -38.93 -18.87 -10.07
C VAL G 101 -38.94 -18.96 -11.59
N THR G 102 -38.00 -19.73 -12.12
CA THR G 102 -37.95 -20.05 -13.54
C THR G 102 -38.08 -21.56 -13.69
N ILE G 103 -38.92 -21.96 -14.64
CA ILE G 103 -39.30 -23.35 -14.83
C ILE G 103 -38.65 -23.85 -16.11
N ALA G 104 -37.85 -24.89 -15.98
CA ALA G 104 -37.08 -25.41 -17.10
C ALA G 104 -38.00 -25.94 -18.19
N GLN G 105 -37.66 -25.60 -19.42
CA GLN G 105 -38.42 -26.01 -20.60
C GLN G 105 -39.86 -25.52 -20.56
N GLY G 106 -40.08 -24.33 -20.02
CA GLY G 106 -41.41 -23.76 -19.93
C GLY G 106 -41.70 -22.65 -20.91
N GLY G 107 -40.69 -21.90 -21.30
CA GLY G 107 -40.90 -20.82 -22.23
C GLY G 107 -41.52 -19.59 -21.58
N VAL G 108 -42.21 -18.81 -22.40
CA VAL G 108 -42.87 -17.58 -21.97
C VAL G 108 -44.30 -17.60 -22.43
N LEU G 109 -45.10 -16.73 -21.83
CA LEU G 109 -46.45 -16.48 -22.32
C LEU G 109 -46.39 -15.60 -23.56
N PRO G 110 -47.20 -15.90 -24.58
CA PRO G 110 -47.30 -14.99 -25.72
C PRO G 110 -47.78 -13.60 -25.29
N ASN G 111 -47.08 -12.59 -25.79
CA ASN G 111 -47.40 -11.21 -25.43
C ASN G 111 -46.81 -10.28 -26.47
N ILE G 112 -47.69 -9.65 -27.25
CA ILE G 112 -47.33 -8.58 -28.16
C ILE G 112 -48.20 -7.39 -27.83
N GLN G 113 -47.69 -6.20 -28.13
CA GLN G 113 -48.36 -4.97 -27.74
C GLN G 113 -48.14 -3.89 -28.79
N ALA G 114 -49.19 -3.12 -29.03
CA ALA G 114 -49.11 -2.01 -29.96
C ALA G 114 -48.47 -0.79 -29.31
N VAL G 115 -47.84 0.04 -30.14
CA VAL G 115 -47.17 1.24 -29.66
C VAL G 115 -48.20 2.38 -29.61
N ARG H 34 -31.82 -45.72 -1.88
CA ARG H 34 -30.97 -44.65 -1.27
C ARG H 34 -31.51 -43.27 -1.58
N LYS H 35 -32.08 -43.09 -2.77
CA LYS H 35 -32.72 -41.83 -3.11
C LYS H 35 -34.22 -41.93 -2.92
N GLU H 36 -34.83 -40.82 -2.48
CA GLU H 36 -36.24 -40.78 -2.15
C GLU H 36 -36.87 -39.52 -2.72
N SER H 37 -38.18 -39.58 -2.95
CA SER H 37 -38.89 -38.55 -3.69
C SER H 37 -40.36 -38.58 -3.32
N TYR H 38 -41.11 -37.67 -3.94
CA TYR H 38 -42.55 -37.52 -3.74
C TYR H 38 -43.39 -37.98 -4.92
N SER H 39 -42.81 -38.74 -5.85
CA SER H 39 -43.49 -39.04 -7.11
C SER H 39 -44.73 -39.90 -6.91
N VAL H 40 -44.67 -40.85 -5.99
CA VAL H 40 -45.80 -41.76 -5.76
C VAL H 40 -47.05 -40.96 -5.44
N TYR H 41 -46.92 -39.99 -4.55
CA TYR H 41 -48.06 -39.28 -4.03
C TYR H 41 -48.58 -38.26 -5.04
N VAL H 42 -47.68 -37.66 -5.82
CA VAL H 42 -48.08 -36.81 -6.92
C VAL H 42 -48.90 -37.60 -7.93
N TYR H 43 -48.46 -38.81 -8.26
CA TYR H 43 -49.20 -39.63 -9.20
C TYR H 43 -50.59 -39.98 -8.67
N LYS H 44 -50.67 -40.31 -7.38
CA LYS H 44 -51.97 -40.56 -6.77
C LYS H 44 -52.89 -39.35 -6.87
N VAL H 45 -52.41 -38.19 -6.47
CA VAL H 45 -53.22 -36.98 -6.53
C VAL H 45 -53.68 -36.71 -7.96
N LEU H 46 -52.80 -36.93 -8.94
CA LEU H 46 -53.15 -36.71 -10.33
C LEU H 46 -54.26 -37.66 -10.77
N LYS H 47 -54.13 -38.94 -10.44
CA LYS H 47 -55.18 -39.88 -10.78
C LYS H 47 -56.46 -39.60 -10.02
N GLN H 48 -56.37 -38.75 -9.01
CA GLN H 48 -57.53 -38.36 -8.21
C GLN H 48 -58.22 -37.13 -8.77
N VAL H 49 -57.50 -36.24 -9.45
CA VAL H 49 -58.14 -35.08 -10.06
C VAL H 49 -58.37 -35.27 -11.56
N HIS H 50 -57.41 -35.85 -12.27
CA HIS H 50 -57.51 -36.08 -13.71
C HIS H 50 -57.20 -37.54 -14.02
N PRO H 51 -58.22 -38.40 -13.97
CA PRO H 51 -57.97 -39.84 -14.14
C PRO H 51 -57.47 -40.25 -15.51
N ASP H 52 -57.73 -39.45 -16.53
CA ASP H 52 -57.36 -39.76 -17.91
C ASP H 52 -55.99 -39.24 -18.31
N THR H 53 -55.25 -38.60 -17.41
CA THR H 53 -54.13 -37.75 -17.78
C THR H 53 -52.85 -38.24 -17.13
N GLY H 54 -51.78 -38.34 -17.94
CA GLY H 54 -50.48 -38.73 -17.45
C GLY H 54 -49.60 -37.53 -17.16
N ILE H 55 -48.33 -37.84 -16.89
CA ILE H 55 -47.33 -36.83 -16.58
C ILE H 55 -45.97 -37.35 -16.97
N SER H 56 -45.16 -36.48 -17.56
CA SER H 56 -43.84 -36.86 -18.02
C SER H 56 -42.83 -36.79 -16.89
N SER H 57 -41.63 -37.29 -17.18
CA SER H 57 -40.59 -37.38 -16.16
C SER H 57 -39.94 -36.04 -15.87
N LYS H 58 -39.83 -35.17 -16.87
CA LYS H 58 -39.29 -33.85 -16.64
C LYS H 58 -40.21 -33.03 -15.75
N ALA H 59 -41.52 -33.18 -15.93
CA ALA H 59 -42.48 -32.41 -15.16
C ALA H 59 -42.52 -32.85 -13.70
N MET H 60 -42.42 -34.14 -13.44
CA MET H 60 -42.46 -34.59 -12.06
C MET H 60 -41.23 -34.13 -11.30
N GLY H 61 -40.12 -33.91 -11.98
CA GLY H 61 -38.99 -33.26 -11.34
C GLY H 61 -39.34 -31.86 -10.89
N ILE H 62 -40.05 -31.12 -11.72
CA ILE H 62 -40.50 -29.78 -11.35
C ILE H 62 -41.43 -29.83 -10.16
N MET H 63 -42.31 -30.82 -10.12
CA MET H 63 -43.24 -30.93 -9.00
C MET H 63 -42.54 -31.33 -7.71
N ASN H 64 -41.58 -32.24 -7.79
CA ASN H 64 -40.77 -32.59 -6.64
C ASN H 64 -40.00 -31.41 -6.11
N SER H 65 -39.47 -30.59 -7.02
CA SER H 65 -38.78 -29.37 -6.59
C SER H 65 -39.76 -28.40 -5.94
N PHE H 66 -40.97 -28.34 -6.47
CA PHE H 66 -42.01 -27.50 -5.89
C PHE H 66 -42.31 -27.90 -4.46
N VAL H 67 -42.44 -29.19 -4.20
CA VAL H 67 -42.81 -29.64 -2.86
C VAL H 67 -41.68 -29.38 -1.87
N ASN H 68 -40.44 -29.55 -2.29
CA ASN H 68 -39.31 -29.34 -1.38
C ASN H 68 -39.15 -27.87 -1.02
N ASP H 69 -39.52 -26.96 -1.93
CA ASP H 69 -39.36 -25.54 -1.68
C ASP H 69 -40.35 -25.02 -0.66
N ILE H 70 -41.63 -25.39 -0.80
CA ILE H 70 -42.67 -24.91 0.10
C ILE H 70 -42.46 -25.44 1.51
N PHE H 71 -42.09 -26.71 1.62
CA PHE H 71 -41.73 -27.29 2.90
C PHE H 71 -40.69 -26.44 3.61
N GLU H 72 -39.61 -26.10 2.91
CA GLU H 72 -38.53 -25.35 3.52
C GLU H 72 -39.01 -23.98 3.99
N ARG H 73 -39.79 -23.28 3.17
CA ARG H 73 -40.29 -21.97 3.53
C ARG H 73 -41.15 -22.03 4.78
N ILE H 74 -42.13 -22.93 4.79
CA ILE H 74 -43.05 -22.99 5.90
C ILE H 74 -42.32 -23.36 7.18
N ALA H 75 -41.45 -24.37 7.12
CA ALA H 75 -40.73 -24.78 8.30
C ALA H 75 -39.75 -23.72 8.77
N GLY H 76 -39.17 -22.96 7.86
CA GLY H 76 -38.32 -21.86 8.25
C GLY H 76 -39.05 -20.78 9.00
N GLU H 77 -40.22 -20.37 8.50
CA GLU H 77 -41.02 -19.41 9.26
C GLU H 77 -41.44 -19.95 10.60
N ALA H 78 -41.84 -21.21 10.65
CA ALA H 78 -42.27 -21.79 11.90
C ALA H 78 -41.13 -21.86 12.90
N SER H 79 -39.90 -22.01 12.41
CA SER H 79 -38.74 -22.02 13.29
C SER H 79 -38.55 -20.67 13.97
N ARG H 80 -38.75 -19.59 13.23
CA ARG H 80 -38.51 -18.25 13.76
C ARG H 80 -39.59 -17.83 14.76
N LEU H 81 -40.85 -18.07 14.43
CA LEU H 81 -41.94 -17.71 15.33
C LEU H 81 -41.74 -18.33 16.70
N ALA H 82 -41.22 -19.55 16.75
CA ALA H 82 -40.97 -20.19 18.02
C ALA H 82 -39.77 -19.60 18.72
N HIS H 83 -38.80 -19.12 17.94
CA HIS H 83 -37.63 -18.46 18.53
C HIS H 83 -37.99 -17.07 19.01
N TYR H 84 -38.76 -16.31 18.23
CA TYR H 84 -39.17 -14.98 18.65
C TYR H 84 -39.92 -15.02 19.97
N ASN H 85 -40.73 -16.04 20.18
CA ASN H 85 -41.59 -16.15 21.35
C ASN H 85 -41.02 -17.10 22.40
N LYS H 86 -39.79 -17.53 22.25
CA LYS H 86 -39.09 -18.33 23.25
C LYS H 86 -39.80 -19.64 23.51
N ARG H 87 -40.03 -20.39 22.44
CA ARG H 87 -40.65 -21.70 22.52
C ARG H 87 -39.70 -22.73 21.93
N SER H 88 -39.73 -23.92 22.49
CA SER H 88 -38.85 -25.00 22.04
C SER H 88 -39.56 -26.05 21.22
N THR H 89 -40.81 -25.84 20.87
CA THR H 89 -41.63 -26.83 20.21
C THR H 89 -42.35 -26.20 19.04
N ILE H 90 -42.40 -26.92 17.92
CA ILE H 90 -43.16 -26.52 16.75
C ILE H 90 -44.47 -27.30 16.73
N THR H 91 -45.58 -26.57 16.67
CA THR H 91 -46.91 -27.16 16.69
C THR H 91 -47.66 -26.78 15.42
N SER H 92 -48.94 -27.13 15.40
CA SER H 92 -49.79 -26.81 14.26
C SER H 92 -50.11 -25.33 14.18
N ARG H 93 -50.05 -24.62 15.31
CA ARG H 93 -50.29 -23.19 15.31
C ARG H 93 -49.19 -22.43 14.59
N GLU H 94 -47.94 -22.84 14.78
CA GLU H 94 -46.84 -22.23 14.06
C GLU H 94 -46.98 -22.46 12.55
N ILE H 95 -47.35 -23.66 12.15
CA ILE H 95 -47.52 -23.95 10.74
C ILE H 95 -48.67 -23.12 10.16
N GLN H 96 -49.74 -22.98 10.92
CA GLN H 96 -50.89 -22.20 10.48
C GLN H 96 -50.50 -20.73 10.26
N THR H 97 -49.79 -20.15 11.21
CA THR H 97 -49.34 -18.78 11.06
C THR H 97 -48.38 -18.61 9.90
N ALA H 98 -47.46 -19.55 9.71
CA ALA H 98 -46.56 -19.50 8.58
C ALA H 98 -47.33 -19.57 7.26
N VAL H 99 -48.35 -20.42 7.20
CA VAL H 99 -49.19 -20.50 6.01
C VAL H 99 -49.84 -19.16 5.73
N ARG H 100 -50.38 -18.52 6.77
CA ARG H 100 -51.00 -17.22 6.56
C ARG H 100 -50.01 -16.20 6.05
N LEU H 101 -48.79 -16.21 6.58
CA LEU H 101 -47.79 -15.24 6.16
C LEU H 101 -47.33 -15.48 4.71
N LEU H 102 -47.00 -16.72 4.37
CA LEU H 102 -46.47 -17.00 3.04
C LEU H 102 -47.53 -16.86 1.96
N LEU H 103 -48.58 -17.65 2.04
CA LEU H 103 -49.48 -17.82 0.92
C LEU H 103 -50.36 -16.59 0.73
N PRO H 104 -50.68 -16.23 -0.51
CA PRO H 104 -51.54 -15.07 -0.75
C PRO H 104 -53.01 -15.40 -0.80
N GLY H 105 -53.79 -14.58 -0.10
CA GLY H 105 -55.23 -14.52 -0.25
C GLY H 105 -56.01 -15.80 -0.05
N GLU H 106 -56.85 -16.10 -1.04
CA GLU H 106 -57.80 -17.20 -0.95
C GLU H 106 -57.11 -18.54 -0.83
N LEU H 107 -55.88 -18.63 -1.33
CA LEU H 107 -55.12 -19.86 -1.30
C LEU H 107 -54.76 -20.25 0.13
N ALA H 108 -54.39 -19.25 0.94
CA ALA H 108 -54.14 -19.47 2.36
C ALA H 108 -55.40 -19.91 3.09
N LYS H 109 -56.52 -19.28 2.77
CA LYS H 109 -57.80 -19.64 3.36
C LYS H 109 -58.10 -21.13 3.17
N HIS H 110 -58.01 -21.59 1.93
CA HIS H 110 -58.32 -23.00 1.66
C HIS H 110 -57.29 -23.93 2.27
N ALA H 111 -56.02 -23.54 2.27
CA ALA H 111 -55.00 -24.38 2.89
C ALA H 111 -55.24 -24.54 4.38
N VAL H 112 -55.60 -23.45 5.05
CA VAL H 112 -55.93 -23.52 6.47
C VAL H 112 -57.12 -24.44 6.70
N SER H 113 -58.16 -24.32 5.89
CA SER H 113 -59.30 -25.22 6.05
C SER H 113 -58.86 -26.69 5.95
N GLU H 114 -58.08 -27.01 4.92
CA GLU H 114 -57.68 -28.40 4.73
C GLU H 114 -56.85 -28.92 5.88
N GLY H 115 -55.86 -28.16 6.33
CA GLY H 115 -55.04 -28.61 7.43
C GLY H 115 -55.82 -28.80 8.71
N THR H 116 -56.70 -27.86 9.02
CA THR H 116 -57.56 -27.99 10.19
C THR H 116 -58.42 -29.25 10.12
N LYS H 117 -59.02 -29.56 8.97
CA LYS H 117 -59.80 -30.79 8.87
C LYS H 117 -58.93 -32.02 9.09
N ALA H 118 -57.74 -32.03 8.51
CA ALA H 118 -56.86 -33.18 8.65
C ALA H 118 -56.56 -33.44 10.13
N VAL H 119 -56.15 -32.40 10.85
CA VAL H 119 -55.85 -32.58 12.26
C VAL H 119 -57.10 -33.02 13.01
N THR H 120 -58.23 -32.40 12.72
CA THR H 120 -59.47 -32.74 13.41
C THR H 120 -59.79 -34.22 13.30
N LYS H 121 -59.72 -34.78 12.10
CA LYS H 121 -60.10 -36.18 11.98
C LYS H 121 -58.94 -37.13 12.29
N TYR H 122 -57.73 -36.62 12.41
CA TYR H 122 -56.64 -37.43 12.96
C TYR H 122 -56.83 -37.64 14.45
N THR H 123 -57.21 -36.58 15.16
CA THR H 123 -57.37 -36.68 16.60
C THR H 123 -58.55 -37.56 17.00
N SER H 124 -59.59 -37.60 16.17
CA SER H 124 -60.83 -38.25 16.57
C SER H 124 -60.80 -39.76 16.37
N SER H 125 -59.75 -40.28 15.78
CA SER H 125 -59.58 -41.71 15.60
C SER H 125 -59.04 -42.41 16.84
N MET K 1 5.41 -16.56 -4.77
CA MET K 1 5.36 -17.17 -6.12
C MET K 1 4.00 -17.01 -6.77
N ASP K 2 3.89 -17.43 -8.02
CA ASP K 2 2.64 -17.30 -8.74
C ASP K 2 1.56 -18.13 -8.07
N GLU K 3 0.33 -17.61 -8.09
CA GLU K 3 -0.78 -18.29 -7.42
C GLU K 3 -1.11 -19.61 -8.08
N THR K 4 -0.61 -19.86 -9.29
CA THR K 4 -0.93 -21.09 -10.00
C THR K 4 0.02 -22.22 -9.64
N VAL K 5 1.20 -21.90 -9.10
CA VAL K 5 2.13 -22.95 -8.69
C VAL K 5 1.91 -23.31 -7.23
N ALA K 6 1.48 -22.36 -6.41
CA ALA K 6 1.15 -22.66 -5.02
C ALA K 6 0.06 -23.73 -4.95
N GLU K 7 -1.01 -23.55 -5.73
CA GLU K 7 -2.09 -24.53 -5.74
C GLU K 7 -1.59 -25.87 -6.24
N PHE K 8 -0.74 -25.86 -7.27
CA PHE K 8 -0.18 -27.09 -7.80
C PHE K 8 0.57 -27.86 -6.72
N ILE K 9 1.44 -27.17 -5.99
CA ILE K 9 2.25 -27.84 -4.98
C ILE K 9 1.36 -28.31 -3.83
N LYS K 10 0.39 -27.50 -3.43
CA LYS K 10 -0.52 -27.90 -2.36
C LYS K 10 -1.29 -29.16 -2.74
N ARG K 11 -1.87 -29.18 -3.94
CA ARG K 11 -2.61 -30.34 -4.38
C ARG K 11 -1.72 -31.57 -4.47
N THR K 12 -0.47 -31.38 -4.94
CA THR K 12 0.45 -32.50 -5.04
C THR K 12 0.77 -33.06 -3.66
N ILE K 13 0.99 -32.19 -2.68
CA ILE K 13 1.39 -32.65 -1.36
C ILE K 13 0.23 -33.30 -0.62
N LEU K 14 -1.00 -32.81 -0.83
CA LEU K 14 -2.14 -33.40 -0.15
C LEU K 14 -2.41 -34.83 -0.60
N LYS K 15 -1.81 -35.27 -1.70
CA LYS K 15 -2.00 -36.62 -2.20
C LYS K 15 -1.08 -37.63 -1.53
N ILE K 16 -0.14 -37.19 -0.72
CA ILE K 16 0.94 -38.03 -0.22
C ILE K 16 0.57 -38.54 1.17
N PRO K 17 0.61 -39.85 1.42
CA PRO K 17 0.33 -40.35 2.76
C PRO K 17 1.28 -39.77 3.79
N MET K 18 0.76 -39.54 5.00
CA MET K 18 1.59 -39.09 6.09
C MET K 18 2.67 -40.10 6.45
N ASN K 19 2.47 -41.36 6.08
CA ASN K 19 3.45 -42.41 6.38
C ASN K 19 4.75 -42.22 5.61
N GLU K 20 4.74 -41.46 4.52
CA GLU K 20 5.92 -41.30 3.69
C GLU K 20 6.13 -39.88 3.17
N LEU K 21 5.53 -38.87 3.79
CA LEU K 21 5.71 -37.50 3.33
C LEU K 21 7.15 -37.04 3.50
N THR K 22 7.76 -37.38 4.63
CA THR K 22 9.12 -36.91 4.93
C THR K 22 10.12 -37.46 3.93
N THR K 23 9.98 -38.72 3.53
CA THR K 23 10.91 -39.30 2.55
C THR K 23 10.85 -38.54 1.22
N ILE K 24 9.63 -38.27 0.74
CA ILE K 24 9.47 -37.54 -0.50
C ILE K 24 10.09 -36.15 -0.37
N LEU K 25 9.82 -35.47 0.75
CA LEU K 25 10.35 -34.14 0.94
C LEU K 25 11.88 -34.15 0.94
N LYS K 26 12.47 -35.15 1.60
CA LYS K 26 13.92 -35.25 1.64
C LYS K 26 14.50 -35.48 0.26
N ALA K 27 13.87 -36.33 -0.54
CA ALA K 27 14.35 -36.54 -1.91
C ALA K 27 14.24 -35.25 -2.72
N TRP K 28 13.15 -34.52 -2.55
CA TRP K 28 12.96 -33.27 -3.29
C TRP K 28 14.06 -32.27 -2.94
N ASP K 29 14.37 -32.12 -1.66
CA ASP K 29 15.52 -31.38 -1.16
C ASP K 29 15.41 -29.88 -1.38
N PHE K 30 14.28 -29.40 -1.89
CA PHE K 30 14.09 -27.96 -2.05
C PHE K 30 14.11 -27.27 -0.69
N LEU K 31 13.48 -27.89 0.30
CA LEU K 31 13.51 -27.37 1.66
C LEU K 31 14.65 -28.02 2.45
N SER K 32 15.34 -27.20 3.24
CA SER K 32 16.46 -27.70 4.02
C SER K 32 15.97 -28.55 5.18
N GLU K 33 16.86 -29.43 5.66
CA GLU K 33 16.50 -30.32 6.76
C GLU K 33 16.15 -29.54 8.02
N ASN K 34 16.76 -28.38 8.23
CA ASN K 34 16.39 -27.56 9.37
C ASN K 34 14.95 -27.11 9.29
N GLN K 35 14.53 -26.66 8.10
CA GLN K 35 13.14 -26.25 7.92
C GLN K 35 12.20 -27.41 8.14
N LEU K 36 12.58 -28.60 7.69
CA LEU K 36 11.77 -29.80 7.95
C LEU K 36 11.65 -30.05 9.45
N GLN K 37 12.77 -29.96 10.18
CA GLN K 37 12.72 -30.14 11.62
C GLN K 37 11.84 -29.09 12.29
N THR K 38 11.73 -27.91 11.69
CA THR K 38 10.88 -26.87 12.25
C THR K 38 9.41 -27.26 12.23
N VAL K 39 9.03 -28.21 11.36
CA VAL K 39 7.62 -28.46 11.11
C VAL K 39 7.10 -29.55 12.05
N ASN K 40 5.79 -29.50 12.32
CA ASN K 40 5.11 -30.52 13.09
C ASN K 40 4.31 -31.40 12.14
N PHE K 41 4.56 -32.71 12.18
CA PHE K 41 3.94 -33.66 11.27
C PHE K 41 2.83 -34.47 11.93
N ARG K 42 2.31 -34.01 13.07
CA ARG K 42 1.25 -34.73 13.78
C ARG K 42 -0.10 -34.04 13.70
N GLN K 43 -0.13 -32.73 13.58
CA GLN K 43 -1.40 -32.04 13.38
C GLN K 43 -1.97 -32.37 12.01
N ARG K 44 -3.25 -32.06 11.83
CA ARG K 44 -3.96 -32.47 10.62
C ARG K 44 -3.23 -31.96 9.38
N LYS K 45 -3.57 -32.56 8.24
CA LYS K 45 -2.78 -32.38 7.02
C LYS K 45 -2.86 -30.95 6.50
N GLU K 46 -4.03 -30.31 6.63
CA GLU K 46 -4.20 -28.98 6.06
C GLU K 46 -3.21 -27.99 6.67
N SER K 47 -3.04 -28.04 7.99
CA SER K 47 -2.09 -27.13 8.64
C SER K 47 -0.65 -27.44 8.25
N VAL K 48 -0.31 -28.73 8.14
CA VAL K 48 1.03 -29.11 7.72
C VAL K 48 1.35 -28.54 6.36
N VAL K 49 0.43 -28.69 5.41
CA VAL K 49 0.69 -28.18 4.07
C VAL K 49 0.67 -26.65 4.06
N GLN K 50 -0.14 -26.03 4.91
CA GLN K 50 -0.07 -24.58 5.04
C GLN K 50 1.32 -24.14 5.45
N HIS K 51 1.89 -24.82 6.44
CA HIS K 51 3.24 -24.47 6.90
C HIS K 51 4.27 -24.68 5.80
N LEU K 52 4.21 -25.84 5.12
CA LEU K 52 5.18 -26.11 4.07
C LEU K 52 5.05 -25.12 2.92
N ILE K 53 3.83 -24.70 2.61
CA ILE K 53 3.62 -23.73 1.55
C ILE K 53 4.17 -22.38 1.96
N HIS K 54 4.03 -22.02 3.24
CA HIS K 54 4.66 -20.78 3.71
C HIS K 54 6.18 -20.86 3.57
N LEU K 55 6.76 -22.02 3.89
CA LEU K 55 8.19 -22.18 3.70
C LEU K 55 8.58 -22.01 2.24
N CYS K 56 7.82 -22.61 1.33
CA CYS K 56 8.10 -22.44 -0.09
C CYS K 56 7.97 -20.98 -0.51
N GLU K 57 7.00 -20.25 0.05
CA GLU K 57 6.85 -18.84 -0.22
C GLU K 57 8.06 -18.03 0.24
N GLU K 58 8.60 -18.33 1.41
CA GLU K 58 9.81 -17.65 1.85
C GLU K 58 10.92 -17.79 0.81
N LYS K 59 11.10 -18.99 0.28
CA LYS K 59 12.00 -19.19 -0.85
C LYS K 59 11.26 -18.75 -2.12
N ARG K 60 11.82 -19.08 -3.28
CA ARG K 60 11.24 -18.71 -4.56
C ARG K 60 11.14 -19.98 -5.41
N ALA K 61 9.97 -20.61 -5.38
CA ALA K 61 9.79 -21.88 -6.07
C ALA K 61 9.21 -21.64 -7.46
N SER K 62 9.74 -22.37 -8.44
CA SER K 62 9.31 -22.25 -9.82
C SER K 62 8.66 -23.55 -10.28
N ILE K 63 7.98 -23.47 -11.42
CA ILE K 63 7.25 -24.62 -11.93
C ILE K 63 8.18 -25.79 -12.15
N SER K 64 9.49 -25.54 -12.26
CA SER K 64 10.44 -26.63 -12.41
C SER K 64 10.54 -27.45 -11.12
N ASP K 65 10.55 -26.78 -9.98
CA ASP K 65 10.63 -27.48 -8.70
C ASP K 65 9.39 -28.34 -8.48
N ALA K 66 8.22 -27.80 -8.77
CA ALA K 66 6.99 -28.56 -8.63
C ALA K 66 6.94 -29.74 -9.59
N ALA K 67 7.45 -29.56 -10.80
CA ALA K 67 7.54 -30.68 -11.74
C ALA K 67 8.48 -31.76 -11.20
N LEU K 68 9.59 -31.36 -10.58
CA LEU K 68 10.49 -32.33 -9.97
C LEU K 68 9.77 -33.10 -8.86
N LEU K 69 8.99 -32.38 -8.05
CA LEU K 69 8.24 -33.04 -7.00
C LEU K 69 7.24 -34.04 -7.58
N ASP K 70 6.53 -33.65 -8.62
CA ASP K 70 5.57 -34.56 -9.25
C ASP K 70 6.28 -35.79 -9.82
N ILE K 71 7.43 -35.62 -10.45
CA ILE K 71 8.18 -36.76 -10.95
C ILE K 71 8.52 -37.70 -9.80
N ILE K 72 9.04 -37.14 -8.70
CA ILE K 72 9.42 -37.98 -7.58
C ILE K 72 8.22 -38.73 -7.03
N TYR K 73 7.07 -38.05 -6.95
CA TYR K 73 5.85 -38.70 -6.48
C TYR K 73 5.50 -39.92 -7.31
N MET K 74 5.63 -39.83 -8.64
CA MET K 74 5.23 -40.94 -9.49
C MET K 74 6.24 -42.08 -9.45
N GLN K 75 7.50 -41.80 -9.08
CA GLN K 75 8.46 -42.89 -8.92
C GLN K 75 8.01 -43.86 -7.86
N PHE K 76 7.28 -43.38 -6.86
CA PHE K 76 6.85 -44.22 -5.75
C PHE K 76 5.50 -44.85 -6.04
N HIS K 77 4.63 -44.11 -6.73
CA HIS K 77 3.24 -44.52 -6.98
C HIS K 77 3.03 -44.95 -8.42
N GLN K 78 3.98 -45.70 -8.98
CA GLN K 78 3.90 -46.09 -10.39
C GLN K 78 2.56 -46.71 -10.73
N HIS K 79 2.00 -47.52 -9.83
CA HIS K 79 0.81 -48.29 -10.14
C HIS K 79 -0.41 -47.43 -10.44
N GLN K 80 -0.39 -46.13 -10.09
CA GLN K 80 -1.54 -45.28 -10.37
C GLN K 80 -1.86 -45.22 -11.85
N LYS K 81 -0.87 -45.47 -12.71
CA LYS K 81 -1.00 -45.26 -14.14
C LYS K 81 -0.86 -46.56 -14.90
N VAL K 82 -1.39 -46.58 -16.12
CA VAL K 82 -1.21 -47.70 -17.03
C VAL K 82 -0.02 -47.40 -17.93
N TRP K 83 0.86 -48.39 -18.10
CA TRP K 83 2.13 -48.19 -18.78
C TRP K 83 2.17 -49.00 -20.06
N ASP K 84 2.68 -48.36 -21.12
CA ASP K 84 2.76 -48.96 -22.44
C ASP K 84 4.20 -48.93 -22.91
N VAL K 85 4.55 -49.87 -23.79
CA VAL K 85 5.93 -50.08 -24.22
C VAL K 85 6.08 -49.60 -25.66
N PHE K 86 7.26 -49.08 -25.98
CA PHE K 86 7.63 -48.70 -27.33
C PHE K 86 9.03 -49.23 -27.63
N GLN K 87 9.25 -49.56 -28.90
CA GLN K 87 10.53 -50.14 -29.34
C GLN K 87 11.10 -49.29 -30.46
N MET K 88 12.42 -49.12 -30.47
CA MET K 88 13.12 -48.31 -31.44
C MET K 88 14.16 -49.15 -32.17
N SER K 89 14.36 -48.86 -33.45
CA SER K 89 15.17 -49.74 -34.29
C SER K 89 15.98 -48.89 -35.27
N LYS K 90 16.68 -49.57 -36.17
CA LYS K 90 17.44 -48.94 -37.26
C LYS K 90 18.48 -47.96 -36.73
N GLY K 91 19.24 -48.41 -35.73
CA GLY K 91 20.29 -47.58 -35.15
C GLY K 91 21.46 -48.39 -34.64
N PHE K 99 24.76 -40.93 -29.09
CA PHE K 99 24.72 -39.61 -28.46
C PHE K 99 24.73 -39.74 -26.94
N ASP K 100 25.33 -38.76 -26.28
CA ASP K 100 25.37 -38.75 -24.82
C ASP K 100 24.04 -38.22 -24.28
N MET K 101 23.91 -38.29 -22.95
CA MET K 101 22.64 -37.94 -22.32
C MET K 101 22.28 -36.48 -22.52
N LYS K 102 23.26 -35.58 -22.40
CA LYS K 102 22.99 -34.15 -22.52
C LYS K 102 22.47 -33.80 -23.91
N GLN K 103 23.08 -34.37 -24.95
CA GLN K 103 22.60 -34.14 -26.31
C GLN K 103 21.17 -34.62 -26.48
N PHE K 104 20.87 -35.80 -25.95
CA PHE K 104 19.51 -36.32 -26.00
C PHE K 104 18.54 -35.35 -25.34
N LYS K 105 18.89 -34.88 -24.14
CA LYS K 105 18.03 -33.94 -23.43
C LYS K 105 17.75 -32.71 -24.27
N ASN K 106 18.81 -32.09 -24.79
CA ASN K 106 18.63 -30.85 -25.53
C ASN K 106 17.84 -31.08 -26.81
N SER K 107 18.11 -32.17 -27.52
CA SER K 107 17.40 -32.43 -28.78
C SER K 107 15.92 -32.69 -28.53
N PHE K 108 15.60 -33.52 -27.54
CA PHE K 108 14.21 -33.77 -27.19
C PHE K 108 13.49 -32.48 -26.85
N LYS K 109 14.08 -31.70 -25.95
CA LYS K 109 13.46 -30.45 -25.53
C LYS K 109 13.25 -29.51 -26.71
N LYS K 110 14.26 -29.39 -27.57
CA LYS K 110 14.18 -28.43 -28.67
C LYS K 110 13.18 -28.89 -29.72
N ILE K 111 13.10 -30.19 -29.97
CA ILE K 111 12.08 -30.71 -30.88
C ILE K 111 10.70 -30.33 -30.39
N LEU K 112 10.40 -30.60 -29.12
CA LEU K 112 9.07 -30.29 -28.61
C LEU K 112 8.80 -28.80 -28.62
N GLN K 113 9.80 -28.00 -28.23
CA GLN K 113 9.61 -26.56 -28.20
C GLN K 113 9.41 -25.98 -29.60
N ARG K 114 10.02 -26.60 -30.61
CA ARG K 114 9.82 -26.15 -31.98
C ARG K 114 8.43 -26.51 -32.47
N ALA K 115 7.99 -27.74 -32.22
CA ALA K 115 6.65 -28.14 -32.64
C ALA K 115 5.56 -27.34 -31.92
N LEU K 116 5.75 -27.08 -30.63
CA LEU K 116 4.75 -26.43 -29.81
C LEU K 116 5.39 -25.28 -29.05
N LYS K 117 4.73 -24.13 -29.04
CA LYS K 117 5.32 -22.94 -28.46
C LYS K 117 5.39 -23.03 -26.94
N ASN K 118 4.34 -23.54 -26.31
CA ASN K 118 4.23 -23.58 -24.85
C ASN K 118 4.29 -25.02 -24.39
N VAL K 119 5.33 -25.35 -23.62
CA VAL K 119 5.50 -26.68 -23.06
C VAL K 119 6.29 -26.58 -21.77
N THR K 120 6.40 -27.71 -21.06
CA THR K 120 7.20 -27.84 -19.86
C THR K 120 7.79 -29.23 -19.84
N VAL K 121 9.12 -29.31 -19.78
CA VAL K 121 9.82 -30.59 -19.81
C VAL K 121 10.77 -30.65 -18.62
N SER K 122 11.00 -31.86 -18.12
CA SER K 122 11.83 -32.08 -16.95
C SER K 122 12.39 -33.50 -17.01
N PHE K 123 13.57 -33.66 -16.42
CA PHE K 123 14.26 -34.94 -16.39
C PHE K 123 14.71 -35.25 -14.96
N ARG K 124 14.90 -36.52 -14.69
CA ARG K 124 15.55 -36.97 -13.46
C ARG K 124 16.19 -38.32 -13.72
N GLU K 125 17.40 -38.50 -13.21
CA GLU K 125 18.14 -39.73 -13.45
C GLU K 125 17.76 -40.80 -12.43
N THR K 126 18.13 -42.03 -12.75
CA THR K 126 17.82 -43.18 -11.91
C THR K 126 18.80 -44.29 -12.26
N GLU K 127 18.89 -45.28 -11.38
CA GLU K 127 19.85 -46.36 -11.56
C GLU K 127 19.59 -47.07 -12.89
N GLU K 128 20.57 -47.89 -13.29
CA GLU K 128 20.50 -48.63 -14.55
C GLU K 128 20.44 -47.68 -15.74
N ASN K 129 21.09 -46.52 -15.60
CA ASN K 129 21.19 -45.55 -16.69
C ASN K 129 19.82 -45.08 -17.17
N ALA K 130 18.85 -45.00 -16.25
CA ALA K 130 17.51 -44.60 -16.60
C ALA K 130 17.34 -43.09 -16.50
N VAL K 131 16.38 -42.57 -17.26
CA VAL K 131 15.97 -41.17 -17.16
C VAL K 131 14.45 -41.12 -17.15
N TRP K 132 13.90 -40.38 -16.19
CA TRP K 132 12.47 -40.16 -16.10
C TRP K 132 12.13 -38.80 -16.67
N ILE K 133 11.10 -38.75 -17.51
CA ILE K 133 10.70 -37.52 -18.20
C ILE K 133 9.27 -37.20 -17.85
N ARG K 134 8.99 -35.92 -17.63
CA ARG K 134 7.64 -35.41 -17.45
C ARG K 134 7.40 -34.29 -18.47
N ILE K 135 6.31 -34.41 -19.22
CA ILE K 135 5.94 -33.42 -20.22
C ILE K 135 4.54 -32.93 -19.92
N ALA K 136 4.36 -31.61 -19.93
CA ALA K 136 3.06 -30.99 -19.83
C ALA K 136 2.78 -30.28 -21.14
N TRP K 137 1.71 -30.68 -21.82
CA TRP K 137 1.46 -30.30 -23.19
C TRP K 137 0.73 -28.98 -23.27
N GLY K 138 1.12 -28.15 -24.24
CA GLY K 138 0.45 -26.91 -24.51
C GLY K 138 0.09 -26.79 -25.98
N THR K 139 -0.10 -25.56 -26.46
CA THR K 139 -0.43 -25.32 -27.85
C THR K 139 0.31 -24.07 -28.31
N GLN K 140 0.00 -23.62 -29.53
CA GLN K 140 0.59 -22.39 -30.05
C GLN K 140 -0.12 -21.16 -29.52
N TYR K 141 -1.21 -21.34 -28.79
CA TYR K 141 -2.01 -20.23 -28.26
C TYR K 141 -2.18 -20.27 -26.75
N THR K 142 -2.07 -21.44 -26.13
CA THR K 142 -2.51 -21.64 -24.76
C THR K 142 -1.41 -22.22 -23.90
N LYS K 143 -1.57 -22.04 -22.59
CA LYS K 143 -0.58 -22.50 -21.62
C LYS K 143 -0.70 -24.00 -21.42
N PRO K 144 0.34 -24.64 -20.87
CA PRO K 144 0.26 -26.09 -20.66
C PRO K 144 -0.63 -26.45 -19.49
N ASN K 145 -1.08 -27.70 -19.46
CA ASN K 145 -1.87 -28.23 -18.37
C ASN K 145 -0.96 -29.06 -17.48
N GLN K 146 -0.81 -28.63 -16.24
CA GLN K 146 0.10 -29.31 -15.31
C GLN K 146 -0.52 -30.55 -14.68
N TYR K 147 -1.84 -30.72 -14.79
CA TYR K 147 -2.53 -31.81 -14.12
C TYR K 147 -2.87 -32.97 -15.04
N LYS K 148 -2.52 -32.87 -16.33
CA LYS K 148 -2.63 -33.99 -17.27
C LYS K 148 -1.32 -34.13 -18.04
N PRO K 149 -0.27 -34.59 -17.37
CA PRO K 149 1.03 -34.70 -18.04
C PRO K 149 1.21 -36.04 -18.73
N THR K 150 2.42 -36.22 -19.26
CA THR K 150 2.85 -37.47 -19.87
C THR K 150 4.22 -37.83 -19.30
N TYR K 151 4.35 -39.06 -18.80
CA TYR K 151 5.58 -39.52 -18.20
C TYR K 151 6.21 -40.60 -19.08
N VAL K 152 7.53 -40.51 -19.23
CA VAL K 152 8.29 -41.44 -20.06
C VAL K 152 9.49 -41.95 -19.28
N VAL K 153 9.74 -43.24 -19.38
CA VAL K 153 10.91 -43.88 -18.80
C VAL K 153 11.74 -44.45 -19.93
N TYR K 154 12.95 -43.93 -20.11
CA TYR K 154 13.84 -44.35 -21.18
C TYR K 154 15.17 -44.77 -20.61
N TYR K 155 15.65 -45.93 -21.05
CA TYR K 155 16.94 -46.48 -20.61
C TYR K 155 17.92 -46.33 -21.77
N SER K 156 18.96 -45.52 -21.56
CA SER K 156 19.81 -45.09 -22.66
C SER K 156 20.52 -46.27 -23.32
N GLN K 157 21.00 -47.22 -22.51
CA GLN K 157 21.72 -48.37 -23.03
C GLN K 157 20.81 -49.40 -23.68
N THR K 158 19.55 -49.07 -23.88
CA THR K 158 18.58 -49.95 -24.52
C THR K 158 17.75 -49.15 -25.50
N PRO K 159 17.12 -49.81 -26.48
CA PRO K 159 16.22 -49.11 -27.39
C PRO K 159 14.79 -49.02 -26.92
N TYR K 160 14.52 -49.39 -25.67
CA TYR K 160 13.17 -49.49 -25.14
C TYR K 160 12.77 -48.20 -24.45
N ALA K 161 11.48 -47.88 -24.51
CA ALA K 161 10.93 -46.70 -23.87
C ALA K 161 9.52 -47.03 -23.41
N PHE K 162 9.21 -46.68 -22.16
CA PHE K 162 7.91 -46.98 -21.56
C PHE K 162 7.16 -45.67 -21.36
N THR K 163 5.86 -45.71 -21.59
CA THR K 163 5.05 -44.50 -21.63
C THR K 163 3.79 -44.70 -20.79
N SER K 164 3.28 -43.61 -20.23
CA SER K 164 2.06 -43.68 -19.44
C SER K 164 0.87 -43.24 -20.28
N SER K 165 -0.30 -43.80 -19.99
CA SER K 165 -1.50 -43.49 -20.75
C SER K 165 -2.14 -42.21 -20.24
N SER K 166 -2.02 -41.14 -21.01
CA SER K 166 -2.64 -39.87 -20.65
C SER K 166 -4.10 -39.84 -21.11
N MET K 167 -4.91 -39.04 -20.43
CA MET K 167 -6.24 -38.72 -20.91
C MET K 167 -6.20 -37.54 -21.86
N LEU K 168 -5.24 -37.56 -22.78
CA LEU K 168 -5.02 -36.44 -23.69
C LEU K 168 -4.15 -36.94 -24.83
N ARG K 169 -4.75 -37.16 -25.99
CA ARG K 169 -4.04 -37.65 -27.16
C ARG K 169 -3.61 -36.48 -28.03
N ARG K 170 -3.27 -36.75 -29.29
CA ARG K 170 -2.94 -35.72 -30.26
C ARG K 170 -1.49 -35.29 -30.18
N ASN K 171 -0.71 -35.91 -29.32
CA ASN K 171 0.70 -35.59 -29.17
C ASN K 171 1.59 -36.82 -29.15
N THR K 172 1.01 -38.02 -29.23
CA THR K 172 1.80 -39.24 -29.18
C THR K 172 2.78 -39.36 -30.35
N PRO K 173 2.38 -39.17 -31.61
CA PRO K 173 3.36 -39.26 -32.69
C PRO K 173 4.51 -38.28 -32.56
N LEU K 174 4.23 -37.05 -32.11
CA LEU K 174 5.31 -36.10 -31.88
C LEU K 174 6.27 -36.61 -30.81
N LEU K 175 5.73 -37.18 -29.75
CA LEU K 175 6.58 -37.73 -28.69
C LEU K 175 7.46 -38.85 -29.23
N GLY K 176 6.88 -39.75 -30.01
CA GLY K 176 7.65 -40.84 -30.58
C GLY K 176 8.74 -40.34 -31.52
N GLN K 177 8.41 -39.35 -32.35
CA GLN K 177 9.39 -38.77 -33.26
C GLN K 177 10.52 -38.12 -32.49
N ALA K 178 10.20 -37.38 -31.43
CA ALA K 178 11.24 -36.74 -30.63
C ALA K 178 12.15 -37.78 -29.99
N LEU K 179 11.56 -38.86 -29.45
CA LEU K 179 12.38 -39.93 -28.89
C LEU K 179 13.29 -40.52 -29.94
N THR K 180 12.75 -40.75 -31.14
CA THR K 180 13.52 -41.43 -32.18
C THR K 180 14.65 -40.56 -32.70
N ILE K 181 14.42 -39.25 -32.79
CA ILE K 181 15.42 -38.34 -33.35
C ILE K 181 16.47 -37.97 -32.31
N ALA K 182 16.07 -37.60 -31.09
CA ALA K 182 17.04 -37.19 -30.09
C ALA K 182 18.03 -38.30 -29.81
N SER K 183 17.60 -39.55 -29.91
CA SER K 183 18.48 -40.68 -29.70
C SER K 183 19.09 -41.14 -31.03
N LYS K 184 19.92 -42.16 -30.95
CA LYS K 184 20.59 -42.72 -32.12
C LYS K 184 19.73 -43.75 -32.85
N HIS K 185 18.54 -43.35 -33.28
CA HIS K 185 17.61 -44.24 -33.98
C HIS K 185 16.82 -43.42 -35.00
N HIS K 186 16.05 -44.12 -35.84
CA HIS K 186 15.29 -43.44 -36.89
C HIS K 186 13.87 -43.97 -37.06
N GLN K 187 13.48 -45.02 -36.34
CA GLN K 187 12.12 -45.53 -36.35
C GLN K 187 11.72 -46.06 -34.98
N ILE K 188 10.41 -46.22 -34.80
CA ILE K 188 9.83 -46.62 -33.52
C ILE K 188 8.52 -47.34 -33.78
N VAL K 189 8.21 -48.30 -32.90
CA VAL K 189 6.97 -49.07 -33.00
C VAL K 189 6.44 -49.35 -31.59
N LYS K 190 5.21 -49.84 -31.53
CA LYS K 190 4.57 -50.19 -30.27
C LYS K 190 4.59 -51.70 -30.08
N MET K 191 4.93 -52.14 -28.88
CA MET K 191 5.00 -53.55 -28.57
C MET K 191 3.62 -54.06 -28.16
N ASP K 192 3.49 -55.39 -28.12
CA ASP K 192 2.24 -56.06 -27.78
C ASP K 192 2.03 -56.19 -26.27
N LEU K 193 2.67 -55.35 -25.46
CA LEU K 193 2.63 -55.46 -24.02
C LEU K 193 2.05 -54.18 -23.41
N ARG K 194 1.14 -54.35 -22.45
CA ARG K 194 0.59 -53.22 -21.70
C ARG K 194 0.03 -53.74 -20.39
N SER K 195 0.29 -53.00 -19.31
CA SER K 195 -0.29 -53.34 -18.01
C SER K 195 0.00 -52.20 -17.05
N ARG K 196 -0.58 -52.33 -15.85
CA ARG K 196 -0.45 -51.32 -14.82
C ARG K 196 0.85 -51.45 -14.05
N TYR K 197 1.57 -52.57 -14.19
CA TYR K 197 2.74 -52.86 -13.37
C TYR K 197 3.98 -52.67 -14.24
N LEU K 198 4.67 -51.54 -13.99
CA LEU K 198 5.81 -51.19 -14.82
C LEU K 198 6.95 -52.18 -14.68
N ASP K 199 7.20 -52.65 -13.45
CA ASP K 199 8.33 -53.55 -13.22
C ASP K 199 8.15 -54.87 -13.96
N SER K 200 6.91 -55.35 -14.05
CA SER K 200 6.66 -56.61 -14.76
C SER K 200 6.98 -56.47 -16.25
N LEU K 201 6.52 -55.39 -16.88
CA LEU K 201 6.92 -55.12 -18.26
C LEU K 201 8.43 -55.02 -18.38
N LYS K 202 9.05 -54.31 -17.44
CA LYS K 202 10.49 -54.10 -17.46
C LYS K 202 11.23 -55.42 -17.48
N ALA K 203 10.85 -56.34 -16.59
CA ALA K 203 11.56 -57.61 -16.46
C ALA K 203 11.52 -58.40 -17.75
N ILE K 204 10.31 -58.58 -18.31
CA ILE K 204 10.19 -59.36 -19.53
C ILE K 204 10.87 -58.66 -20.69
N VAL K 205 10.81 -57.33 -20.72
CA VAL K 205 11.41 -56.59 -21.84
C VAL K 205 12.92 -56.78 -21.85
N PHE K 206 13.56 -56.68 -20.69
CA PHE K 206 15.00 -56.87 -20.66
C PHE K 206 15.37 -58.35 -20.74
N LYS K 207 14.47 -59.25 -20.36
CA LYS K 207 14.70 -60.67 -20.62
C LYS K 207 14.77 -60.94 -22.11
N GLN K 208 13.85 -60.34 -22.88
CA GLN K 208 13.92 -60.42 -24.32
C GLN K 208 15.16 -59.71 -24.86
N TYR K 209 15.50 -58.55 -24.29
CA TYR K 209 16.64 -57.78 -24.76
C TYR K 209 17.95 -58.55 -24.58
N ASN K 210 18.16 -59.12 -23.38
CA ASN K 210 19.39 -59.84 -23.11
C ASN K 210 19.40 -61.21 -23.76
N GLN K 211 18.25 -61.88 -23.79
CA GLN K 211 18.10 -63.21 -24.39
C GLN K 211 17.13 -63.08 -25.55
N THR K 212 17.67 -62.82 -26.73
CA THR K 212 16.85 -62.66 -27.93
C THR K 212 16.61 -64.01 -28.61
N GLY L 46 16.45 57.73 0.73
CA GLY L 46 16.79 57.21 -0.61
C GLY L 46 17.28 55.79 -0.54
N TRP L 47 16.88 54.98 -1.53
CA TRP L 47 17.39 53.63 -1.61
C TRP L 47 18.90 53.60 -1.77
N LEU L 48 19.47 54.67 -2.32
CA LEU L 48 20.88 54.66 -2.66
C LEU L 48 21.75 54.75 -1.42
N LYS L 49 21.28 55.49 -0.41
CA LYS L 49 22.03 55.61 0.83
C LYS L 49 21.98 54.33 1.64
N GLU L 50 20.86 53.62 1.59
CA GLU L 50 20.69 52.40 2.37
C GLU L 50 21.50 51.26 1.78
N ILE L 51 21.54 51.16 0.45
CA ILE L 51 22.36 50.16 -0.21
C ILE L 51 23.83 50.38 0.10
N ARG L 52 24.31 51.61 -0.06
CA ARG L 52 25.70 51.92 0.22
C ARG L 52 26.07 51.62 1.67
N LYS L 53 25.20 51.97 2.60
CA LYS L 53 25.45 51.71 4.01
C LYS L 53 25.49 50.22 4.30
N LEU L 54 24.58 49.45 3.73
CA LEU L 54 24.48 48.04 4.05
C LEU L 54 25.52 47.19 3.33
N GLN L 55 26.20 47.74 2.33
CA GLN L 55 27.29 47.03 1.69
C GLN L 55 28.64 47.27 2.34
N LYS L 56 28.78 48.35 3.11
CA LYS L 56 29.99 48.57 3.89
C LYS L 56 29.98 47.76 5.19
N SER L 57 28.80 47.36 5.64
CA SER L 57 28.65 46.73 6.92
C SER L 57 28.81 45.22 6.82
N THR L 58 28.90 44.58 8.00
CA THR L 58 29.10 43.15 8.11
C THR L 58 28.18 42.47 9.10
N HIS L 59 27.43 43.22 9.88
CA HIS L 59 26.64 42.64 10.96
C HIS L 59 25.45 41.86 10.40
N LEU L 60 24.89 41.02 11.26
CA LEU L 60 23.74 40.20 10.88
C LEU L 60 22.47 41.04 10.90
N LEU L 61 21.54 40.69 10.02
CA LEU L 61 20.38 41.52 9.78
C LEU L 61 19.08 40.93 10.33
N ILE L 62 19.00 39.62 10.44
CA ILE L 62 17.90 38.97 11.13
C ILE L 62 18.19 38.95 12.62
N ARG L 63 17.16 39.17 13.43
CA ARG L 63 17.30 39.12 14.87
C ARG L 63 17.48 37.69 15.35
N LYS L 64 18.08 37.54 16.53
CA LYS L 64 18.56 36.24 16.96
C LYS L 64 17.42 35.34 17.42
N LEU L 65 16.60 35.82 18.35
CA LEU L 65 15.60 34.97 18.98
C LEU L 65 14.61 34.38 17.98
N PRO L 66 14.08 35.15 17.02
CA PRO L 66 13.21 34.52 16.01
C PRO L 66 13.87 33.39 15.25
N PHE L 67 15.10 33.60 14.83
CA PHE L 67 15.84 32.58 14.10
C PHE L 67 16.06 31.34 14.96
N SER L 68 16.41 31.54 16.22
CA SER L 68 16.59 30.43 17.14
C SER L 68 15.30 29.65 17.32
N ARG L 69 14.20 30.35 17.51
CA ARG L 69 12.91 29.69 17.66
C ARG L 69 12.58 28.85 16.44
N LEU L 70 12.75 29.40 15.26
CA LEU L 70 12.44 28.66 14.04
C LEU L 70 13.33 27.43 13.89
N ALA L 71 14.62 27.58 14.18
CA ALA L 71 15.54 26.48 14.01
C ALA L 71 15.29 25.37 15.02
N ARG L 72 14.81 25.72 16.21
CA ARG L 72 14.44 24.70 17.18
C ARG L 72 13.11 24.05 16.84
N GLU L 73 12.18 24.81 16.26
CA GLU L 73 10.93 24.23 15.79
C GLU L 73 11.16 23.22 14.68
N ILE L 74 12.11 23.49 13.79
CA ILE L 74 12.42 22.55 12.73
C ILE L 74 13.10 21.31 13.26
N CYS L 75 13.99 21.48 14.25
CA CYS L 75 14.77 20.35 14.75
C CYS L 75 13.89 19.28 15.37
N VAL L 76 12.87 19.69 16.11
CA VAL L 76 12.11 18.75 16.92
C VAL L 76 11.36 17.75 16.07
N LYS L 77 11.21 18.03 14.78
CA LYS L 77 10.52 17.10 13.89
C LYS L 77 11.40 15.93 13.50
N PHE L 78 12.72 16.11 13.55
CA PHE L 78 13.64 15.06 13.16
C PHE L 78 14.11 14.25 14.36
N THR L 79 13.92 14.77 15.57
CA THR L 79 14.37 14.13 16.79
C THR L 79 13.27 13.36 17.50
N ARG L 80 12.07 13.35 16.93
CA ARG L 80 10.97 12.54 17.45
C ARG L 80 10.59 12.99 18.86
N GLY L 81 10.35 14.29 19.02
CA GLY L 81 9.82 14.83 20.25
C GLY L 81 10.84 15.28 21.26
N VAL L 82 12.11 15.06 21.01
CA VAL L 82 13.14 15.39 22.00
C VAL L 82 13.65 16.79 21.74
N ASP L 83 13.75 17.57 22.80
CA ASP L 83 14.24 18.95 22.72
C ASP L 83 15.76 18.93 22.85
N PHE L 84 16.42 18.93 21.70
CA PHE L 84 17.86 18.97 21.68
C PHE L 84 18.37 20.32 22.13
N ASN L 85 19.53 20.31 22.78
CA ASN L 85 20.21 21.54 23.10
C ASN L 85 21.03 22.03 21.91
N TRP L 86 21.36 23.31 21.93
CA TRP L 86 22.07 23.98 20.86
C TRP L 86 23.14 24.86 21.45
N GLN L 87 24.39 24.61 21.09
CA GLN L 87 25.45 25.53 21.44
C GLN L 87 25.15 26.91 20.89
N ALA L 88 25.80 27.92 21.45
CA ALA L 88 25.58 29.28 21.02
C ALA L 88 26.31 29.59 19.73
N GLN L 89 27.43 28.91 19.50
CA GLN L 89 28.22 29.14 18.31
C GLN L 89 27.72 28.36 17.11
N ALA L 90 26.68 27.55 17.30
CA ALA L 90 26.09 26.80 16.20
C ALA L 90 24.99 27.59 15.51
N LEU L 91 24.17 28.28 16.29
CA LEU L 91 23.14 29.13 15.75
C LEU L 91 23.70 30.30 14.96
N LEU L 92 24.81 30.88 15.43
CA LEU L 92 25.47 31.93 14.68
C LEU L 92 25.99 31.42 13.34
N ALA L 93 26.57 30.23 13.33
CA ALA L 93 27.01 29.61 12.09
C ALA L 93 25.86 29.46 11.11
N LEU L 94 24.76 28.88 11.57
CA LEU L 94 23.60 28.68 10.72
C LEU L 94 23.08 30.01 10.18
N GLN L 95 23.07 31.04 11.02
CA GLN L 95 22.58 32.35 10.61
C GLN L 95 23.47 32.99 9.56
N GLU L 96 24.78 32.96 9.77
CA GLU L 96 25.71 33.47 8.77
C GLU L 96 25.47 32.82 7.43
N ALA L 97 25.41 31.49 7.43
CA ALA L 97 25.20 30.75 6.20
C ALA L 97 23.89 31.14 5.51
N ALA L 98 22.80 31.22 6.28
CA ALA L 98 21.50 31.53 5.69
C ALA L 98 21.50 32.92 5.07
N GLU L 99 22.02 33.91 5.79
CA GLU L 99 22.02 35.26 5.28
C GLU L 99 22.87 35.39 4.01
N ALA L 100 24.03 34.73 3.99
CA ALA L 100 24.83 34.72 2.77
C ALA L 100 24.05 34.13 1.60
N PHE L 101 23.42 32.98 1.82
CA PHE L 101 22.61 32.34 0.79
C PHE L 101 21.58 33.31 0.22
N LEU L 102 20.84 33.98 1.09
CA LEU L 102 19.77 34.84 0.64
C LEU L 102 20.30 36.06 -0.12
N VAL L 103 21.36 36.68 0.37
CA VAL L 103 21.93 37.83 -0.32
C VAL L 103 22.36 37.46 -1.73
N HIS L 104 23.10 36.35 -1.88
CA HIS L 104 23.56 35.98 -3.21
C HIS L 104 22.40 35.62 -4.13
N LEU L 105 21.36 34.97 -3.59
CA LEU L 105 20.19 34.69 -4.40
C LEU L 105 19.52 35.97 -4.89
N PHE L 106 19.41 36.98 -4.02
CA PHE L 106 18.83 38.24 -4.44
C PHE L 106 19.64 38.88 -5.55
N GLU L 107 20.96 38.82 -5.45
CA GLU L 107 21.82 39.32 -6.53
C GLU L 107 21.49 38.62 -7.85
N ASP L 108 21.51 37.29 -7.84
CA ASP L 108 21.28 36.54 -9.06
C ASP L 108 19.91 36.85 -9.67
N ALA L 109 18.91 37.07 -8.82
CA ALA L 109 17.58 37.35 -9.32
C ALA L 109 17.44 38.75 -9.89
N TYR L 110 18.03 39.73 -9.22
CA TYR L 110 17.97 41.08 -9.76
C TYR L 110 18.76 41.18 -11.06
N LEU L 111 19.66 40.24 -11.30
CA LEU L 111 20.23 40.15 -12.65
C LEU L 111 19.17 39.79 -13.68
N LEU L 112 18.12 39.10 -13.28
CA LEU L 112 17.09 38.66 -14.21
C LEU L 112 15.96 39.65 -14.34
N THR L 113 15.74 40.50 -13.35
CA THR L 113 14.79 41.60 -13.52
C THR L 113 15.21 42.52 -14.65
N LEU L 114 16.49 42.88 -14.69
CA LEU L 114 16.97 43.83 -15.69
C LEU L 114 16.98 43.21 -17.08
N HIS L 115 17.28 41.92 -17.16
CA HIS L 115 17.23 41.22 -18.43
C HIS L 115 15.87 41.38 -19.09
N ALA L 116 14.81 41.45 -18.28
CA ALA L 116 13.45 41.60 -18.76
C ALA L 116 13.01 43.04 -18.92
N GLY L 117 13.88 44.01 -18.65
CA GLY L 117 13.51 45.40 -18.80
C GLY L 117 12.76 45.98 -17.64
N ARG L 118 12.90 45.44 -16.44
CA ARG L 118 12.20 45.90 -15.27
C ARG L 118 13.17 46.46 -14.23
N VAL L 119 12.60 47.01 -13.18
CA VAL L 119 13.34 47.57 -12.06
C VAL L 119 12.87 46.90 -10.77
N THR L 120 11.69 46.30 -10.82
CA THR L 120 11.04 45.72 -9.66
C THR L 120 11.24 44.22 -9.61
N LEU L 121 11.58 43.71 -8.44
CA LEU L 121 11.84 42.29 -8.23
C LEU L 121 10.54 41.53 -7.99
N PHE L 122 10.35 40.45 -8.74
CA PHE L 122 9.18 39.60 -8.70
C PHE L 122 9.56 38.20 -8.25
N PRO L 123 8.63 37.44 -7.69
CA PRO L 123 8.91 36.04 -7.39
C PRO L 123 9.23 35.22 -8.63
N LYS L 124 8.60 35.56 -9.73
CA LYS L 124 8.92 35.08 -11.06
C LYS L 124 10.43 34.95 -11.26
N ASP L 125 11.19 35.89 -10.70
CA ASP L 125 12.62 35.99 -10.95
C ASP L 125 13.43 35.18 -9.94
N VAL L 126 12.91 34.99 -8.73
CA VAL L 126 13.58 34.16 -7.74
C VAL L 126 13.47 32.70 -8.12
N GLN L 127 12.29 32.28 -8.58
CA GLN L 127 12.09 30.88 -8.94
C GLN L 127 13.03 30.45 -10.05
N LEU L 128 13.19 31.29 -11.06
CA LEU L 128 13.96 30.91 -12.23
C LEU L 128 15.44 30.79 -11.91
N ALA L 129 15.94 31.61 -11.01
CA ALA L 129 17.34 31.53 -10.63
C ALA L 129 17.66 30.22 -9.93
N ARG L 130 16.77 29.75 -9.08
CA ARG L 130 16.95 28.47 -8.41
C ARG L 130 16.94 27.32 -9.39
N ARG L 131 16.08 27.37 -10.39
CA ARG L 131 16.06 26.33 -11.41
C ARG L 131 17.39 26.25 -12.15
N ILE L 132 17.94 27.41 -12.50
CA ILE L 132 19.16 27.45 -13.29
C ILE L 132 20.37 27.06 -12.45
N ARG L 133 20.40 27.45 -11.18
CA ARG L 133 21.49 27.06 -10.30
C ARG L 133 21.50 25.57 -10.03
N GLY L 134 20.35 24.92 -10.08
CA GLY L 134 20.25 23.50 -9.80
C GLY L 134 19.61 23.19 -8.47
N ARG M 24 1.28 34.68 15.47
CA ARG M 24 2.68 34.19 15.46
C ARG M 24 2.77 32.78 14.89
N ASP M 25 3.77 32.56 14.02
CA ASP M 25 4.01 31.24 13.45
C ASP M 25 5.50 30.93 13.39
N ASN M 26 6.33 31.75 14.03
CA ASN M 26 7.77 31.53 14.19
C ASN M 26 8.52 31.75 12.88
N ILE M 27 7.80 31.94 11.78
CA ILE M 27 8.45 32.37 10.55
C ILE M 27 7.97 33.74 10.13
N GLN M 28 6.91 34.25 10.73
CA GLN M 28 6.56 35.65 10.61
C GLN M 28 7.44 36.53 11.47
N GLY M 29 8.32 35.93 12.27
CA GLY M 29 9.38 36.64 12.94
C GLY M 29 10.51 37.04 12.03
N ILE M 30 10.56 36.50 10.82
CA ILE M 30 11.38 37.02 9.74
C ILE M 30 10.55 38.11 9.09
N THR M 31 10.91 39.35 9.39
CA THR M 31 10.05 40.48 9.12
C THR M 31 10.33 41.08 7.75
N LYS M 32 9.43 41.98 7.33
CA LYS M 32 9.66 42.75 6.12
C LYS M 32 10.94 43.56 6.16
N PRO M 33 11.19 44.39 7.18
CA PRO M 33 12.42 45.17 7.18
C PRO M 33 13.70 44.35 7.05
N ALA M 34 13.75 43.19 7.70
CA ALA M 34 14.93 42.34 7.58
C ALA M 34 15.13 41.87 6.14
N ILE M 35 14.05 41.44 5.50
CA ILE M 35 14.10 41.02 4.11
C ILE M 35 14.46 42.18 3.21
N ARG M 36 13.91 43.36 3.48
CA ARG M 36 14.27 44.55 2.73
C ARG M 36 15.75 44.85 2.88
N ARG M 37 16.29 44.66 4.08
CA ARG M 37 17.72 44.91 4.30
C ARG M 37 18.60 43.93 3.55
N LEU M 38 18.23 42.65 3.56
CA LEU M 38 18.99 41.67 2.79
C LEU M 38 18.94 42.00 1.31
N ALA M 39 17.77 42.37 0.80
CA ALA M 39 17.65 42.76 -0.59
C ALA M 39 18.51 43.96 -0.91
N ARG M 40 18.49 44.98 -0.06
CA ARG M 40 19.29 46.17 -0.31
C ARG M 40 20.78 45.84 -0.30
N ARG M 41 21.24 45.02 0.63
CA ARG M 41 22.61 44.55 0.59
C ARG M 41 22.90 43.78 -0.69
N GLY M 42 21.87 43.21 -1.30
CA GLY M 42 22.03 42.61 -2.60
C GLY M 42 21.89 43.54 -3.78
N GLY M 43 21.66 44.83 -3.56
CA GLY M 43 21.60 45.79 -4.63
C GLY M 43 20.22 46.05 -5.20
N VAL M 44 19.17 45.60 -4.54
CA VAL M 44 17.83 45.66 -5.09
C VAL M 44 17.21 47.01 -4.78
N LYS M 45 16.69 47.66 -5.81
CA LYS M 45 16.12 49.00 -5.69
C LYS M 45 14.67 48.97 -5.24
N ARG M 46 13.82 48.18 -5.92
CA ARG M 46 12.43 48.03 -5.54
C ARG M 46 12.09 46.57 -5.35
N ILE M 47 11.05 46.34 -4.56
CA ILE M 47 10.66 45.00 -4.13
C ILE M 47 9.14 44.90 -4.19
N SER M 48 8.65 43.80 -4.73
CA SER M 48 7.22 43.55 -4.77
C SER M 48 6.74 42.98 -3.45
N GLY M 49 5.47 43.22 -3.14
CA GLY M 49 4.91 42.78 -1.88
C GLY M 49 4.79 41.28 -1.75
N LEU M 50 4.98 40.54 -2.84
CA LEU M 50 4.91 39.10 -2.82
C LEU M 50 6.26 38.44 -2.58
N ILE M 51 7.30 39.24 -2.32
CA ILE M 51 8.63 38.72 -2.06
C ILE M 51 8.82 38.28 -0.63
N TYR M 52 7.95 38.70 0.28
CA TYR M 52 8.19 38.44 1.68
C TYR M 52 7.74 37.03 2.07
N GLU M 53 6.78 36.47 1.35
CA GLU M 53 6.38 35.08 1.59
C GLU M 53 7.27 34.10 0.84
N GLU M 54 7.72 34.46 -0.36
CA GLU M 54 8.61 33.59 -1.12
C GLU M 54 9.93 33.36 -0.39
N THR M 55 10.49 34.43 0.18
CA THR M 55 11.76 34.35 0.88
C THR M 55 11.66 33.44 2.08
N ARG M 56 10.54 33.50 2.80
CA ARG M 56 10.35 32.67 3.97
C ARG M 56 10.35 31.19 3.63
N GLY M 57 9.68 30.82 2.53
CA GLY M 57 9.73 29.44 2.07
C GLY M 57 11.13 29.00 1.69
N VAL M 58 11.85 29.86 0.96
CA VAL M 58 13.23 29.53 0.61
C VAL M 58 14.06 29.26 1.86
N LEU M 59 13.93 30.13 2.85
CA LEU M 59 14.70 30.00 4.09
C LEU M 59 14.33 28.73 4.83
N LYS M 60 13.04 28.42 4.91
CA LYS M 60 12.60 27.19 5.57
C LYS M 60 13.19 25.96 4.90
N VAL M 61 13.18 25.93 3.57
CA VAL M 61 13.75 24.77 2.87
C VAL M 61 15.24 24.64 3.19
N PHE M 62 15.97 25.74 3.12
CA PHE M 62 17.40 25.70 3.40
C PHE M 62 17.67 25.17 4.81
N LEU M 63 16.93 25.69 5.78
CA LEU M 63 17.15 25.29 7.17
C LEU M 63 16.79 23.83 7.40
N GLU M 64 15.67 23.37 6.83
CA GLU M 64 15.33 21.96 6.94
C GLU M 64 16.47 21.08 6.44
N ASN M 65 16.97 21.39 5.25
CA ASN M 65 18.01 20.56 4.65
C ASN M 65 19.27 20.53 5.51
N VAL M 66 19.69 21.67 6.04
CA VAL M 66 20.91 21.70 6.85
C VAL M 66 20.70 20.99 8.18
N ILE M 67 19.59 21.28 8.85
CA ILE M 67 19.35 20.77 10.18
C ILE M 67 19.17 19.27 10.19
N ARG M 68 18.50 18.72 9.17
CA ARG M 68 18.35 17.28 9.08
C ARG M 68 19.69 16.57 9.15
N ASP M 69 20.68 17.06 8.41
CA ASP M 69 21.99 16.43 8.40
C ASP M 69 22.76 16.74 9.69
N ALA M 70 22.57 17.93 10.25
CA ALA M 70 23.25 18.24 11.51
C ALA M 70 22.80 17.32 12.63
N VAL M 71 21.51 17.02 12.69
CA VAL M 71 20.98 16.18 13.75
C VAL M 71 21.43 14.74 13.60
N THR M 72 21.62 14.29 12.37
CA THR M 72 22.13 12.93 12.15
C THR M 72 23.53 12.77 12.71
N TYR M 73 24.39 13.76 12.49
CA TYR M 73 25.78 13.68 12.93
C TYR M 73 25.86 13.60 14.45
N THR M 74 24.97 14.29 15.15
CA THR M 74 25.06 14.35 16.61
C THR M 74 24.33 13.19 17.27
N GLU M 75 23.28 12.67 16.64
CA GLU M 75 22.64 11.46 17.15
C GLU M 75 23.53 10.25 16.94
N HIS M 76 24.34 10.26 15.88
CA HIS M 76 25.31 9.20 15.69
C HIS M 76 26.28 9.12 16.87
N ALA M 77 26.81 10.26 17.29
CA ALA M 77 27.72 10.36 18.41
C ALA M 77 27.07 10.16 19.76
N LYS M 78 25.77 9.92 19.80
CA LYS M 78 25.05 9.67 21.05
C LYS M 78 25.06 10.90 21.96
N ARG M 79 24.80 12.07 21.37
CA ARG M 79 24.70 13.32 22.09
C ARG M 79 23.28 13.88 21.98
N LYS M 80 22.94 14.77 22.91
CA LYS M 80 21.73 15.57 22.84
C LYS M 80 22.01 17.05 22.63
N THR M 81 23.15 17.40 22.07
CA THR M 81 23.60 18.79 21.96
C THR M 81 24.20 18.98 20.58
N VAL M 82 23.66 19.92 19.82
CA VAL M 82 24.19 20.23 18.51
C VAL M 82 25.34 21.21 18.66
N THR M 83 26.51 20.83 18.16
CA THR M 83 27.70 21.66 18.17
C THR M 83 27.85 22.39 16.86
N ALA M 84 28.90 23.22 16.79
CA ALA M 84 29.16 23.97 15.57
C ALA M 84 29.80 23.08 14.51
N MET M 85 30.56 22.08 14.92
CA MET M 85 31.18 21.19 13.96
C MET M 85 30.15 20.39 13.19
N ASP M 86 29.06 20.00 13.83
CA ASP M 86 27.99 19.29 13.12
C ASP M 86 27.39 20.16 12.03
N VAL M 87 27.16 21.44 12.33
CA VAL M 87 26.64 22.36 11.33
C VAL M 87 27.64 22.54 10.19
N VAL M 88 28.92 22.68 10.53
CA VAL M 88 29.93 22.87 9.50
C VAL M 88 30.02 21.66 8.59
N TYR M 89 30.00 20.46 9.17
CA TYR M 89 30.01 19.25 8.36
C TYR M 89 28.79 19.17 7.44
N ALA M 90 27.61 19.47 7.97
CA ALA M 90 26.42 19.48 7.15
C ALA M 90 26.54 20.43 5.98
N LEU M 91 26.95 21.66 6.25
CA LEU M 91 27.10 22.63 5.18
C LEU M 91 28.11 22.16 4.14
N LYS M 92 29.24 21.63 4.60
CA LYS M 92 30.24 21.12 3.69
C LYS M 92 29.69 20.03 2.79
N ARG M 93 28.86 19.16 3.33
CA ARG M 93 28.12 18.23 2.48
C ARG M 93 27.27 18.95 1.45
N GLN M 94 26.45 19.89 1.88
CA GLN M 94 25.54 20.56 0.95
C GLN M 94 26.27 21.35 -0.13
N GLY M 95 27.60 21.38 -0.12
CA GLY M 95 28.35 22.16 -1.08
C GLY M 95 28.74 23.53 -0.60
N ARG M 96 28.62 23.81 0.69
CA ARG M 96 28.85 25.12 1.25
C ARG M 96 29.86 25.00 2.38
N THR M 97 30.98 25.71 2.25
CA THR M 97 32.08 25.59 3.19
C THR M 97 32.20 26.90 3.97
N LEU M 98 32.19 26.78 5.29
CA LEU M 98 32.21 27.92 6.19
C LEU M 98 33.48 27.86 7.03
N TYR M 99 34.24 28.95 7.03
CA TYR M 99 35.53 28.99 7.72
C TYR M 99 35.49 29.42 9.18
N GLY M 100 34.87 30.54 9.51
CA GLY M 100 35.22 31.12 10.79
C GLY M 100 34.93 30.35 12.05
N PHE M 101 34.54 29.08 11.96
CA PHE M 101 34.10 28.34 13.14
C PHE M 101 34.87 27.04 13.28
N GLY M 102 34.83 26.50 14.48
CA GLY M 102 35.60 25.33 14.83
C GLY M 102 35.20 24.76 16.19
N ALA N 15 32.34 -24.08 2.34
CA ALA N 15 31.03 -24.79 2.38
C ALA N 15 29.91 -23.84 2.02
N LYS N 16 29.52 -23.00 2.98
CA LYS N 16 28.45 -22.05 2.76
C LYS N 16 29.00 -20.65 2.62
N SER N 17 28.37 -19.89 1.72
CA SER N 17 28.76 -18.51 1.47
C SER N 17 28.12 -17.59 2.50
N ARG N 18 28.36 -16.30 2.39
CA ARG N 18 27.80 -15.33 3.31
C ARG N 18 26.65 -14.58 2.68
N SER N 19 26.67 -14.43 1.36
CA SER N 19 25.53 -13.91 0.65
C SER N 19 24.29 -14.76 0.88
N SER N 20 24.47 -16.08 0.96
CA SER N 20 23.34 -16.95 1.21
C SER N 20 22.81 -16.83 2.63
N ARG N 21 23.69 -16.80 3.62
CA ARG N 21 23.25 -16.54 4.99
C ARG N 21 22.46 -15.25 5.06
N ALA N 22 22.97 -14.18 4.45
CA ALA N 22 22.29 -12.90 4.43
C ALA N 22 21.06 -12.90 3.55
N GLY N 23 20.98 -13.80 2.56
CA GLY N 23 19.87 -13.81 1.64
C GLY N 23 20.01 -12.86 0.49
N LEU N 24 21.18 -12.83 -0.14
CA LEU N 24 21.51 -11.82 -1.13
C LEU N 24 22.06 -12.45 -2.39
N GLN N 25 22.10 -11.66 -3.46
CA GLN N 25 22.77 -12.05 -4.69
C GLN N 25 24.12 -11.37 -4.82
N PHE N 26 24.26 -10.19 -4.26
CA PHE N 26 25.51 -9.46 -4.35
C PHE N 26 26.57 -10.09 -3.45
N PRO N 27 27.84 -9.83 -3.73
CA PRO N 27 28.92 -10.49 -3.02
C PRO N 27 29.33 -9.79 -1.73
N VAL N 28 29.42 -10.54 -0.65
CA VAL N 28 29.77 -9.97 0.64
C VAL N 28 31.27 -10.07 0.88
N GLY N 29 31.91 -11.06 0.29
CA GLY N 29 33.35 -11.17 0.39
C GLY N 29 34.09 -10.10 -0.39
N ARG N 30 33.65 -9.86 -1.61
CA ARG N 30 34.29 -8.84 -2.45
C ARG N 30 34.14 -7.45 -1.85
N VAL N 31 32.97 -7.15 -1.29
CA VAL N 31 32.77 -5.85 -0.65
C VAL N 31 33.72 -5.68 0.53
N HIS N 32 33.86 -6.73 1.33
CA HIS N 32 34.84 -6.73 2.42
C HIS N 32 36.24 -6.45 1.91
N ARG N 33 36.63 -7.15 0.85
CA ARG N 33 37.96 -6.97 0.28
C ARG N 33 38.16 -5.53 -0.18
N LEU N 34 37.18 -4.95 -0.85
CA LEU N 34 37.32 -3.61 -1.36
C LEU N 34 37.34 -2.57 -0.25
N LEU N 35 36.60 -2.81 0.83
CA LEU N 35 36.66 -1.90 1.97
C LEU N 35 38.02 -1.96 2.65
N ARG N 36 38.59 -3.17 2.76
CA ARG N 36 39.91 -3.28 3.39
C ARG N 36 41.00 -2.68 2.52
N LYS N 37 40.89 -2.79 1.21
CA LYS N 37 41.96 -2.32 0.32
C LYS N 37 41.81 -0.87 -0.10
N GLY N 38 40.85 -0.15 0.44
CA GLY N 38 40.55 1.19 0.00
C GLY N 38 41.02 2.31 0.90
N ASN N 39 41.73 1.99 1.97
CA ASN N 39 42.20 3.01 2.92
C ASN N 39 41.02 3.81 3.45
N TYR N 40 40.00 3.11 3.92
CA TYR N 40 38.85 3.76 4.52
C TYR N 40 38.94 3.78 6.03
N ALA N 41 39.54 2.76 6.63
CA ALA N 41 39.83 2.76 8.04
C ALA N 41 40.72 1.59 8.40
N GLU N 42 41.17 1.58 9.64
CA GLU N 42 42.10 0.56 10.11
C GLU N 42 41.44 -0.80 10.20
N ARG N 43 40.21 -0.86 10.70
CA ARG N 43 39.50 -2.11 10.88
C ARG N 43 38.13 -2.02 10.22
N VAL N 44 37.58 -3.19 9.90
CA VAL N 44 36.31 -3.32 9.20
C VAL N 44 35.51 -4.42 9.87
N GLY N 45 34.28 -4.10 10.22
CA GLY N 45 33.46 -5.04 10.95
C GLY N 45 32.87 -6.13 10.09
N ALA N 46 32.19 -7.04 10.77
CA ALA N 46 31.57 -8.18 10.10
C ALA N 46 30.28 -7.81 9.37
N GLY N 47 29.51 -6.87 9.92
CA GLY N 47 28.20 -6.58 9.39
C GLY N 47 28.13 -5.44 8.41
N ALA N 48 29.21 -4.69 8.25
CA ALA N 48 29.22 -3.60 7.29
C ALA N 48 29.06 -4.07 5.85
N PRO N 49 29.84 -5.04 5.37
CA PRO N 49 29.64 -5.51 4.00
C PRO N 49 28.26 -6.04 3.72
N VAL N 50 27.62 -6.70 4.69
CA VAL N 50 26.27 -7.20 4.49
C VAL N 50 25.31 -6.05 4.25
N TYR N 51 25.36 -5.05 5.11
CA TYR N 51 24.48 -3.90 4.99
C TYR N 51 24.67 -3.23 3.62
N LEU N 52 25.93 -3.00 3.25
CA LEU N 52 26.23 -2.26 2.02
C LEU N 52 25.79 -3.04 0.79
N ALA N 53 26.05 -4.35 0.77
CA ALA N 53 25.62 -5.17 -0.35
C ALA N 53 24.10 -5.15 -0.50
N ALA N 54 23.39 -5.22 0.62
CA ALA N 54 21.94 -5.15 0.56
C ALA N 54 21.46 -3.84 -0.03
N VAL N 55 22.08 -2.73 0.38
CA VAL N 55 21.69 -1.43 -0.16
C VAL N 55 21.91 -1.37 -1.66
N LEU N 56 23.06 -1.84 -2.13
CA LEU N 56 23.35 -1.80 -3.55
C LEU N 56 22.38 -2.66 -4.34
N GLU N 57 22.04 -3.84 -3.82
CA GLU N 57 21.05 -4.69 -4.49
C GLU N 57 19.70 -4.00 -4.59
N TYR N 58 19.28 -3.32 -3.51
CA TYR N 58 17.99 -2.64 -3.54
C TYR N 58 17.96 -1.58 -4.62
N LEU N 59 19.01 -0.76 -4.71
CA LEU N 59 19.02 0.31 -5.70
C LEU N 59 19.04 -0.23 -7.12
N THR N 60 19.88 -1.25 -7.38
CA THR N 60 19.88 -1.86 -8.69
C THR N 60 18.50 -2.35 -9.08
N ALA N 61 17.83 -3.06 -8.17
CA ALA N 61 16.52 -3.59 -8.51
C ALA N 61 15.51 -2.51 -8.81
N GLU N 62 15.52 -1.42 -8.03
CA GLU N 62 14.63 -0.31 -8.30
C GLU N 62 14.82 0.23 -9.71
N ILE N 63 16.06 0.54 -10.08
CA ILE N 63 16.30 1.11 -11.39
C ILE N 63 15.91 0.14 -12.50
N LEU N 64 16.28 -1.13 -12.34
CA LEU N 64 15.97 -2.10 -13.39
C LEU N 64 14.48 -2.29 -13.57
N GLU N 65 13.72 -2.27 -12.48
CA GLU N 65 12.27 -2.33 -12.59
C GLU N 65 11.74 -1.18 -13.44
N LEU N 66 12.12 0.03 -13.09
CA LEU N 66 11.62 1.18 -13.83
C LEU N 66 12.01 1.12 -15.30
N ALA N 67 13.25 0.72 -15.57
CA ALA N 67 13.74 0.65 -16.93
C ALA N 67 13.01 -0.41 -17.74
N GLY N 68 12.74 -1.57 -17.15
CA GLY N 68 11.98 -2.57 -17.86
C GLY N 68 10.57 -2.11 -18.18
N ASN N 69 9.95 -1.37 -17.26
CA ASN N 69 8.65 -0.81 -17.54
C ASN N 69 8.72 0.15 -18.73
N ALA N 70 9.71 1.03 -18.75
CA ALA N 70 9.87 1.95 -19.86
C ALA N 70 10.10 1.22 -21.17
N ALA N 71 10.89 0.15 -21.14
CA ALA N 71 11.11 -0.64 -22.33
C ALA N 71 9.81 -1.24 -22.85
N ARG N 72 9.00 -1.78 -21.95
CA ARG N 72 7.74 -2.39 -22.37
C ARG N 72 6.82 -1.34 -22.98
N ASP N 73 6.74 -0.16 -22.36
CA ASP N 73 5.89 0.89 -22.93
C ASP N 73 6.25 1.18 -24.37
N ASN N 74 7.54 1.24 -24.68
CA ASN N 74 8.01 1.44 -26.05
C ASN N 74 7.90 0.19 -26.90
N LYS N 75 7.37 -0.91 -26.34
CA LYS N 75 7.20 -2.17 -27.06
C LYS N 75 8.54 -2.79 -27.43
N LYS N 76 9.46 -2.85 -26.48
CA LYS N 76 10.75 -3.50 -26.66
C LYS N 76 10.95 -4.55 -25.59
N THR N 77 11.82 -5.51 -25.89
CA THR N 77 12.12 -6.63 -25.03
C THR N 77 13.50 -6.55 -24.39
N ARG N 78 14.24 -5.47 -24.66
CA ARG N 78 15.63 -5.37 -24.24
C ARG N 78 15.90 -3.95 -23.76
N ILE N 79 16.67 -3.84 -22.70
CA ILE N 79 16.93 -2.55 -22.07
C ILE N 79 18.15 -1.91 -22.72
N ILE N 80 18.06 -0.60 -22.94
CA ILE N 80 19.16 0.17 -23.50
C ILE N 80 19.25 1.49 -22.73
N PRO N 81 20.33 2.26 -22.88
CA PRO N 81 20.53 3.42 -22.01
C PRO N 81 19.41 4.44 -22.06
N ARG N 82 18.73 4.57 -23.20
CA ARG N 82 17.57 5.42 -23.30
C ARG N 82 16.57 5.13 -22.19
N HIS N 83 16.33 3.85 -21.93
CA HIS N 83 15.32 3.45 -20.96
C HIS N 83 15.74 3.81 -19.54
N LEU N 84 17.02 3.61 -19.22
CA LEU N 84 17.52 4.03 -17.92
C LEU N 84 17.43 5.53 -17.73
N GLN N 85 17.74 6.30 -18.77
CA GLN N 85 17.61 7.74 -18.67
C GLN N 85 16.17 8.15 -18.41
N LEU N 86 15.23 7.57 -19.16
CA LEU N 86 13.83 7.89 -18.93
C LEU N 86 13.41 7.55 -17.51
N ALA N 87 13.75 6.35 -17.04
CA ALA N 87 13.47 5.96 -15.67
C ALA N 87 13.99 6.99 -14.68
N ILE N 88 15.26 7.35 -14.81
CA ILE N 88 15.91 8.20 -13.82
C ILE N 88 15.31 9.59 -13.82
N ARG N 89 15.08 10.16 -14.99
CA ARG N 89 14.58 11.53 -15.04
C ARG N 89 13.09 11.64 -14.81
N ASN N 90 12.36 10.54 -14.92
CA ASN N 90 10.94 10.52 -14.61
C ASN N 90 10.66 10.27 -13.13
N ASP N 91 11.70 10.10 -12.30
CA ASP N 91 11.54 9.79 -10.90
C ASP N 91 12.13 10.93 -10.07
N GLU N 92 11.39 11.37 -9.06
CA GLU N 92 11.72 12.60 -8.36
C GLU N 92 12.90 12.41 -7.41
N GLU N 93 13.22 11.18 -7.05
CA GLU N 93 14.29 10.89 -6.12
C GLU N 93 15.58 10.41 -6.78
N LEU N 94 15.48 9.45 -7.70
CA LEU N 94 16.66 9.01 -8.44
C LEU N 94 17.30 10.15 -9.22
N ASN N 95 16.50 11.08 -9.72
CA ASN N 95 17.07 12.25 -10.39
C ASN N 95 17.84 13.13 -9.43
N LYS N 96 17.42 13.17 -8.18
CA LYS N 96 18.12 13.98 -7.18
C LYS N 96 19.40 13.28 -6.75
N LEU N 97 19.39 11.96 -6.74
CA LEU N 97 20.60 11.20 -6.45
C LEU N 97 21.59 11.27 -7.60
N LEU N 98 21.09 11.36 -8.83
CA LEU N 98 21.89 11.31 -10.04
C LEU N 98 21.72 12.56 -10.89
N GLY N 99 21.82 13.73 -10.28
CA GLY N 99 21.56 14.96 -11.00
C GLY N 99 22.79 15.51 -11.70
N ARG N 100 23.97 15.25 -11.13
CA ARG N 100 25.23 15.63 -11.76
C ARG N 100 25.79 14.54 -12.65
N VAL N 101 24.94 13.72 -13.24
CA VAL N 101 25.37 12.55 -13.98
C VAL N 101 24.76 12.61 -15.38
N THR N 102 25.57 12.29 -16.38
CA THR N 102 25.12 12.22 -17.76
C THR N 102 25.24 10.78 -18.25
N ILE N 103 24.17 10.28 -18.83
CA ILE N 103 24.07 8.90 -19.30
C ILE N 103 24.46 8.89 -20.76
N ALA N 104 25.47 8.10 -21.10
CA ALA N 104 25.92 7.97 -22.47
C ALA N 104 24.84 7.35 -23.34
N GLN N 105 24.61 7.95 -24.51
CA GLN N 105 23.61 7.48 -25.47
C GLN N 105 22.22 7.44 -24.86
N GLY N 106 21.91 8.42 -24.01
CA GLY N 106 20.61 8.45 -23.35
C GLY N 106 19.67 9.49 -23.89
N GLY N 107 20.19 10.58 -24.42
CA GLY N 107 19.35 11.61 -24.97
C GLY N 107 18.79 12.53 -23.91
N VAL N 108 17.65 13.13 -24.26
CA VAL N 108 16.95 14.05 -23.38
C VAL N 108 15.48 13.64 -23.31
N LEU N 109 14.80 14.18 -22.31
CA LEU N 109 13.35 14.02 -22.23
C LEU N 109 12.67 14.95 -23.22
N PRO N 110 11.68 14.48 -23.97
CA PRO N 110 10.91 15.41 -24.81
C PRO N 110 10.26 16.49 -23.97
N ASN N 111 10.54 17.74 -24.33
CA ASN N 111 10.03 18.88 -23.58
C ASN N 111 10.06 20.10 -24.48
N ILE N 112 8.87 20.56 -24.88
CA ILE N 112 8.70 21.78 -25.65
C ILE N 112 8.00 22.80 -24.77
N GLN N 113 8.50 24.03 -24.80
CA GLN N 113 7.88 25.17 -24.12
C GLN N 113 8.30 25.20 -22.66
N ARG O 34 41.61 -11.17 -14.92
CA ARG O 34 42.33 -9.97 -14.40
C ARG O 34 41.38 -8.80 -14.17
N LYS O 35 40.37 -8.68 -15.03
CA LYS O 35 39.35 -7.66 -14.85
C LYS O 35 38.12 -8.26 -14.19
N GLU O 36 37.47 -7.46 -13.33
CA GLU O 36 36.33 -7.92 -12.56
C GLU O 36 35.23 -6.87 -12.58
N SER O 37 34.00 -7.32 -12.37
CA SER O 37 32.82 -6.50 -12.57
C SER O 37 31.66 -7.04 -11.76
N TYR O 38 30.52 -6.36 -11.88
CA TYR O 38 29.29 -6.71 -11.17
C TYR O 38 28.21 -7.26 -12.10
N SER O 39 28.55 -7.66 -13.31
CA SER O 39 27.55 -8.01 -14.30
C SER O 39 26.74 -9.24 -13.91
N VAL O 40 27.39 -10.24 -13.31
CA VAL O 40 26.71 -11.47 -12.95
C VAL O 40 25.51 -11.17 -12.06
N TYR O 41 25.73 -10.33 -11.06
CA TYR O 41 24.73 -10.08 -10.04
C TYR O 41 23.63 -9.17 -10.55
N VAL O 42 23.98 -8.23 -11.42
CA VAL O 42 22.98 -7.42 -12.10
C VAL O 42 22.06 -8.30 -12.93
N TYR O 43 22.63 -9.26 -13.66
CA TYR O 43 21.83 -10.14 -14.48
C TYR O 43 20.89 -10.99 -13.61
N LYS O 44 21.39 -11.48 -12.49
CA LYS O 44 20.53 -12.22 -11.56
C LYS O 44 19.38 -11.36 -11.07
N VAL O 45 19.67 -10.16 -10.59
CA VAL O 45 18.60 -9.29 -10.10
C VAL O 45 17.58 -9.00 -11.19
N LEU O 46 18.05 -8.79 -12.42
CA LEU O 46 17.14 -8.53 -13.52
C LEU O 46 16.23 -9.71 -13.79
N LYS O 47 16.79 -10.92 -13.84
CA LYS O 47 15.98 -12.10 -14.02
C LYS O 47 15.05 -12.35 -12.84
N GLN O 48 15.31 -11.65 -11.74
CA GLN O 48 14.49 -11.76 -10.54
C GLN O 48 13.35 -10.75 -10.53
N VAL O 49 13.50 -9.61 -11.19
CA VAL O 49 12.40 -8.65 -11.25
C VAL O 49 11.67 -8.70 -12.60
N HIS O 50 12.40 -8.86 -13.70
CA HIS O 50 11.81 -8.91 -15.03
C HIS O 50 12.34 -10.15 -15.76
N PRO O 51 11.67 -11.28 -15.59
CA PRO O 51 12.20 -12.54 -16.16
C PRO O 51 12.22 -12.59 -17.67
N ASP O 52 11.39 -11.80 -18.35
CA ASP O 52 11.27 -11.80 -19.80
C ASP O 52 12.21 -10.82 -20.50
N THR O 53 13.04 -10.10 -19.76
CA THR O 53 13.67 -8.89 -20.27
C THR O 53 15.19 -9.02 -20.21
N GLY O 54 15.85 -8.68 -21.32
CA GLY O 54 17.29 -8.67 -21.40
C GLY O 54 17.88 -7.30 -21.15
N ILE O 55 19.18 -7.21 -21.38
CA ILE O 55 19.94 -5.98 -21.18
C ILE O 55 21.13 -5.99 -22.12
N SER O 56 21.40 -4.84 -22.71
CA SER O 56 22.50 -4.71 -23.65
C SER O 56 23.82 -4.46 -22.94
N SER O 57 24.90 -4.51 -23.72
CA SER O 57 26.23 -4.39 -23.14
C SER O 57 26.57 -2.95 -22.78
N LYS O 58 26.07 -1.98 -23.53
CA LYS O 58 26.31 -0.58 -23.19
C LYS O 58 25.62 -0.23 -21.87
N ALA O 59 24.42 -0.77 -21.64
CA ALA O 59 23.67 -0.45 -20.44
C ALA O 59 24.30 -1.05 -19.20
N MET O 60 24.84 -2.27 -19.30
CA MET O 60 25.43 -2.88 -18.12
C MET O 60 26.71 -2.15 -17.72
N GLY O 61 27.38 -1.50 -18.67
CA GLY O 61 28.45 -0.61 -18.29
C GLY O 61 27.96 0.54 -17.43
N ILE O 62 26.82 1.11 -17.79
CA ILE O 62 26.22 2.17 -17.00
C ILE O 62 25.88 1.67 -15.61
N MET O 63 25.35 0.46 -15.52
CA MET O 63 24.99 -0.09 -14.21
C MET O 63 26.21 -0.39 -13.36
N ASN O 64 27.26 -0.92 -13.96
CA ASN O 64 28.51 -1.15 -13.25
C ASN O 64 29.09 0.16 -12.75
N SER O 65 29.01 1.21 -13.56
CA SER O 65 29.48 2.52 -13.10
C SER O 65 28.62 3.03 -11.96
N PHE O 66 27.31 2.76 -12.03
CA PHE O 66 26.40 3.15 -10.97
C PHE O 66 26.79 2.50 -9.65
N VAL O 67 27.10 1.21 -9.68
CA VAL O 67 27.40 0.50 -8.44
C VAL O 67 28.71 0.99 -7.83
N ASN O 68 29.71 1.28 -8.67
CA ASN O 68 30.99 1.72 -8.16
C ASN O 68 30.90 3.11 -7.53
N ASP O 69 30.00 3.95 -8.03
CA ASP O 69 29.88 5.31 -7.53
C ASP O 69 29.26 5.34 -6.14
N ILE O 70 28.17 4.61 -5.95
CA ILE O 70 27.47 4.62 -4.66
C ILE O 70 28.33 4.00 -3.57
N PHE O 71 29.02 2.92 -3.88
CA PHE O 71 29.97 2.33 -2.96
C PHE O 71 30.96 3.37 -2.45
N GLU O 72 31.56 4.12 -3.37
CA GLU O 72 32.56 5.10 -2.99
C GLU O 72 31.98 6.17 -2.09
N ARG O 73 30.79 6.68 -2.42
CA ARG O 73 30.15 7.71 -1.62
C ARG O 73 29.88 7.22 -0.20
N ILE O 74 29.24 6.06 -0.09
CA ILE O 74 28.87 5.56 1.23
C ILE O 74 30.10 5.28 2.07
N ALA O 75 31.10 4.63 1.48
CA ALA O 75 32.30 4.32 2.24
C ALA O 75 33.08 5.58 2.59
N GLY O 76 33.05 6.61 1.74
CA GLY O 76 33.68 7.85 2.07
C GLY O 76 33.04 8.54 3.26
N GLU O 77 31.71 8.62 3.28
CA GLU O 77 31.05 9.17 4.46
C GLU O 77 31.33 8.35 5.71
N ALA O 78 31.31 7.02 5.58
CA ALA O 78 31.56 6.19 6.74
C ALA O 78 32.98 6.37 7.25
N SER O 79 33.92 6.68 6.37
CA SER O 79 35.28 6.94 6.80
C SER O 79 35.38 8.18 7.67
N ARG O 80 34.64 9.23 7.31
CA ARG O 80 34.71 10.49 8.03
C ARG O 80 34.04 10.41 9.40
N LEU O 81 32.84 9.83 9.45
CA LEU O 81 32.14 9.71 10.72
C LEU O 81 33.00 9.01 11.77
N ALA O 82 33.78 8.03 11.35
CA ALA O 82 34.66 7.34 12.29
C ALA O 82 35.85 8.20 12.66
N HIS O 83 36.28 9.06 11.75
CA HIS O 83 37.37 9.98 12.06
C HIS O 83 36.90 11.12 12.95
N TYR O 84 35.72 11.66 12.66
CA TYR O 84 35.18 12.73 13.49
C TYR O 84 35.03 12.29 14.93
N ASN O 85 34.65 11.04 15.15
CA ASN O 85 34.36 10.52 16.49
C ASN O 85 35.51 9.69 17.04
N LYS O 86 36.66 9.70 16.39
CA LYS O 86 37.86 9.04 16.89
C LYS O 86 37.66 7.54 17.05
N ARG O 87 37.25 6.90 15.97
CA ARG O 87 37.04 5.47 15.93
C ARG O 87 37.93 4.88 14.85
N SER O 88 38.42 3.68 15.09
CA SER O 88 39.31 3.02 14.14
C SER O 88 38.63 1.90 13.37
N THR O 89 37.32 1.74 13.52
CA THR O 89 36.59 0.63 12.94
C THR O 89 35.34 1.13 12.25
N ILE O 90 35.06 0.59 11.08
CA ILE O 90 33.83 0.86 10.35
C ILE O 90 32.86 -0.29 10.59
N THR O 91 31.67 0.04 11.07
CA THR O 91 30.65 -0.94 11.39
C THR O 91 29.39 -0.66 10.56
N SER O 92 28.33 -1.40 10.87
CA SER O 92 27.06 -1.24 10.20
C SER O 92 26.37 0.07 10.57
N ARG O 93 26.68 0.61 11.74
CA ARG O 93 26.10 1.87 12.17
C ARG O 93 26.61 3.03 11.32
N GLU O 94 27.89 3.03 10.99
CA GLU O 94 28.44 4.03 10.10
C GLU O 94 27.80 3.97 8.72
N ILE O 95 27.61 2.77 8.19
CA ILE O 95 27.00 2.62 6.88
C ILE O 95 25.55 3.10 6.93
N GLN O 96 24.84 2.78 8.01
CA GLN O 96 23.46 3.22 8.16
C GLN O 96 23.35 4.74 8.18
N THR O 97 24.20 5.39 8.96
CA THR O 97 24.20 6.85 9.00
C THR O 97 24.56 7.46 7.66
N ALA O 98 25.55 6.89 6.97
CA ALA O 98 25.89 7.37 5.65
C ALA O 98 24.73 7.23 4.67
N VAL O 99 24.01 6.12 4.76
CA VAL O 99 22.83 5.91 3.92
C VAL O 99 21.80 6.99 4.20
N ARG O 100 21.56 7.29 5.47
CA ARG O 100 20.60 8.33 5.80
C ARG O 100 21.03 9.68 5.23
N LEU O 101 22.31 10.00 5.32
CA LEU O 101 22.79 11.28 4.83
C LEU O 101 22.71 11.38 3.31
N LEU O 102 23.18 10.37 2.59
CA LEU O 102 23.21 10.45 1.13
C LEU O 102 21.82 10.36 0.54
N LEU O 103 21.13 9.28 0.77
CA LEU O 103 19.94 8.97 -0.01
C LEU O 103 18.77 9.88 0.40
N PRO O 104 17.92 10.26 -0.55
CA PRO O 104 16.77 11.09 -0.22
C PRO O 104 15.52 10.32 0.15
N GLY O 105 14.90 10.75 1.24
CA GLY O 105 13.55 10.36 1.58
C GLY O 105 13.25 8.89 1.72
N GLU O 106 12.20 8.46 1.04
CA GLU O 106 11.67 7.10 1.16
C GLU O 106 12.68 6.06 0.73
N LEU O 107 13.59 6.43 -0.15
CA LEU O 107 14.59 5.51 -0.67
C LEU O 107 15.55 5.09 0.44
N ALA O 108 15.96 6.04 1.28
CA ALA O 108 16.77 5.73 2.45
C ALA O 108 16.05 4.83 3.43
N LYS O 109 14.77 5.10 3.66
CA LYS O 109 13.95 4.27 4.54
C LYS O 109 13.98 2.81 4.11
N HIS O 110 13.71 2.55 2.83
CA HIS O 110 13.68 1.18 2.36
C HIS O 110 15.08 0.55 2.36
N ALA O 111 16.11 1.33 2.03
CA ALA O 111 17.46 0.79 2.07
C ALA O 111 17.86 0.37 3.48
N VAL O 112 17.52 1.19 4.47
CA VAL O 112 17.77 0.86 5.85
C VAL O 112 17.07 -0.43 6.24
N SER O 113 15.79 -0.55 5.87
CA SER O 113 15.06 -1.78 6.17
C SER O 113 15.78 -2.99 5.60
N GLU O 114 16.17 -2.92 4.33
CA GLU O 114 16.79 -4.07 3.68
C GLU O 114 18.11 -4.44 4.35
N GLY O 115 18.96 -3.46 4.62
CA GLY O 115 20.24 -3.75 5.24
C GLY O 115 20.09 -4.36 6.63
N THR O 116 19.17 -3.80 7.42
CA THR O 116 18.90 -4.34 8.74
C THR O 116 18.44 -5.79 8.67
N LYS O 117 17.54 -6.12 7.75
CA LYS O 117 17.12 -7.51 7.61
C LYS O 117 18.28 -8.41 7.24
N ALA O 118 19.11 -7.97 6.30
CA ALA O 118 20.25 -8.78 5.90
C ALA O 118 21.15 -9.12 7.07
N VAL O 119 21.52 -8.10 7.84
CA VAL O 119 22.37 -8.35 9.00
C VAL O 119 21.66 -9.26 9.99
N THR O 120 20.38 -9.01 10.24
CA THR O 120 19.64 -9.81 11.20
C THR O 120 19.69 -11.28 10.86
N LYS O 121 19.43 -11.65 9.60
CA LYS O 121 19.40 -13.07 9.28
C LYS O 121 20.79 -13.62 8.97
N TYR O 122 21.79 -12.76 8.81
CA TYR O 122 23.16 -13.25 8.76
C TYR O 122 23.62 -13.69 10.14
N THR O 123 23.30 -12.90 11.16
CA THR O 123 23.74 -13.23 12.50
C THR O 123 23.06 -14.48 13.05
N SER O 124 21.83 -14.76 12.63
CA SER O 124 21.05 -15.82 13.25
C SER O 124 21.38 -17.19 12.70
N SER O 125 22.21 -17.27 11.68
CA SER O 125 22.65 -18.54 11.13
C SER O 125 23.80 -19.17 11.93
N GLN P 45 5.64 24.81 -41.46
CA GLN P 45 6.39 24.79 -40.18
C GLN P 45 7.81 24.27 -40.43
N GLY P 46 8.11 23.09 -39.90
CA GLY P 46 9.41 22.49 -40.10
C GLY P 46 10.28 22.51 -38.87
N TRP P 47 10.10 23.52 -38.02
CA TRP P 47 10.87 23.58 -36.78
C TRP P 47 10.33 22.61 -35.75
N LEU P 48 9.02 22.39 -35.74
CA LEU P 48 8.41 21.52 -34.74
C LEU P 48 8.68 20.07 -35.05
N LYS P 49 8.56 19.68 -36.32
CA LYS P 49 8.93 18.34 -36.75
C LYS P 49 10.37 18.02 -36.37
N GLU P 50 11.28 18.95 -36.65
CA GLU P 50 12.69 18.74 -36.34
C GLU P 50 12.94 18.64 -34.84
N ILE P 51 12.27 19.48 -34.04
CA ILE P 51 12.44 19.40 -32.59
C ILE P 51 11.97 18.05 -32.07
N ARG P 52 10.79 17.61 -32.53
CA ARG P 52 10.23 16.35 -32.08
C ARG P 52 11.14 15.19 -32.48
N LYS P 53 11.65 15.21 -33.71
CA LYS P 53 12.53 14.17 -34.19
C LYS P 53 13.81 14.09 -33.39
N LEU P 54 14.38 15.25 -33.04
CA LEU P 54 15.69 15.27 -32.42
C LEU P 54 15.65 14.96 -30.92
N GLN P 55 14.56 15.29 -30.24
CA GLN P 55 14.42 14.91 -28.84
C GLN P 55 14.13 13.44 -28.67
N LYS P 56 13.67 12.77 -29.72
CA LYS P 56 13.34 11.35 -29.68
C LYS P 56 14.56 10.47 -29.86
N SER P 57 15.68 11.06 -30.26
CA SER P 57 16.86 10.33 -30.66
C SER P 57 17.95 10.40 -29.61
N THR P 58 19.07 9.73 -29.91
CA THR P 58 20.19 9.60 -29.00
C THR P 58 21.54 9.84 -29.64
N HIS P 59 21.63 9.87 -30.96
CA HIS P 59 22.92 9.86 -31.62
C HIS P 59 23.60 11.23 -31.51
N LEU P 60 24.90 11.22 -31.81
CA LEU P 60 25.70 12.42 -31.76
C LEU P 60 25.42 13.30 -32.97
N LEU P 61 25.56 14.61 -32.79
CA LEU P 61 25.15 15.59 -33.78
C LEU P 61 26.31 16.31 -34.45
N ILE P 62 27.43 16.42 -33.78
CA ILE P 62 28.65 16.94 -34.39
C ILE P 62 29.37 15.81 -35.10
N ARG P 63 29.96 16.11 -36.24
CA ARG P 63 30.73 15.13 -36.97
C ARG P 63 32.03 14.83 -36.23
N LYS P 64 32.62 13.66 -36.53
CA LYS P 64 33.63 13.11 -35.64
C LYS P 64 35.02 13.65 -35.95
N LEU P 65 35.41 13.69 -37.20
CA LEU P 65 36.73 14.12 -37.59
C LEU P 65 37.01 15.56 -37.17
N PRO P 66 36.07 16.48 -37.37
CA PRO P 66 36.30 17.85 -36.89
C PRO P 66 36.53 17.96 -35.40
N PHE P 67 35.74 17.26 -34.61
CA PHE P 67 35.90 17.25 -33.16
C PHE P 67 37.26 16.67 -32.76
N SER P 68 37.62 15.55 -33.38
CA SER P 68 38.94 14.97 -33.14
C SER P 68 40.04 15.97 -33.43
N ARG P 69 39.94 16.63 -34.58
CA ARG P 69 40.98 17.54 -35.01
C ARG P 69 41.13 18.70 -34.04
N LEU P 70 40.01 19.27 -33.60
CA LEU P 70 40.03 20.36 -32.63
C LEU P 70 40.62 19.92 -31.30
N ALA P 71 40.21 18.76 -30.81
CA ALA P 71 40.72 18.28 -29.53
C ALA P 71 42.22 18.06 -29.57
N ARG P 72 42.72 17.48 -30.66
CA ARG P 72 44.16 17.29 -30.79
C ARG P 72 44.90 18.62 -30.85
N GLU P 73 44.35 19.57 -31.60
CA GLU P 73 44.94 20.91 -31.67
C GLU P 73 45.02 21.57 -30.31
N ILE P 74 44.00 21.36 -29.48
CA ILE P 74 44.02 21.93 -28.14
C ILE P 74 45.04 21.20 -27.26
N CYS P 75 45.12 19.87 -27.37
CA CYS P 75 46.06 19.13 -26.56
C CYS P 75 47.49 19.56 -26.83
N VAL P 76 47.82 19.80 -28.11
CA VAL P 76 49.20 20.09 -28.43
C VAL P 76 49.70 21.38 -27.78
N LYS P 77 48.82 22.31 -27.44
CA LYS P 77 49.24 23.53 -26.78
C LYS P 77 49.69 23.30 -25.35
N PHE P 78 49.21 22.24 -24.73
CA PHE P 78 49.83 21.70 -23.53
C PHE P 78 50.85 20.66 -23.98
N THR P 79 51.33 19.84 -23.07
CA THR P 79 52.26 18.77 -23.42
C THR P 79 53.63 19.27 -23.80
N ARG P 80 53.82 20.59 -23.82
CA ARG P 80 55.12 21.20 -24.14
C ARG P 80 55.47 21.00 -25.60
N GLY P 81 54.47 20.91 -26.46
CA GLY P 81 54.67 20.87 -27.90
C GLY P 81 54.75 19.52 -28.55
N VAL P 82 54.41 18.44 -27.83
CA VAL P 82 54.48 17.09 -28.38
C VAL P 82 53.07 16.56 -28.57
N ASP P 83 52.93 15.66 -29.55
CA ASP P 83 51.64 15.15 -29.98
C ASP P 83 51.35 13.84 -29.26
N PHE P 84 50.33 13.85 -28.42
CA PHE P 84 49.90 12.63 -27.77
C PHE P 84 48.96 11.84 -28.66
N ASN P 85 48.93 10.54 -28.44
CA ASN P 85 47.95 9.67 -29.07
C ASN P 85 46.69 9.64 -28.22
N TRP P 86 45.59 9.23 -28.86
CA TRP P 86 44.28 9.20 -28.23
C TRP P 86 43.62 7.86 -28.51
N GLN P 87 43.10 7.23 -27.46
CA GLN P 87 42.16 6.14 -27.68
C GLN P 87 40.87 6.67 -28.27
N ALA P 88 40.11 5.80 -28.92
CA ALA P 88 38.86 6.22 -29.56
C ALA P 88 37.77 6.46 -28.53
N GLN P 89 37.64 5.55 -27.56
CA GLN P 89 36.65 5.70 -26.53
C GLN P 89 36.83 7.01 -25.77
N ALA P 90 38.06 7.52 -25.72
CA ALA P 90 38.32 8.79 -25.06
C ALA P 90 37.66 9.94 -25.81
N LEU P 91 37.82 9.98 -27.12
CA LEU P 91 37.20 11.00 -27.92
C LEU P 91 35.68 10.89 -27.90
N LEU P 92 35.14 9.68 -27.92
CA LEU P 92 33.70 9.53 -27.76
C LEU P 92 33.20 10.03 -26.41
N ALA P 93 33.92 9.70 -25.34
CA ALA P 93 33.56 10.22 -24.03
C ALA P 93 33.52 11.74 -24.02
N LEU P 94 34.57 12.36 -24.56
CA LEU P 94 34.65 13.81 -24.58
C LEU P 94 33.52 14.41 -25.41
N GLN P 95 33.20 13.79 -26.54
CA GLN P 95 32.13 14.29 -27.39
C GLN P 95 30.77 14.18 -26.71
N GLU P 96 30.47 13.04 -26.10
CA GLU P 96 29.23 12.90 -25.37
C GLU P 96 29.09 13.96 -24.30
N ALA P 97 30.14 14.15 -23.51
CA ALA P 97 30.10 15.16 -22.46
C ALA P 97 29.88 16.56 -23.02
N ALA P 98 30.57 16.91 -24.11
CA ALA P 98 30.43 18.24 -24.68
C ALA P 98 29.02 18.49 -25.21
N GLU P 99 28.47 17.55 -25.96
CA GLU P 99 27.13 17.74 -26.49
C GLU P 99 26.09 17.82 -25.38
N ALA P 100 26.24 17.00 -24.35
CA ALA P 100 25.36 17.15 -23.18
C ALA P 100 25.44 18.54 -22.59
N PHE P 101 26.65 19.03 -22.36
CA PHE P 101 26.84 20.37 -21.83
C PHE P 101 26.12 21.41 -22.67
N LEU P 102 26.28 21.34 -23.99
CA LEU P 102 25.72 22.38 -24.85
C LEU P 102 24.21 22.31 -24.90
N VAL P 103 23.65 21.10 -24.97
CA VAL P 103 22.21 20.96 -25.00
C VAL P 103 21.58 21.48 -23.72
N HIS P 104 22.15 21.13 -22.58
CA HIS P 104 21.63 21.62 -21.31
C HIS P 104 21.76 23.12 -21.20
N LEU P 105 22.84 23.70 -21.71
CA LEU P 105 23.00 25.15 -21.67
C LEU P 105 21.98 25.84 -22.56
N PHE P 106 21.72 25.30 -23.75
CA PHE P 106 20.67 25.86 -24.60
C PHE P 106 19.32 25.78 -23.92
N GLU P 107 19.05 24.70 -23.21
CA GLU P 107 17.81 24.59 -22.46
C GLU P 107 17.70 25.69 -21.41
N ASP P 108 18.75 25.84 -20.59
CA ASP P 108 18.73 26.82 -19.52
C ASP P 108 18.60 28.24 -20.06
N ALA P 109 19.08 28.46 -21.29
CA ALA P 109 19.17 29.81 -21.82
C ALA P 109 17.93 30.22 -22.59
N TYR P 110 17.18 29.26 -23.13
CA TYR P 110 15.94 29.62 -23.81
C TYR P 110 14.85 29.93 -22.79
N LEU P 111 15.13 29.70 -21.51
CA LEU P 111 14.23 30.13 -20.47
C LEU P 111 14.34 31.62 -20.21
N LEU P 112 15.44 32.24 -20.66
CA LEU P 112 15.65 33.65 -20.43
C LEU P 112 15.17 34.50 -21.60
N THR P 113 14.97 33.88 -22.76
CA THR P 113 14.34 34.58 -23.87
C THR P 113 12.86 34.78 -23.59
N LEU P 114 12.22 33.75 -23.04
CA LEU P 114 10.80 33.81 -22.76
C LEU P 114 10.52 34.69 -21.55
N HIS P 115 11.47 34.72 -20.62
CA HIS P 115 11.41 35.67 -19.52
C HIS P 115 11.37 37.10 -20.03
N ALA P 116 12.17 37.40 -21.05
CA ALA P 116 12.22 38.72 -21.64
C ALA P 116 11.16 38.94 -22.70
N GLY P 117 10.22 38.02 -22.86
CA GLY P 117 9.15 38.21 -23.80
C GLY P 117 9.52 37.95 -25.23
N ARG P 118 10.59 37.21 -25.48
CA ARG P 118 11.07 36.97 -26.82
C ARG P 118 10.84 35.53 -27.25
N VAL P 119 11.19 35.27 -28.49
CA VAL P 119 11.20 33.93 -29.05
C VAL P 119 12.55 33.58 -29.64
N THR P 120 13.39 34.57 -29.91
CA THR P 120 14.64 34.40 -30.61
C THR P 120 15.80 34.35 -29.61
N LEU P 121 16.71 33.41 -29.81
CA LEU P 121 17.86 33.25 -28.93
C LEU P 121 18.95 34.24 -29.29
N PHE P 122 19.46 34.94 -28.28
CA PHE P 122 20.54 35.88 -28.39
C PHE P 122 21.71 35.45 -27.54
N PRO P 123 22.88 36.07 -27.70
CA PRO P 123 24.03 35.65 -26.90
C PRO P 123 23.99 36.10 -25.45
N LYS P 124 23.36 37.24 -25.15
CA LYS P 124 23.24 37.69 -23.78
C LYS P 124 22.58 36.65 -22.90
N ASP P 125 21.65 35.86 -23.46
CA ASP P 125 21.01 34.79 -22.73
C ASP P 125 22.00 33.72 -22.29
N VAL P 126 22.86 33.27 -23.20
CA VAL P 126 23.88 32.30 -22.86
C VAL P 126 24.84 32.86 -21.83
N GLN P 127 25.28 34.10 -22.01
CA GLN P 127 26.17 34.72 -21.06
C GLN P 127 25.58 34.73 -19.66
N LEU P 128 24.33 35.16 -19.53
CA LEU P 128 23.71 35.25 -18.22
C LEU P 128 23.49 33.88 -17.60
N ALA P 129 23.14 32.88 -18.40
CA ALA P 129 23.00 31.54 -17.86
C ALA P 129 24.32 31.05 -17.28
N ARG P 130 25.41 31.25 -18.01
CA ARG P 130 26.72 30.86 -17.50
C ARG P 130 27.07 31.61 -16.24
N ARG P 131 26.77 32.90 -16.18
CA ARG P 131 27.01 33.67 -14.97
C ARG P 131 26.26 33.10 -13.78
N ILE P 132 24.97 32.85 -13.94
CA ILE P 132 24.16 32.41 -12.82
C ILE P 132 24.52 31.00 -12.37
N ARG P 133 24.91 30.13 -13.30
CA ARG P 133 25.35 28.79 -12.90
C ARG P 133 26.59 28.85 -12.02
N GLY P 134 27.45 29.84 -12.22
CA GLY P 134 28.69 29.94 -11.49
C GLY P 134 29.92 29.64 -12.30
N LEU P 135 29.79 29.42 -13.60
CA LEU P 135 30.92 29.07 -14.45
C LEU P 135 31.75 30.30 -14.78
N ASP Q 25 41.19 27.60 -39.17
CA ASP Q 25 39.88 26.93 -39.01
C ASP Q 25 39.89 26.03 -37.78
N ASN Q 26 39.31 24.84 -37.93
CA ASN Q 26 39.27 23.78 -36.92
C ASN Q 26 38.26 24.10 -35.83
N ILE Q 27 37.76 25.32 -35.83
CA ILE Q 27 36.62 25.68 -35.00
C ILE Q 27 35.43 26.00 -35.88
N GLN Q 28 35.69 26.20 -37.18
CA GLN Q 28 34.65 26.37 -38.18
C GLN Q 28 34.19 25.06 -38.77
N GLY Q 29 34.77 23.95 -38.34
CA GLY Q 29 34.22 22.64 -38.63
C GLY Q 29 33.08 22.25 -37.74
N ILE Q 30 32.88 23.01 -36.66
CA ILE Q 30 31.64 23.00 -35.90
C ILE Q 30 30.67 23.88 -36.67
N THR Q 31 29.78 23.26 -37.43
CA THR Q 31 29.06 23.97 -38.46
C THR Q 31 27.78 24.57 -37.94
N LYS Q 32 27.24 25.49 -38.75
CA LYS Q 32 25.96 26.11 -38.50
C LYS Q 32 24.82 25.10 -38.35
N PRO Q 33 24.64 24.14 -39.24
CA PRO Q 33 23.62 23.11 -39.04
C PRO Q 33 23.81 22.26 -37.79
N ALA Q 34 25.04 21.92 -37.43
CA ALA Q 34 25.25 21.13 -36.21
C ALA Q 34 24.79 21.89 -34.98
N ILE Q 35 25.16 23.17 -34.88
CA ILE Q 35 24.72 24.00 -33.77
C ILE Q 35 23.21 24.14 -33.77
N ARG Q 36 22.63 24.28 -34.95
CA ARG Q 36 21.18 24.39 -35.05
C ARG Q 36 20.49 23.11 -34.59
N ARG Q 37 21.05 21.95 -34.90
CA ARG Q 37 20.50 20.69 -34.39
C ARG Q 37 20.62 20.59 -32.88
N LEU Q 38 21.78 20.97 -32.34
CA LEU Q 38 21.94 20.95 -30.89
C LEU Q 38 20.95 21.88 -30.21
N ALA Q 39 20.66 23.01 -30.82
CA ALA Q 39 19.68 23.94 -30.29
C ALA Q 39 18.28 23.37 -30.35
N ARG Q 40 17.92 22.75 -31.47
CA ARG Q 40 16.60 22.17 -31.61
C ARG Q 40 16.37 21.04 -30.61
N ARG Q 41 17.37 20.21 -30.35
CA ARG Q 41 17.22 19.19 -29.33
C ARG Q 41 16.95 19.82 -27.96
N GLY Q 42 17.38 21.06 -27.77
CA GLY Q 42 17.09 21.77 -26.54
C GLY Q 42 15.79 22.55 -26.56
N GLY Q 43 15.05 22.51 -27.65
CA GLY Q 43 13.75 23.13 -27.73
C GLY Q 43 13.75 24.54 -28.27
N VAL Q 44 14.74 24.93 -29.04
CA VAL Q 44 14.87 26.30 -29.51
C VAL Q 44 14.20 26.44 -30.86
N LYS Q 45 13.30 27.41 -30.97
CA LYS Q 45 12.55 27.66 -32.19
C LYS Q 45 13.32 28.52 -33.18
N ARG Q 46 13.88 29.64 -32.72
CA ARG Q 46 14.60 30.56 -33.57
C ARG Q 46 15.97 30.86 -32.96
N ILE Q 47 16.89 31.27 -33.81
CA ILE Q 47 18.31 31.35 -33.50
C ILE Q 47 18.91 32.53 -34.24
N SER Q 48 19.46 33.48 -33.50
CA SER Q 48 20.18 34.60 -34.09
C SER Q 48 21.45 34.13 -34.78
N GLY Q 49 21.92 34.94 -35.72
CA GLY Q 49 23.10 34.62 -36.48
C GLY Q 49 24.40 34.76 -35.73
N LEU Q 50 24.36 35.37 -34.55
CA LEU Q 50 25.54 35.54 -33.74
C LEU Q 50 25.73 34.43 -32.73
N ILE Q 51 24.85 33.44 -32.73
CA ILE Q 51 24.93 32.31 -31.80
C ILE Q 51 26.01 31.32 -32.22
N TYR Q 52 26.39 31.34 -33.49
CA TYR Q 52 27.32 30.33 -33.97
C TYR Q 52 28.73 30.59 -33.49
N GLU Q 53 29.11 31.86 -33.34
CA GLU Q 53 30.42 32.17 -32.76
C GLU Q 53 30.45 32.00 -31.25
N GLU Q 54 29.38 32.41 -30.56
CA GLU Q 54 29.33 32.30 -29.11
C GLU Q 54 29.42 30.84 -28.67
N THR Q 55 28.69 29.97 -29.35
CA THR Q 55 28.72 28.55 -29.03
C THR Q 55 30.11 27.97 -29.24
N ARG Q 56 30.76 28.37 -30.34
CA ARG Q 56 32.11 27.92 -30.62
C ARG Q 56 33.06 28.34 -29.50
N GLY Q 57 32.94 29.58 -29.04
CA GLY Q 57 33.80 30.02 -27.95
C GLY Q 57 33.59 29.25 -26.68
N VAL Q 58 32.34 29.04 -26.28
CA VAL Q 58 32.08 28.35 -25.02
C VAL Q 58 32.51 26.89 -25.11
N LEU Q 59 32.32 26.25 -26.26
CA LEU Q 59 32.80 24.90 -26.45
C LEU Q 59 34.32 24.85 -26.34
N LYS Q 60 35.02 25.76 -27.03
CA LYS Q 60 36.47 25.78 -26.94
C LYS Q 60 36.94 25.98 -25.51
N VAL Q 61 36.20 26.74 -24.72
CA VAL Q 61 36.55 26.90 -23.31
C VAL Q 61 36.35 25.61 -22.53
N PHE Q 62 35.26 24.89 -22.82
CA PHE Q 62 34.96 23.67 -22.08
C PHE Q 62 36.02 22.61 -22.31
N LEU Q 63 36.48 22.47 -23.55
CA LEU Q 63 37.44 21.42 -23.88
C LEU Q 63 38.80 21.68 -23.25
N GLU Q 64 39.23 22.93 -23.22
CA GLU Q 64 40.53 23.26 -22.65
C GLU Q 64 40.65 22.79 -21.21
N ASN Q 65 39.63 23.04 -20.40
CA ASN Q 65 39.70 22.70 -18.99
C ASN Q 65 39.76 21.20 -18.77
N VAL Q 66 38.98 20.44 -19.52
CA VAL Q 66 38.99 18.98 -19.38
C VAL Q 66 40.29 18.40 -19.87
N ILE Q 67 40.77 18.87 -21.03
CA ILE Q 67 41.89 18.24 -21.69
C ILE Q 67 43.17 18.38 -20.89
N ARG Q 68 43.39 19.53 -20.25
CA ARG Q 68 44.61 19.69 -19.48
C ARG Q 68 44.62 18.82 -18.24
N ASP Q 69 43.48 18.65 -17.58
CA ASP Q 69 43.39 17.73 -16.47
C ASP Q 69 43.63 16.30 -16.93
N ALA Q 70 43.08 15.93 -18.09
CA ALA Q 70 43.33 14.61 -18.64
C ALA Q 70 44.81 14.40 -18.91
N VAL Q 71 45.46 15.40 -19.49
CA VAL Q 71 46.88 15.29 -19.82
C VAL Q 71 47.72 15.21 -18.55
N THR Q 72 47.30 15.92 -17.50
CA THR Q 72 48.01 15.82 -16.23
C THR Q 72 47.91 14.42 -15.64
N TYR Q 73 46.69 13.87 -15.56
CA TYR Q 73 46.52 12.50 -15.13
C TYR Q 73 47.33 11.54 -16.00
N THR Q 74 47.48 11.88 -17.28
CA THR Q 74 48.16 11.00 -18.23
C THR Q 74 49.66 11.07 -18.08
N GLU Q 75 50.19 12.23 -17.71
CA GLU Q 75 51.62 12.39 -17.51
C GLU Q 75 52.10 11.91 -16.15
N HIS Q 76 51.27 12.00 -15.11
CA HIS Q 76 51.69 11.43 -13.83
C HIS Q 76 52.09 9.98 -13.99
N ALA Q 77 51.21 9.18 -14.59
CA ALA Q 77 51.64 7.96 -15.22
C ALA Q 77 52.48 8.31 -16.43
N LYS Q 78 53.52 7.53 -16.68
CA LYS Q 78 54.52 7.91 -17.67
C LYS Q 78 54.22 7.22 -19.00
N ARG Q 79 53.15 7.69 -19.64
CA ARG Q 79 52.69 7.17 -20.90
C ARG Q 79 52.25 8.32 -21.79
N LYS Q 80 52.13 8.04 -23.09
CA LYS Q 80 51.89 9.05 -24.10
C LYS Q 80 50.58 8.85 -24.85
N THR Q 81 49.60 8.23 -24.21
CA THR Q 81 48.31 7.92 -24.81
C THR Q 81 47.23 8.29 -23.81
N VAL Q 82 46.28 9.09 -24.25
CA VAL Q 82 45.17 9.49 -23.40
C VAL Q 82 44.12 8.40 -23.43
N THR Q 83 43.78 7.87 -22.26
CA THR Q 83 42.77 6.84 -22.13
C THR Q 83 41.45 7.43 -21.67
N ALA Q 84 40.39 6.62 -21.81
CA ALA Q 84 39.06 7.07 -21.43
C ALA Q 84 38.96 7.34 -19.95
N MET Q 85 39.71 6.60 -19.14
CA MET Q 85 39.64 6.80 -17.70
C MET Q 85 40.22 8.14 -17.28
N ASP Q 86 41.22 8.64 -17.99
CA ASP Q 86 41.73 9.97 -17.70
C ASP Q 86 40.66 11.02 -17.94
N VAL Q 87 39.92 10.91 -19.04
CA VAL Q 87 38.81 11.80 -19.32
C VAL Q 87 37.75 11.69 -18.24
N VAL Q 88 37.42 10.47 -17.83
CA VAL Q 88 36.38 10.28 -16.83
C VAL Q 88 36.78 10.90 -15.50
N TYR Q 89 38.02 10.69 -15.08
CA TYR Q 89 38.51 11.30 -13.84
C TYR Q 89 38.49 12.82 -13.93
N ALA Q 90 38.93 13.38 -15.06
CA ALA Q 90 38.87 14.81 -15.25
C ALA Q 90 37.47 15.35 -15.09
N LEU Q 91 36.52 14.76 -15.81
CA LEU Q 91 35.14 15.21 -15.71
C LEU Q 91 34.62 15.08 -14.30
N LYS Q 92 34.97 14.00 -13.61
CA LYS Q 92 34.58 13.82 -12.21
C LYS Q 92 35.12 14.95 -11.34
N ARG Q 93 36.35 15.38 -11.60
CA ARG Q 93 36.87 16.58 -10.94
C ARG Q 93 35.99 17.79 -11.22
N GLN Q 94 35.79 18.12 -12.49
CA GLN Q 94 34.93 19.24 -12.85
C GLN Q 94 33.52 19.12 -12.29
N GLY Q 95 33.15 17.96 -11.74
CA GLY Q 95 31.79 17.74 -11.28
C GLY Q 95 30.82 17.27 -12.33
N ARG Q 96 31.29 16.47 -13.28
CA ARG Q 96 30.47 16.05 -14.42
C ARG Q 96 30.55 14.55 -14.64
N THR Q 97 30.36 13.80 -13.57
CA THR Q 97 30.39 12.35 -13.61
C THR Q 97 29.72 11.80 -14.86
N LEU Q 98 30.37 10.83 -15.49
CA LEU Q 98 29.91 10.24 -16.73
C LEU Q 98 29.83 8.72 -16.58
N TYR Q 99 28.71 8.15 -16.99
CA TYR Q 99 28.48 6.72 -16.96
C TYR Q 99 28.57 6.15 -18.37
N GLY Q 100 29.24 5.02 -18.50
CA GLY Q 100 29.29 4.34 -19.77
C GLY Q 100 30.64 3.79 -20.19
N PHE Q 101 31.71 4.43 -19.74
CA PHE Q 101 33.06 4.07 -20.17
C PHE Q 101 33.93 3.57 -19.03
N GLY Q 102 33.56 3.85 -17.79
CA GLY Q 102 34.26 3.30 -16.64
C GLY Q 102 33.73 3.88 -15.34
N LYS R 16 68.48 21.45 13.61
CA LYS R 16 68.23 20.00 13.53
C LYS R 16 66.75 19.69 13.37
N SER R 17 65.93 20.74 13.34
CA SER R 17 64.53 20.56 13.00
C SER R 17 64.35 20.49 11.50
N ARG R 18 63.27 19.84 11.08
CA ARG R 18 63.06 19.60 9.66
C ARG R 18 62.59 20.85 8.94
N SER R 19 61.82 21.70 9.62
CA SER R 19 61.40 22.95 9.02
C SER R 19 62.57 23.90 8.82
N SER R 20 63.57 23.84 9.70
CA SER R 20 64.75 24.67 9.53
C SER R 20 65.63 24.17 8.39
N ARG R 21 65.84 22.87 8.30
CA ARG R 21 66.62 22.32 7.19
C ARG R 21 66.04 22.74 5.86
N ALA R 22 64.73 22.95 5.80
CA ALA R 22 64.05 23.27 4.55
C ALA R 22 63.87 24.75 4.32
N GLY R 23 64.06 25.58 5.35
CA GLY R 23 63.86 27.00 5.21
C GLY R 23 62.43 27.45 5.34
N LEU R 24 61.72 26.92 6.32
CA LEU R 24 60.29 27.12 6.46
C LEU R 24 59.94 27.52 7.88
N GLN R 25 58.74 28.08 8.02
CA GLN R 25 58.18 28.38 9.33
C GLN R 25 57.10 27.38 9.73
N PHE R 26 56.49 26.73 8.74
CA PHE R 26 55.44 25.79 9.02
C PHE R 26 56.01 24.45 9.48
N PRO R 27 55.21 23.65 10.15
CA PRO R 27 55.72 22.42 10.75
C PRO R 27 55.73 21.23 9.81
N VAL R 28 56.90 20.64 9.64
CA VAL R 28 57.03 19.48 8.75
C VAL R 28 56.66 18.20 9.49
N GLY R 29 57.01 18.10 10.76
CA GLY R 29 56.68 16.91 11.52
C GLY R 29 55.18 16.71 11.70
N ARG R 30 54.48 17.80 12.00
CA ARG R 30 53.04 17.71 12.21
C ARG R 30 52.33 17.30 10.93
N VAL R 31 52.75 17.84 9.79
CA VAL R 31 52.14 17.46 8.52
C VAL R 31 52.35 15.99 8.26
N HIS R 32 53.54 15.47 8.56
CA HIS R 32 53.83 14.05 8.43
C HIS R 32 52.88 13.22 9.30
N ARG R 33 52.74 13.60 10.56
CA ARG R 33 51.87 12.88 11.47
C ARG R 33 50.43 12.89 10.98
N LEU R 34 49.97 14.02 10.45
CA LEU R 34 48.60 14.13 10.00
C LEU R 34 48.34 13.32 8.73
N LEU R 35 49.33 13.26 7.85
CA LEU R 35 49.21 12.38 6.69
C LEU R 35 49.17 10.92 7.11
N ARG R 36 49.99 10.54 8.10
CA ARG R 36 50.03 9.15 8.54
C ARG R 36 48.71 8.73 9.17
N LYS R 37 48.07 9.62 9.92
CA LYS R 37 46.91 9.24 10.71
C LYS R 37 45.59 9.38 9.97
N GLY R 38 45.59 9.94 8.77
CA GLY R 38 44.38 10.26 8.05
C GLY R 38 43.88 9.21 7.10
N ASN R 39 44.51 8.04 7.06
CA ASN R 39 44.13 6.98 6.13
C ASN R 39 44.15 7.50 4.70
N TYR R 40 45.28 8.07 4.29
CA TYR R 40 45.44 8.51 2.92
C TYR R 40 46.24 7.50 2.11
N ALA R 41 47.13 6.76 2.77
CA ALA R 41 47.86 5.69 2.12
C ALA R 41 48.57 4.87 3.18
N GLU R 42 49.04 3.70 2.76
CA GLU R 42 49.72 2.79 3.66
C GLU R 42 51.13 3.27 3.98
N ARG R 43 51.67 4.19 3.18
CA ARG R 43 53.00 4.71 3.36
C ARG R 43 53.04 6.17 2.97
N VAL R 44 54.04 6.88 3.50
CA VAL R 44 54.24 8.30 3.23
C VAL R 44 55.72 8.57 3.14
N GLY R 45 56.14 9.25 2.08
CA GLY R 45 57.54 9.56 1.90
C GLY R 45 57.98 10.76 2.70
N ALA R 46 59.26 11.10 2.51
CA ALA R 46 59.90 12.11 3.35
C ALA R 46 59.83 13.50 2.77
N GLY R 47 59.66 13.63 1.46
CA GLY R 47 59.55 14.94 0.84
C GLY R 47 58.14 15.47 0.75
N ALA R 48 57.15 14.60 0.90
CA ALA R 48 55.76 15.03 0.85
C ALA R 48 55.43 16.06 1.91
N PRO R 49 55.76 15.84 3.19
CA PRO R 49 55.47 16.86 4.19
C PRO R 49 56.13 18.20 3.93
N VAL R 50 57.37 18.22 3.45
CA VAL R 50 58.04 19.50 3.23
C VAL R 50 57.41 20.21 2.04
N TYR R 51 57.11 19.45 0.98
CA TYR R 51 56.55 20.05 -0.22
C TYR R 51 55.21 20.69 0.12
N LEU R 52 54.36 19.94 0.82
CA LEU R 52 53.03 20.43 1.20
C LEU R 52 53.10 21.60 2.17
N ALA R 53 53.99 21.54 3.16
CA ALA R 53 54.13 22.65 4.10
C ALA R 53 54.54 23.91 3.37
N ALA R 54 55.45 23.80 2.41
CA ALA R 54 55.85 24.96 1.64
C ALA R 54 54.70 25.55 0.83
N VAL R 55 53.89 24.69 0.23
CA VAL R 55 52.73 25.19 -0.52
C VAL R 55 51.77 25.93 0.40
N LEU R 56 51.50 25.35 1.56
CA LEU R 56 50.61 25.99 2.52
C LEU R 56 51.15 27.36 2.95
N GLU R 57 52.45 27.43 3.21
CA GLU R 57 53.06 28.71 3.59
C GLU R 57 52.95 29.73 2.48
N TYR R 58 53.19 29.33 1.23
CA TYR R 58 53.07 30.25 0.11
C TYR R 58 51.67 30.84 0.05
N LEU R 59 50.65 29.99 0.11
CA LEU R 59 49.29 30.49 0.02
C LEU R 59 48.92 31.39 1.19
N THR R 60 49.30 30.98 2.40
CA THR R 60 49.05 31.80 3.57
C THR R 60 49.62 33.21 3.40
N ALA R 61 50.88 33.30 3.01
CA ALA R 61 51.50 34.62 2.87
C ALA R 61 50.88 35.42 1.74
N GLU R 62 50.51 34.74 0.65
CA GLU R 62 49.91 35.43 -0.47
C GLU R 62 48.60 36.09 -0.07
N ILE R 63 47.81 35.42 0.77
CA ILE R 63 46.57 36.03 1.24
C ILE R 63 46.87 37.16 2.22
N LEU R 64 47.78 36.92 3.16
CA LEU R 64 48.03 37.92 4.19
C LEU R 64 48.55 39.23 3.61
N GLU R 65 49.35 39.16 2.54
CA GLU R 65 49.83 40.39 1.92
C GLU R 65 48.69 41.27 1.46
N LEU R 66 47.76 40.69 0.70
CA LEU R 66 46.64 41.45 0.19
C LEU R 66 45.73 41.95 1.31
N ALA R 67 45.54 41.13 2.34
CA ALA R 67 44.72 41.56 3.46
C ALA R 67 45.34 42.76 4.17
N GLY R 68 46.66 42.74 4.38
CA GLY R 68 47.32 43.88 4.98
C GLY R 68 47.26 45.12 4.11
N ASN R 69 47.35 44.94 2.80
CA ASN R 69 47.19 46.08 1.90
C ASN R 69 45.80 46.69 2.02
N ALA R 70 44.77 45.84 2.06
CA ALA R 70 43.41 46.34 2.22
C ALA R 70 43.24 47.06 3.54
N ALA R 71 43.83 46.54 4.61
CA ALA R 71 43.80 47.25 5.88
C ALA R 71 44.45 48.60 5.78
N ARG R 72 45.60 48.68 5.11
CA ARG R 72 46.27 49.96 4.94
C ARG R 72 45.40 50.94 4.18
N ASP R 73 44.72 50.48 3.13
CA ASP R 73 43.83 51.36 2.38
C ASP R 73 42.72 51.91 3.25
N ASN R 74 42.24 51.12 4.21
CA ASN R 74 41.21 51.54 5.13
C ASN R 74 41.76 52.24 6.35
N LYS R 75 43.08 52.46 6.40
CA LYS R 75 43.72 53.22 7.46
C LYS R 75 43.62 52.50 8.81
N LYS R 76 44.04 51.25 8.82
CA LYS R 76 44.04 50.43 10.03
C LYS R 76 45.27 49.53 10.07
N THR R 77 45.64 49.13 11.28
CA THR R 77 46.83 48.35 11.53
C THR R 77 46.53 46.92 11.97
N ARG R 78 45.28 46.50 11.90
CA ARG R 78 44.88 45.18 12.36
C ARG R 78 43.92 44.56 11.36
N ILE R 79 44.17 43.30 11.03
CA ILE R 79 43.41 42.61 10.00
C ILE R 79 42.15 42.01 10.61
N ILE R 80 41.05 42.11 9.88
CA ILE R 80 39.77 41.53 10.29
C ILE R 80 39.14 40.86 9.08
N PRO R 81 38.12 40.02 9.26
CA PRO R 81 37.63 39.19 8.15
C PRO R 81 37.17 39.98 6.94
N ARG R 82 36.67 41.18 7.12
CA ARG R 82 36.35 42.05 5.99
C ARG R 82 37.52 42.19 5.03
N HIS R 83 38.73 42.36 5.57
CA HIS R 83 39.90 42.55 4.73
C HIS R 83 40.23 41.29 3.95
N LEU R 84 40.14 40.14 4.60
CA LEU R 84 40.31 38.86 3.92
C LEU R 84 39.31 38.69 2.79
N GLN R 85 38.04 39.04 3.03
CA GLN R 85 37.03 38.93 1.99
C GLN R 85 37.36 39.83 0.81
N LEU R 86 37.73 41.08 1.07
CA LEU R 86 38.08 41.98 -0.02
C LEU R 86 39.26 41.45 -0.82
N ALA R 87 40.31 41.03 -0.13
CA ALA R 87 41.45 40.42 -0.79
C ALA R 87 41.03 39.29 -1.72
N ILE R 88 40.25 38.35 -1.19
CA ILE R 88 39.89 37.16 -1.94
C ILE R 88 39.04 37.52 -3.14
N ARG R 89 38.02 38.34 -2.95
CA ARG R 89 37.06 38.59 -4.02
C ARG R 89 37.58 39.56 -5.07
N ASN R 90 38.58 40.37 -4.75
CA ASN R 90 39.18 41.23 -5.76
C ASN R 90 40.35 40.60 -6.50
N ASP R 91 40.71 39.37 -6.18
CA ASP R 91 41.77 38.66 -6.88
C ASP R 91 41.15 37.54 -7.70
N GLU R 92 41.52 37.48 -8.98
CA GLU R 92 40.81 36.61 -9.93
C GLU R 92 40.99 35.14 -9.59
N GLU R 93 42.16 34.76 -9.09
CA GLU R 93 42.50 33.35 -8.88
C GLU R 93 42.08 32.83 -7.51
N LEU R 94 42.30 33.61 -6.46
CA LEU R 94 41.88 33.18 -5.13
C LEU R 94 40.36 33.05 -5.05
N ASN R 95 39.63 33.88 -5.77
CA ASN R 95 38.18 33.74 -5.82
C ASN R 95 37.78 32.43 -6.48
N LYS R 96 38.48 32.06 -7.55
CA LYS R 96 38.23 30.78 -8.21
C LYS R 96 38.52 29.62 -7.28
N LEU R 97 39.61 29.71 -6.52
CA LEU R 97 39.93 28.67 -5.56
C LEU R 97 38.91 28.60 -4.44
N LEU R 98 38.44 29.76 -3.99
CA LEU R 98 37.55 29.88 -2.84
C LEU R 98 36.19 30.43 -3.23
N GLY R 99 35.62 29.90 -4.31
CA GLY R 99 34.37 30.42 -4.82
C GLY R 99 33.14 29.79 -4.22
N ARG R 100 33.30 28.61 -3.62
CA ARG R 100 32.20 27.95 -2.92
C ARG R 100 32.35 28.08 -1.41
N VAL R 101 32.83 29.24 -0.96
CA VAL R 101 33.16 29.49 0.44
C VAL R 101 32.53 30.79 0.87
N THR R 102 32.01 30.81 2.09
CA THR R 102 31.49 32.01 2.72
C THR R 102 32.31 32.28 3.98
N ILE R 103 32.69 33.54 4.15
CA ILE R 103 33.60 33.96 5.19
C ILE R 103 32.81 34.74 6.23
N ALA R 104 32.82 34.26 7.47
CA ALA R 104 32.04 34.86 8.53
C ALA R 104 32.47 36.29 8.81
N GLN R 105 31.49 37.17 8.97
CA GLN R 105 31.71 38.57 9.24
C GLN R 105 32.50 39.26 8.14
N GLY R 106 32.29 38.86 6.88
CA GLY R 106 33.00 39.43 5.77
C GLY R 106 32.17 40.37 4.91
N GLY R 107 30.87 40.15 4.83
CA GLY R 107 30.03 41.01 4.03
C GLY R 107 30.13 40.71 2.55
N VAL R 108 29.84 41.74 1.75
CA VAL R 108 29.87 41.64 0.30
C VAL R 108 30.70 42.78 -0.26
N LEU R 109 31.09 42.63 -1.52
CA LEU R 109 31.70 43.73 -2.24
C LEU R 109 30.64 44.73 -2.67
N PRO R 110 30.91 46.03 -2.57
CA PRO R 110 29.97 47.01 -3.11
C PRO R 110 29.79 46.83 -4.61
N ASN R 111 28.54 46.85 -5.04
CA ASN R 111 28.21 46.63 -6.44
C ASN R 111 26.82 47.19 -6.71
N ILE R 112 26.77 48.27 -7.47
CA ILE R 112 25.52 48.83 -7.99
C ILE R 112 25.68 48.93 -9.50
N GLN R 113 24.55 48.87 -10.21
CA GLN R 113 24.57 48.82 -11.66
C GLN R 113 23.37 49.56 -12.22
N ALA R 114 23.61 50.27 -13.33
CA ALA R 114 22.55 50.99 -14.01
C ALA R 114 21.75 50.03 -14.90
N VAL R 115 20.48 50.38 -15.11
CA VAL R 115 19.60 49.57 -15.94
C VAL R 115 19.75 50.00 -17.39
N ARG S 34 45.86 20.06 24.70
CA ARG S 34 44.97 19.06 24.06
C ARG S 34 44.50 19.53 22.69
N LYS S 35 44.27 20.83 22.55
CA LYS S 35 43.91 21.40 21.26
C LYS S 35 45.13 22.01 20.59
N GLU S 36 45.18 21.88 19.26
CA GLU S 36 46.33 22.34 18.49
C GLU S 36 45.86 23.10 17.26
N SER S 37 46.73 23.96 16.74
CA SER S 37 46.37 24.91 15.72
C SER S 37 47.61 25.36 14.95
N TYR S 38 47.39 26.24 13.98
CA TYR S 38 48.43 26.78 13.13
C TYR S 38 48.73 28.26 13.41
N SER S 39 48.29 28.79 14.54
CA SER S 39 48.36 30.22 14.77
C SER S 39 49.79 30.73 14.87
N VAL S 40 50.67 29.94 15.50
CA VAL S 40 52.06 30.37 15.68
C VAL S 40 52.69 30.72 14.35
N TYR S 41 52.50 29.84 13.37
CA TYR S 41 53.18 29.95 12.10
C TYR S 41 52.55 31.03 11.22
N VAL S 42 51.23 31.20 11.33
CA VAL S 42 50.57 32.32 10.67
C VAL S 42 51.12 33.64 11.20
N TYR S 43 51.28 33.75 12.51
CA TYR S 43 51.81 34.98 13.09
C TYR S 43 53.23 35.24 12.61
N LYS S 44 54.06 34.20 12.55
CA LYS S 44 55.40 34.36 12.01
C LYS S 44 55.39 34.87 10.57
N VAL S 45 54.61 34.22 9.72
CA VAL S 45 54.54 34.64 8.32
C VAL S 45 54.07 36.08 8.21
N LEU S 46 53.10 36.47 9.03
CA LEU S 46 52.60 37.84 9.01
C LEU S 46 53.69 38.82 9.40
N LYS S 47 54.40 38.54 10.48
CA LYS S 47 55.51 39.41 10.87
C LYS S 47 56.62 39.40 9.85
N GLN S 48 56.59 38.46 8.93
CA GLN S 48 57.58 38.35 7.87
C GLN S 48 57.18 39.12 6.61
N VAL S 49 55.89 39.30 6.37
CA VAL S 49 55.46 40.10 5.21
C VAL S 49 55.02 41.50 5.62
N HIS S 50 54.31 41.64 6.74
CA HIS S 50 53.84 42.95 7.22
C HIS S 50 54.25 43.11 8.68
N PRO S 51 55.45 43.64 8.92
CA PRO S 51 55.95 43.71 10.31
C PRO S 51 55.18 44.66 11.22
N ASP S 52 54.47 45.63 10.66
CA ASP S 52 53.73 46.63 11.42
C ASP S 52 52.29 46.25 11.72
N THR S 53 51.85 45.06 11.31
CA THR S 53 50.43 44.77 11.20
C THR S 53 50.06 43.58 12.06
N GLY S 54 48.98 43.73 12.83
CA GLY S 54 48.47 42.66 13.66
C GLY S 54 47.34 41.91 12.99
N ILE S 55 46.71 41.04 13.77
CA ILE S 55 45.61 40.21 13.30
C ILE S 55 44.72 39.87 14.49
N SER S 56 43.42 39.92 14.27
CA SER S 56 42.46 39.66 15.32
C SER S 56 42.21 38.16 15.47
N SER S 57 41.48 37.81 16.53
CA SER S 57 41.25 36.41 16.85
C SER S 57 40.22 35.77 15.94
N LYS S 58 39.22 36.54 15.50
CA LYS S 58 38.25 36.00 14.56
C LYS S 58 38.89 35.65 13.23
N ALA S 59 39.82 36.50 12.78
CA ALA S 59 40.47 36.30 11.49
C ALA S 59 41.39 35.09 11.50
N MET S 60 42.11 34.87 12.60
CA MET S 60 43.01 33.74 12.64
C MET S 60 42.24 32.42 12.64
N GLY S 61 41.01 32.43 13.15
CA GLY S 61 40.16 31.27 12.95
C GLY S 61 39.88 31.00 11.50
N ILE S 62 39.62 32.05 10.73
CA ILE S 62 39.42 31.89 9.30
C ILE S 62 40.66 31.35 8.63
N MET S 63 41.83 31.82 9.04
CA MET S 63 43.07 31.35 8.43
C MET S 63 43.36 29.90 8.79
N ASN S 64 43.11 29.52 10.05
CA ASN S 64 43.25 28.12 10.45
C ASN S 64 42.31 27.22 9.68
N SER S 65 41.08 27.69 9.44
CA SER S 65 40.16 26.92 8.63
C SER S 65 40.64 26.82 7.20
N PHE S 66 41.24 27.89 6.69
CA PHE S 66 41.81 27.89 5.35
C PHE S 66 42.89 26.83 5.21
N VAL S 67 43.79 26.73 6.21
CA VAL S 67 44.89 25.80 6.10
C VAL S 67 44.41 24.37 6.16
N ASN S 68 43.41 24.09 7.00
CA ASN S 68 42.91 22.73 7.13
C ASN S 68 42.19 22.26 5.87
N ASP S 69 41.57 23.19 5.14
CA ASP S 69 40.82 22.83 3.94
C ASP S 69 41.73 22.44 2.80
N ILE S 70 42.77 23.23 2.55
CA ILE S 70 43.67 22.97 1.43
C ILE S 70 44.45 21.68 1.66
N PHE S 71 44.90 21.46 2.88
CA PHE S 71 45.55 20.20 3.25
C PHE S 71 44.68 19.02 2.84
N GLU S 72 43.40 19.05 3.22
CA GLU S 72 42.51 17.93 2.94
C GLU S 72 42.35 17.72 1.45
N ARG S 73 42.17 18.79 0.69
CA ARG S 73 42.01 18.67 -0.76
C ARG S 73 43.23 18.05 -1.40
N ILE S 74 44.42 18.58 -1.10
CA ILE S 74 45.62 18.11 -1.74
C ILE S 74 45.88 16.65 -1.38
N ALA S 75 45.75 16.31 -0.10
CA ALA S 75 45.99 14.95 0.31
C ALA S 75 44.94 13.98 -0.25
N GLY S 76 43.70 14.44 -0.41
CA GLY S 76 42.70 13.62 -1.03
C GLY S 76 43.01 13.30 -2.48
N GLU S 77 43.40 14.31 -3.26
CA GLU S 77 43.81 14.02 -4.62
C GLU S 77 45.03 13.12 -4.67
N ALA S 78 45.99 13.34 -3.80
CA ALA S 78 47.19 12.50 -3.80
C ALA S 78 46.85 11.07 -3.44
N SER S 79 45.82 10.87 -2.62
CA SER S 79 45.40 9.52 -2.29
C SER S 79 44.87 8.78 -3.50
N ARG S 80 44.10 9.47 -4.35
CA ARG S 80 43.48 8.82 -5.49
C ARG S 80 44.48 8.50 -6.58
N LEU S 81 45.37 9.45 -6.90
CA LEU S 81 46.37 9.21 -7.93
C LEU S 81 47.19 7.96 -7.63
N ALA S 82 47.48 7.71 -6.36
CA ALA S 82 48.22 6.53 -6.00
C ALA S 82 47.36 5.28 -6.10
N HIS S 83 46.06 5.42 -5.87
CA HIS S 83 45.14 4.30 -6.03
C HIS S 83 44.89 4.00 -7.49
N TYR S 84 44.70 5.03 -8.31
CA TYR S 84 44.49 4.82 -9.73
C TYR S 84 45.65 4.08 -10.36
N ASN S 85 46.87 4.36 -9.93
CA ASN S 85 48.08 3.80 -10.50
C ASN S 85 48.65 2.65 -9.70
N LYS S 86 47.91 2.17 -8.71
CA LYS S 86 48.29 1.00 -7.93
C LYS S 86 49.61 1.20 -7.21
N ARG S 87 49.68 2.26 -6.42
CA ARG S 87 50.83 2.58 -5.62
C ARG S 87 50.42 2.65 -4.16
N SER S 88 51.33 2.23 -3.28
CA SER S 88 51.05 2.20 -1.86
C SER S 88 51.73 3.32 -1.10
N THR S 89 52.36 4.26 -1.79
CA THR S 89 53.17 5.30 -1.17
C THR S 89 52.82 6.65 -1.77
N ILE S 90 52.71 7.65 -0.91
CA ILE S 90 52.52 9.03 -1.33
C ILE S 90 53.85 9.75 -1.29
N THR S 91 54.25 10.34 -2.40
CA THR S 91 55.51 11.03 -2.54
C THR S 91 55.27 12.49 -2.92
N SER S 92 56.37 13.19 -3.21
CA SER S 92 56.29 14.58 -3.63
C SER S 92 55.70 14.74 -5.02
N ARG S 93 55.81 13.71 -5.84
CA ARG S 93 55.24 13.77 -7.18
C ARG S 93 53.72 13.80 -7.14
N GLU S 94 53.12 13.00 -6.25
CA GLU S 94 51.68 13.03 -6.08
C GLU S 94 51.20 14.40 -5.61
N ILE S 95 51.93 15.00 -4.66
CA ILE S 95 51.55 16.31 -4.16
C ILE S 95 51.67 17.34 -5.26
N GLN S 96 52.72 17.25 -6.07
CA GLN S 96 52.93 18.17 -7.17
C GLN S 96 51.78 18.10 -8.18
N THR S 97 51.41 16.89 -8.57
CA THR S 97 50.30 16.72 -9.49
C THR S 97 48.99 17.22 -8.91
N ALA S 98 48.73 16.94 -7.64
CA ALA S 98 47.54 17.46 -6.99
C ALA S 98 47.52 18.97 -6.97
N VAL S 99 48.67 19.59 -6.73
CA VAL S 99 48.77 21.05 -6.76
C VAL S 99 48.41 21.56 -8.15
N ARG S 100 48.94 20.92 -9.19
CA ARG S 100 48.62 21.35 -10.54
C ARG S 100 47.13 21.24 -10.82
N LEU S 101 46.50 20.16 -10.36
CA LEU S 101 45.08 19.97 -10.62
C LEU S 101 44.21 20.97 -9.87
N LEU S 102 44.47 21.15 -8.57
CA LEU S 102 43.62 22.03 -7.77
C LEU S 102 43.82 23.50 -8.14
N LEU S 103 45.03 24.00 -7.97
CA LEU S 103 45.24 25.44 -7.99
C LEU S 103 45.14 25.99 -9.41
N PRO S 104 44.62 27.21 -9.56
CA PRO S 104 44.52 27.79 -10.90
C PRO S 104 45.73 28.61 -11.30
N GLY S 105 46.18 28.37 -12.52
CA GLY S 105 47.11 29.24 -13.21
C GLY S 105 48.43 29.53 -12.55
N GLU S 106 48.74 30.82 -12.45
CA GLU S 106 50.04 31.28 -11.98
C GLU S 106 50.30 30.88 -10.54
N LEU S 107 49.24 30.69 -9.78
CA LEU S 107 49.35 30.33 -8.38
C LEU S 107 49.95 28.94 -8.22
N ALA S 108 49.53 28.00 -9.07
CA ALA S 108 50.12 26.66 -9.11
C ALA S 108 51.58 26.71 -9.50
N LYS S 109 51.92 27.53 -10.48
CA LYS S 109 53.30 27.70 -10.92
C LYS S 109 54.20 28.09 -9.75
N HIS S 110 53.81 29.11 -9.01
CA HIS S 110 54.63 29.58 -7.90
C HIS S 110 54.67 28.57 -6.77
N ALA S 111 53.55 27.90 -6.50
CA ALA S 111 53.54 26.88 -5.45
C ALA S 111 54.48 25.74 -5.78
N VAL S 112 54.49 25.30 -7.04
CA VAL S 112 55.40 24.26 -7.47
C VAL S 112 56.84 24.70 -7.29
N SER S 113 57.16 25.93 -7.69
CA SER S 113 58.52 26.43 -7.50
C SER S 113 58.93 26.36 -6.04
N GLU S 114 58.07 26.85 -5.14
CA GLU S 114 58.41 26.88 -3.73
C GLU S 114 58.62 25.48 -3.17
N GLY S 115 57.71 24.55 -3.46
CA GLY S 115 57.86 23.21 -2.94
C GLY S 115 59.11 22.52 -3.45
N THR S 116 59.40 22.67 -4.74
CA THR S 116 60.62 22.11 -5.31
C THR S 116 61.87 22.67 -4.62
N LYS S 117 61.93 23.97 -4.37
CA LYS S 117 63.08 24.52 -3.66
C LYS S 117 63.20 23.95 -2.26
N ALA S 118 62.09 23.85 -1.55
CA ALA S 118 62.12 23.31 -0.20
C ALA S 118 62.72 21.91 -0.18
N VAL S 119 62.22 21.02 -1.05
CA VAL S 119 62.74 19.67 -1.08
C VAL S 119 64.21 19.69 -1.48
N THR S 120 64.57 20.51 -2.46
CA THR S 120 65.95 20.56 -2.92
C THR S 120 66.91 20.88 -1.79
N LYS S 121 66.60 21.91 -0.98
CA LYS S 121 67.55 22.26 0.06
C LYS S 121 67.36 21.44 1.33
N TYR S 122 66.27 20.69 1.43
CA TYR S 122 66.18 19.71 2.50
C TYR S 122 67.10 18.54 2.24
N THR S 123 67.14 18.07 1.00
CA THR S 123 67.97 16.91 0.67
C THR S 123 69.45 17.23 0.77
N SER S 124 69.84 18.47 0.51
CA SER S 124 71.26 18.80 0.39
C SER S 124 71.94 19.02 1.73
N SER S 125 71.18 19.02 2.81
CA SER S 125 71.73 19.16 4.15
C SER S 125 72.27 17.84 4.71
N MET V 1 2.55 2.07 18.03
CA MET V 1 2.27 3.28 18.87
C MET V 1 2.87 4.52 18.23
N ASP V 2 2.59 5.68 18.83
CA ASP V 2 3.10 6.94 18.31
C ASP V 2 4.62 6.95 18.35
N GLU V 3 5.22 7.58 17.34
CA GLU V 3 6.67 7.60 17.23
C GLU V 3 7.31 8.40 18.37
N THR V 4 6.51 9.19 19.08
CA THR V 4 7.07 10.02 20.15
C THR V 4 7.13 9.28 21.48
N VAL V 5 6.37 8.19 21.63
CA VAL V 5 6.44 7.41 22.86
C VAL V 5 7.46 6.28 22.73
N ALA V 6 7.65 5.77 21.52
CA ALA V 6 8.68 4.76 21.30
C ALA V 6 10.05 5.31 21.67
N GLU V 7 10.36 6.52 21.20
CA GLU V 7 11.65 7.13 21.54
C GLU V 7 11.76 7.36 23.03
N PHE V 8 10.67 7.80 23.65
CA PHE V 8 10.69 8.03 25.09
C PHE V 8 11.03 6.75 25.85
N ILE V 9 10.38 5.65 25.50
CA ILE V 9 10.62 4.39 26.20
C ILE V 9 12.03 3.89 25.92
N LYS V 10 12.49 4.01 24.67
CA LYS V 10 13.84 3.58 24.35
C LYS V 10 14.88 4.35 25.15
N ARG V 11 14.74 5.68 25.17
CA ARG V 11 15.69 6.50 25.92
C ARG V 11 15.64 6.18 27.40
N THR V 12 14.45 5.93 27.93
CA THR V 12 14.32 5.59 29.35
C THR V 12 15.01 4.27 29.65
N ILE V 13 14.85 3.28 28.78
CA ILE V 13 15.40 1.96 29.06
C ILE V 13 16.92 1.96 28.88
N LEU V 14 17.45 2.74 27.94
CA LEU V 14 18.89 2.77 27.74
C LEU V 14 19.63 3.36 28.93
N LYS V 15 18.92 4.02 29.85
CA LYS V 15 19.53 4.60 31.03
C LYS V 15 19.71 3.61 32.17
N ILE V 16 19.18 2.40 32.04
CA ILE V 16 19.07 1.47 33.15
C ILE V 16 20.24 0.49 33.08
N PRO V 17 21.00 0.32 34.16
CA PRO V 17 22.09 -0.67 34.13
C PRO V 17 21.57 -2.06 33.85
N MET V 18 22.38 -2.84 33.12
CA MET V 18 22.04 -4.23 32.86
C MET V 18 21.97 -5.04 34.15
N ASN V 19 22.60 -4.57 35.23
CA ASN V 19 22.58 -5.28 36.50
C ASN V 19 21.20 -5.29 37.13
N GLU V 20 20.31 -4.39 36.73
CA GLU V 20 18.99 -4.29 37.34
C GLU V 20 17.86 -4.03 36.36
N LEU V 21 18.05 -4.29 35.07
CA LEU V 21 16.99 -4.05 34.10
C LEU V 21 15.79 -4.96 34.35
N THR V 22 16.05 -6.23 34.65
CA THR V 22 14.96 -7.19 34.82
C THR V 22 14.07 -6.84 36.00
N THR V 23 14.65 -6.36 37.10
CA THR V 23 13.84 -5.97 38.25
C THR V 23 12.88 -4.84 37.89
N ILE V 24 13.39 -3.81 37.21
CA ILE V 24 12.55 -2.70 36.79
C ILE V 24 11.45 -3.19 35.88
N LEU V 25 11.80 -4.04 34.91
CA LEU V 25 10.80 -4.54 33.98
C LEU V 25 9.71 -5.32 34.71
N LYS V 26 10.11 -6.15 35.68
CA LYS V 26 9.14 -6.92 36.43
C LYS V 26 8.21 -6.02 37.22
N ALA V 27 8.75 -4.97 37.85
CA ALA V 27 7.88 -4.05 38.57
C ALA V 27 6.91 -3.34 37.62
N TRP V 28 7.39 -2.97 36.43
CA TRP V 28 6.53 -2.30 35.45
C TRP V 28 5.38 -3.21 35.04
N ASP V 29 5.67 -4.48 34.77
CA ASP V 29 4.68 -5.53 34.56
C ASP V 29 3.88 -5.35 33.27
N PHE V 30 4.20 -4.35 32.45
CA PHE V 30 3.51 -4.19 31.17
C PHE V 30 3.76 -5.38 30.28
N LEU V 31 4.99 -5.89 30.27
CA LEU V 31 5.32 -7.10 29.53
C LEU V 31 5.21 -8.32 30.43
N SER V 32 4.65 -9.39 29.88
CA SER V 32 4.45 -10.61 30.65
C SER V 32 5.79 -11.32 30.87
N GLU V 33 5.83 -12.14 31.92
CA GLU V 33 7.05 -12.86 32.25
C GLU V 33 7.49 -13.79 31.12
N ASN V 34 6.53 -14.34 30.37
CA ASN V 34 6.88 -15.17 29.24
C ASN V 34 7.66 -14.38 28.19
N GLN V 35 7.18 -13.17 27.88
CA GLN V 35 7.87 -12.32 26.93
C GLN V 35 9.27 -11.98 27.43
N LEU V 36 9.41 -11.72 28.73
CA LEU V 36 10.73 -11.48 29.31
C LEU V 36 11.64 -12.69 29.11
N GLN V 37 11.12 -13.89 29.38
CA GLN V 37 11.91 -15.10 29.18
C GLN V 37 12.30 -15.26 27.71
N THR V 38 11.49 -14.74 26.80
CA THR V 38 11.81 -14.84 25.38
C THR V 38 13.07 -14.05 25.03
N VAL V 39 13.44 -13.07 25.86
CA VAL V 39 14.46 -12.11 25.47
C VAL V 39 15.84 -12.59 25.93
N ASN V 40 16.87 -12.16 25.22
CA ASN V 40 18.26 -12.43 25.59
C ASN V 40 18.85 -11.16 26.18
N PHE V 41 19.38 -11.27 27.40
CA PHE V 41 19.90 -10.12 28.13
C PHE V 41 21.42 -10.09 28.15
N ARG V 42 22.08 -10.81 27.25
CA ARG V 42 23.53 -10.85 27.19
C ARG V 42 24.12 -10.11 25.99
N GLN V 43 23.38 -10.05 24.88
CA GLN V 43 23.86 -9.27 23.75
C GLN V 43 23.81 -7.79 24.10
N ARG V 44 24.48 -6.99 23.27
CA ARG V 44 24.65 -5.57 23.56
C ARG V 44 23.29 -4.90 23.77
N LYS V 45 23.33 -3.72 24.39
CA LYS V 45 22.11 -3.09 24.88
C LYS V 45 21.18 -2.67 23.75
N GLU V 46 21.74 -2.21 22.64
CA GLU V 46 20.91 -1.69 21.56
C GLU V 46 19.95 -2.77 21.03
N SER V 47 20.46 -3.98 20.85
CA SER V 47 19.61 -5.07 20.36
C SER V 47 18.56 -5.48 21.39
N VAL V 48 18.93 -5.48 22.67
CA VAL V 48 17.98 -5.80 23.73
C VAL V 48 16.83 -4.82 23.71
N VAL V 49 17.14 -3.52 23.63
CA VAL V 49 16.06 -2.54 23.64
C VAL V 49 15.29 -2.59 22.34
N GLN V 50 15.92 -2.93 21.22
CA GLN V 50 15.18 -3.14 19.99
C GLN V 50 14.13 -4.23 20.17
N HIS V 51 14.52 -5.34 20.78
CA HIS V 51 13.58 -6.44 21.01
C HIS V 51 12.45 -6.02 21.93
N LEU V 52 12.79 -5.35 23.05
CA LEU V 52 11.75 -4.95 23.99
C LEU V 52 10.81 -3.93 23.36
N ILE V 53 11.33 -3.06 22.50
CA ILE V 53 10.48 -2.09 21.82
C ILE V 53 9.56 -2.78 20.83
N HIS V 54 10.06 -3.83 20.16
CA HIS V 54 9.18 -4.61 19.30
C HIS V 54 8.07 -5.26 20.10
N LEU V 55 8.40 -5.79 21.28
CA LEU V 55 7.37 -6.35 22.15
C LEU V 55 6.33 -5.30 22.52
N CYS V 56 6.77 -4.10 22.88
CA CYS V 56 5.83 -3.04 23.20
C CYS V 56 4.96 -2.69 22.00
N GLU V 57 5.54 -2.70 20.80
CA GLU V 57 4.78 -2.45 19.58
C GLU V 57 3.71 -3.50 19.35
N GLU V 58 4.02 -4.78 19.60
CA GLU V 58 2.99 -5.81 19.47
C GLU V 58 1.78 -5.48 20.36
N LYS V 59 2.04 -5.06 21.59
CA LYS V 59 0.99 -4.54 22.45
C LYS V 59 0.70 -3.10 22.03
N ARG V 60 -0.07 -2.39 22.85
CA ARG V 60 -0.43 -0.99 22.57
C ARG V 60 -0.09 -0.16 23.80
N ALA V 61 1.10 0.44 23.78
CA ALA V 61 1.58 1.18 24.93
C ALA V 61 1.24 2.66 24.79
N SER V 62 0.79 3.26 25.88
CA SER V 62 0.40 4.66 25.91
C SER V 62 1.33 5.44 26.81
N ILE V 63 1.26 6.77 26.69
CA ILE V 63 2.16 7.64 27.44
C ILE V 63 1.99 7.41 28.94
N SER V 64 0.87 6.82 29.36
CA SER V 64 0.70 6.50 30.77
C SER V 64 1.64 5.39 31.21
N ASP V 65 1.81 4.37 30.37
CA ASP V 65 2.70 3.27 30.71
C ASP V 65 4.14 3.75 30.81
N ALA V 66 4.56 4.59 29.86
CA ALA V 66 5.91 5.12 29.91
C ALA V 66 6.12 6.02 31.11
N ALA V 67 5.11 6.81 31.49
CA ALA V 67 5.19 7.60 32.70
C ALA V 67 5.33 6.72 33.93
N LEU V 68 4.61 5.60 33.96
CA LEU V 68 4.76 4.66 35.07
C LEU V 68 6.18 4.12 35.13
N LEU V 69 6.74 3.78 33.96
CA LEU V 69 8.11 3.30 33.91
C LEU V 69 9.08 4.34 34.44
N ASP V 70 8.90 5.60 34.03
CA ASP V 70 9.78 6.66 34.50
C ASP V 70 9.67 6.85 36.00
N ILE V 71 8.44 6.78 36.55
CA ILE V 71 8.28 6.88 37.99
C ILE V 71 9.05 5.77 38.68
N ILE V 72 8.90 4.54 38.19
CA ILE V 72 9.58 3.41 38.81
C ILE V 72 11.08 3.60 38.76
N TYR V 73 11.59 4.09 37.63
CA TYR V 73 13.02 4.34 37.50
C TYR V 73 13.52 5.29 38.58
N MET V 74 12.77 6.36 38.86
CA MET V 74 13.26 7.34 39.82
C MET V 74 13.14 6.84 41.26
N GLN V 75 12.27 5.86 41.52
CA GLN V 75 12.21 5.29 42.85
C GLN V 75 13.53 4.65 43.23
N PHE V 76 14.26 4.14 42.24
CA PHE V 76 15.52 3.46 42.50
C PHE V 76 16.69 4.43 42.46
N HIS V 77 16.62 5.44 41.58
CA HIS V 77 17.70 6.38 41.33
C HIS V 77 17.42 7.75 41.95
N GLN V 78 16.87 7.77 43.16
CA GLN V 78 16.49 9.03 43.80
C GLN V 78 17.62 10.05 43.77
N HIS V 79 18.86 9.60 43.99
CA HIS V 79 19.97 10.51 44.16
C HIS V 79 20.26 11.35 42.91
N GLN V 80 19.73 10.98 41.75
CA GLN V 80 19.98 11.77 40.54
C GLN V 80 19.50 13.21 40.69
N LYS V 81 18.54 13.44 41.56
CA LYS V 81 17.85 14.73 41.66
C LYS V 81 18.09 15.37 43.02
N VAL V 82 17.92 16.68 43.07
CA VAL V 82 17.95 17.43 44.32
C VAL V 82 16.53 17.57 44.84
N TRP V 83 16.34 17.31 46.13
CA TRP V 83 15.01 17.22 46.72
C TRP V 83 14.82 18.35 47.73
N ASP V 84 13.65 18.96 47.67
CA ASP V 84 13.28 20.08 48.52
C ASP V 84 12.01 19.74 49.30
N VAL V 85 11.85 20.36 50.46
CA VAL V 85 10.78 20.03 51.39
C VAL V 85 9.75 21.16 51.40
N PHE V 86 8.49 20.80 51.57
CA PHE V 86 7.40 21.75 51.74
C PHE V 86 6.54 21.33 52.92
N GLN V 87 5.96 22.30 53.61
CA GLN V 87 5.15 22.06 54.80
C GLN V 87 3.79 22.69 54.61
N MET V 88 2.75 22.00 55.09
CA MET V 88 1.37 22.44 54.95
C MET V 88 0.73 22.57 56.33
N SER V 89 -0.15 23.56 56.48
CA SER V 89 -0.66 23.90 57.80
C SER V 89 -2.14 24.29 57.68
N LYS V 90 -2.70 24.73 58.82
CA LYS V 90 -4.07 25.25 58.88
C LYS V 90 -5.08 24.20 58.42
N GLY V 91 -4.94 22.99 58.91
CA GLY V 91 -5.86 21.91 58.58
C GLY V 91 -6.04 20.90 59.68
N PHE V 99 -9.77 14.11 53.58
CA PHE V 99 -10.15 13.53 52.30
C PHE V 99 -9.39 12.23 52.06
N ASP V 100 -10.03 11.30 51.35
CA ASP V 100 -9.39 10.05 51.01
C ASP V 100 -8.47 10.23 49.80
N MET V 101 -7.73 9.17 49.48
CA MET V 101 -6.70 9.26 48.45
C MET V 101 -7.31 9.54 47.08
N LYS V 102 -8.43 8.89 46.76
CA LYS V 102 -9.03 9.08 45.44
C LYS V 102 -9.48 10.52 45.22
N GLN V 103 -10.10 11.12 46.24
CA GLN V 103 -10.50 12.52 46.14
C GLN V 103 -9.30 13.42 45.91
N PHE V 104 -8.21 13.18 46.66
CA PHE V 104 -6.99 13.94 46.47
C PHE V 104 -6.50 13.84 45.03
N LYS V 105 -6.45 12.60 44.51
CA LYS V 105 -5.99 12.39 43.15
C LYS V 105 -6.83 13.20 42.17
N ASN V 106 -8.14 13.07 42.25
CA ASN V 106 -9.01 13.74 41.29
C ASN V 106 -8.91 15.26 41.41
N SER V 107 -8.86 15.78 42.64
CA SER V 107 -8.79 17.22 42.83
C SER V 107 -7.48 17.78 42.29
N PHE V 108 -6.36 17.14 42.62
CA PHE V 108 -5.06 17.56 42.10
C PHE V 108 -5.06 17.58 40.58
N LYS V 109 -5.49 16.47 39.97
CA LYS V 109 -5.49 16.38 38.52
C LYS V 109 -6.38 17.45 37.90
N LYS V 110 -7.57 17.66 38.48
CA LYS V 110 -8.51 18.61 37.89
C LYS V 110 -8.03 20.03 38.04
N ILE V 111 -7.41 20.35 39.18
CA ILE V 111 -6.83 21.67 39.36
C ILE V 111 -5.82 21.95 38.27
N LEU V 112 -4.88 21.02 38.06
CA LEU V 112 -3.85 21.26 37.06
C LEU V 112 -4.44 21.33 35.66
N GLN V 113 -5.40 20.46 35.35
CA GLN V 113 -6.00 20.46 34.03
C GLN V 113 -6.80 21.74 33.78
N ARG V 114 -7.38 22.32 34.83
CA ARG V 114 -8.10 23.58 34.67
C ARG V 114 -7.13 24.73 34.44
N ALA V 115 -6.06 24.79 35.22
CA ALA V 115 -5.08 25.86 35.03
C ALA V 115 -4.39 25.76 33.68
N LEU V 116 -4.06 24.55 33.24
CA LEU V 116 -3.31 24.32 32.02
C LEU V 116 -4.03 23.29 31.17
N LYS V 117 -4.15 23.58 29.87
CA LYS V 117 -4.93 22.72 28.99
C LYS V 117 -4.23 21.38 28.76
N ASN V 118 -2.92 21.41 28.55
CA ASN V 118 -2.15 20.22 28.18
C ASN V 118 -1.23 19.85 29.33
N VAL V 119 -1.46 18.67 29.92
CA VAL V 119 -0.62 18.16 31.00
C VAL V 119 -0.65 16.65 30.98
N THR V 120 0.18 16.05 31.82
CA THR V 120 0.23 14.61 32.03
C THR V 120 0.55 14.34 33.49
N VAL V 121 -0.33 13.62 34.17
CA VAL V 121 -0.20 13.34 35.59
C VAL V 121 -0.29 11.85 35.81
N SER V 122 0.41 11.36 36.83
CA SER V 122 0.46 9.94 37.14
C SER V 122 0.76 9.76 38.60
N PHE V 123 0.28 8.66 39.16
CA PHE V 123 0.47 8.34 40.57
C PHE V 123 0.96 6.91 40.70
N ARG V 124 1.62 6.62 41.82
CA ARG V 124 1.95 5.26 42.21
C ARG V 124 2.07 5.21 43.72
N GLU V 125 1.54 4.16 44.32
CA GLU V 125 1.53 4.05 45.77
C GLU V 125 2.84 3.42 46.27
N THR V 126 3.06 3.56 47.57
CA THR V 126 4.27 3.05 48.21
C THR V 126 3.99 2.90 49.69
N GLU V 127 4.84 2.14 50.37
CA GLU V 127 4.64 1.87 51.78
C GLU V 127 4.58 3.16 52.57
N GLU V 128 4.13 3.04 53.82
CA GLU V 128 3.99 4.19 54.71
C GLU V 128 2.99 5.20 54.16
N ASN V 129 1.98 4.70 53.45
CA ASN V 129 0.90 5.53 52.92
C ASN V 129 1.42 6.63 52.00
N ALA V 130 2.49 6.32 51.26
CA ALA V 130 3.08 7.31 50.37
C ALA V 130 2.46 7.23 48.98
N VAL V 131 2.54 8.35 48.26
CA VAL V 131 2.14 8.42 46.86
C VAL V 131 3.21 9.18 46.09
N TRP V 132 3.66 8.61 44.99
CA TRP V 132 4.62 9.25 44.11
C TRP V 132 3.89 9.86 42.93
N ILE V 133 4.21 11.10 42.60
CA ILE V 133 3.54 11.83 41.53
C ILE V 133 4.57 12.26 40.50
N ARG V 134 4.20 12.16 39.23
CA ARG V 134 4.97 12.67 38.11
C ARG V 134 4.10 13.62 37.30
N ILE V 135 4.60 14.81 37.05
CA ILE V 135 3.88 15.82 36.27
C ILE V 135 4.78 16.26 35.13
N ALA V 136 4.21 16.30 33.93
CA ALA V 136 4.87 16.86 32.76
C ALA V 136 4.09 18.09 32.33
N TRP V 137 4.76 19.24 32.33
CA TRP V 137 4.12 20.53 32.22
C TRP V 137 3.91 20.90 30.76
N GLY V 138 2.76 21.50 30.47
CA GLY V 138 2.46 22.02 29.16
C GLY V 138 1.97 23.45 29.24
N THR V 139 1.26 23.90 28.22
CA THR V 139 0.72 25.26 28.18
C THR V 139 -0.67 25.21 27.58
N GLN V 140 -1.24 26.39 27.33
CA GLN V 140 -2.54 26.48 26.69
C GLN V 140 -2.43 26.34 25.18
N TYR V 141 -1.21 26.28 24.65
CA TYR V 141 -0.99 26.18 23.21
C TYR V 141 -0.15 24.98 22.80
N THR V 142 0.67 24.45 23.71
CA THR V 142 1.72 23.51 23.35
C THR V 142 1.62 22.22 24.15
N LYS V 143 2.25 21.17 23.62
CA LYS V 143 2.21 19.87 24.25
C LYS V 143 3.19 19.83 25.43
N PRO V 144 3.03 18.86 26.33
CA PRO V 144 3.93 18.77 27.47
C PRO V 144 5.30 18.25 27.08
N ASN V 145 6.28 18.52 27.93
CA ASN V 145 7.63 18.01 27.75
C ASN V 145 7.82 16.81 28.68
N GLN V 146 8.07 15.65 28.09
CA GLN V 146 8.19 14.43 28.87
C GLN V 146 9.56 14.27 29.50
N TYR V 147 10.55 15.04 29.05
CA TYR V 147 11.93 14.87 29.49
C TYR V 147 12.36 15.89 30.53
N LYS V 148 11.47 16.80 30.92
CA LYS V 148 11.69 17.73 32.03
C LYS V 148 10.48 17.71 32.95
N PRO V 149 10.26 16.62 33.69
CA PRO V 149 9.09 16.53 34.54
C PRO V 149 9.34 17.09 35.93
N THR V 150 8.33 16.93 36.78
CA THR V 150 8.39 17.29 38.18
C THR V 150 7.85 16.12 39.00
N TYR V 151 8.63 15.69 39.98
CA TYR V 151 8.27 14.56 40.82
C TYR V 151 7.97 15.03 42.24
N VAL V 152 6.91 14.49 42.82
CA VAL V 152 6.48 14.86 44.16
C VAL V 152 6.24 13.59 44.97
N VAL V 153 6.68 13.60 46.22
CA VAL V 153 6.44 12.54 47.18
C VAL V 153 5.63 13.11 48.33
N TYR V 154 4.40 12.62 48.48
CA TYR V 154 3.49 13.10 49.51
C TYR V 154 3.02 11.94 50.36
N TYR V 155 3.08 12.11 51.68
CA TYR V 155 2.64 11.12 52.65
C TYR V 155 1.32 11.60 53.25
N SER V 156 0.25 10.85 52.99
CA SER V 156 -1.09 11.33 53.29
C SER V 156 -1.28 11.59 54.78
N GLN V 157 -0.77 10.70 55.63
CA GLN V 157 -0.92 10.82 57.06
C GLN V 157 -0.03 11.90 57.67
N THR V 158 0.62 12.71 56.84
CA THR V 158 1.48 13.78 57.29
C THR V 158 1.20 15.01 56.45
N PRO V 159 1.56 16.20 56.95
CA PRO V 159 1.41 17.41 56.15
C PRO V 159 2.61 17.74 55.27
N TYR V 160 3.58 16.83 55.17
CA TYR V 160 4.85 17.07 54.51
C TYR V 160 4.77 16.63 53.06
N ALA V 161 5.49 17.33 52.19
CA ALA V 161 5.58 17.00 50.77
C ALA V 161 6.97 17.35 50.29
N PHE V 162 7.59 16.42 49.55
CA PHE V 162 8.95 16.58 49.06
C PHE V 162 8.90 16.73 47.54
N THR V 163 9.74 17.61 47.01
CA THR V 163 9.69 18.00 45.61
C THR V 163 11.07 17.94 45.00
N SER V 164 11.13 17.66 43.71
CA SER V 164 12.40 17.62 43.00
C SER V 164 12.63 18.94 42.27
N SER V 165 13.90 19.31 42.13
CA SER V 165 14.26 20.56 41.47
C SER V 165 14.28 20.39 39.96
N SER V 166 13.28 20.94 39.29
CA SER V 166 13.23 20.89 37.84
C SER V 166 14.05 22.03 37.24
N MET V 167 14.53 21.83 36.02
CA MET V 167 15.10 22.91 35.22
C MET V 167 14.01 23.65 34.46
N LEU V 168 12.91 23.95 35.15
CA LEU V 168 11.75 24.56 34.52
C LEU V 168 10.86 25.12 35.61
N ARG V 169 10.88 26.43 35.79
CA ARG V 169 10.09 27.10 36.83
C ARG V 169 8.77 27.56 36.24
N ARG V 170 8.09 28.48 36.93
CA ARG V 170 6.87 29.09 36.43
C ARG V 170 5.63 28.26 36.71
N ASN V 171 5.79 27.15 37.41
CA ASN V 171 4.68 26.28 37.77
C ASN V 171 4.71 25.86 39.23
N THR V 172 5.71 26.29 39.99
CA THR V 172 5.80 25.90 41.40
C THR V 172 4.63 26.40 42.23
N PRO V 173 4.23 27.68 42.18
CA PRO V 173 3.08 28.10 42.97
C PRO V 173 1.81 27.36 42.64
N LEU V 174 1.56 27.06 41.37
CA LEU V 174 0.39 26.27 41.00
C LEU V 174 0.46 24.88 41.63
N LEU V 175 1.64 24.27 41.62
CA LEU V 175 1.80 22.96 42.24
C LEU V 175 1.50 23.02 43.72
N GLY V 176 2.03 24.03 44.41
CA GLY V 176 1.78 24.17 45.84
C GLY V 176 0.32 24.39 46.14
N GLN V 177 -0.34 25.23 45.33
CA GLN V 177 -1.77 25.48 45.51
C GLN V 177 -2.57 24.20 45.31
N ALA V 178 -2.25 23.43 44.28
CA ALA V 178 -2.96 22.17 44.05
C ALA V 178 -2.77 21.20 45.20
N LEU V 179 -1.54 21.10 45.72
CA LEU V 179 -1.31 20.25 46.87
C LEU V 179 -2.14 20.71 48.06
N THR V 180 -2.18 22.03 48.28
CA THR V 180 -2.84 22.55 49.47
C THR V 180 -4.36 22.37 49.37
N ILE V 181 -4.92 22.52 48.16
CA ILE V 181 -6.37 22.43 48.00
C ILE V 181 -6.84 20.99 47.94
N ALA V 182 -6.18 20.14 47.14
CA ALA V 182 -6.64 18.77 47.01
C ALA V 182 -6.64 18.05 48.36
N SER V 183 -5.72 18.43 49.24
CA SER V 183 -5.67 17.84 50.57
C SER V 183 -6.48 18.69 51.56
N LYS V 184 -6.50 18.25 52.81
CA LYS V 184 -7.23 18.93 53.88
C LYS V 184 -6.41 20.05 54.51
N HIS V 185 -5.95 21.01 53.71
CA HIS V 185 -5.15 22.12 54.19
C HIS V 185 -5.47 23.36 53.37
N HIS V 186 -4.95 24.51 53.80
CA HIS V 186 -5.24 25.77 53.12
C HIS V 186 -4.02 26.67 52.93
N GLN V 187 -2.86 26.31 53.48
CA GLN V 187 -1.62 27.04 53.27
C GLN V 187 -0.42 26.08 53.21
N ILE V 188 0.69 26.61 52.70
CA ILE V 188 1.90 25.83 52.46
C ILE V 188 3.09 26.76 52.52
N VAL V 189 4.23 26.21 52.98
CA VAL V 189 5.47 26.97 53.09
C VAL V 189 6.64 26.05 52.74
N LYS V 190 7.81 26.65 52.56
CA LYS V 190 9.03 25.92 52.26
C LYS V 190 9.89 25.82 53.52
N MET V 191 10.43 24.62 53.77
CA MET V 191 11.26 24.39 54.93
C MET V 191 12.71 24.77 54.62
N ASP V 192 13.51 24.87 55.68
CA ASP V 192 14.92 25.24 55.58
C ASP V 192 15.83 24.07 55.23
N LEU V 193 15.30 23.01 54.64
CA LEU V 193 16.06 21.79 54.37
C LEU V 193 16.08 21.52 52.88
N ARG V 194 17.25 21.16 52.36
CA ARG V 194 17.41 20.76 50.97
C ARG V 194 18.68 19.94 50.83
N SER V 195 18.60 18.85 50.08
CA SER V 195 19.78 18.06 49.79
C SER V 195 19.43 17.02 48.72
N ARG V 196 20.47 16.31 48.28
CA ARG V 196 20.32 15.30 47.24
C ARG V 196 19.81 13.98 47.78
N TYR V 197 19.81 13.79 49.09
CA TYR V 197 19.50 12.49 49.71
C TYR V 197 18.11 12.59 50.32
N LEU V 198 17.14 11.98 49.64
CA LEU V 198 15.75 12.10 50.06
C LEU V 198 15.53 11.42 51.41
N ASP V 199 16.15 10.27 51.64
CA ASP V 199 15.91 9.53 52.88
C ASP V 199 16.39 10.31 54.09
N SER V 200 17.49 11.06 53.94
CA SER V 200 18.00 11.85 55.06
C SER V 200 17.02 12.96 55.45
N LEU V 201 16.49 13.67 54.46
CA LEU V 201 15.43 14.65 54.73
C LEU V 201 14.24 13.98 55.38
N LYS V 202 13.86 12.81 54.86
CA LYS V 202 12.70 12.08 55.36
C LYS V 202 12.84 11.78 56.84
N ALA V 203 14.01 11.26 57.24
CA ALA V 203 14.22 10.83 58.60
C ALA V 203 14.08 12.00 59.57
N ILE V 204 14.78 13.11 59.29
CA ILE V 204 14.72 14.26 60.18
C ILE V 204 13.33 14.87 60.18
N VAL V 205 12.66 14.86 59.03
CA VAL V 205 11.34 15.48 58.95
C VAL V 205 10.35 14.72 59.81
N PHE V 206 10.37 13.38 59.75
CA PHE V 206 9.44 12.63 60.60
C PHE V 206 9.91 12.57 62.04
N LYS V 207 11.20 12.77 62.29
CA LYS V 207 11.66 12.93 63.67
C LYS V 207 11.08 14.19 64.28
N GLN V 208 11.06 15.28 63.52
CA GLN V 208 10.39 16.50 63.97
C GLN V 208 8.88 16.29 64.07
N TYR V 209 8.30 15.57 63.11
CA TYR V 209 6.86 15.35 63.10
C TYR V 209 6.41 14.56 64.33
N ASN V 210 7.10 13.46 64.62
CA ASN V 210 6.72 12.62 65.75
C ASN V 210 7.13 13.24 67.07
N GLN V 211 8.29 13.88 67.11
CA GLN V 211 8.82 14.53 68.32
C GLN V 211 8.92 16.02 68.04
N THR V 212 7.85 16.75 68.33
CA THR V 212 7.80 18.19 68.10
C THR V 212 8.37 18.94 69.30
#